data_5MWB
# 
_entry.id   5MWB 
# 
_audit_conform.dict_name       mmcif_pdbx.dic 
_audit_conform.dict_version    5.397 
_audit_conform.dict_location   http://mmcif.pdb.org/dictionaries/ascii/mmcif_pdbx.dic 
# 
loop_
_database_2.database_id 
_database_2.database_code 
_database_2.pdbx_database_accession 
_database_2.pdbx_DOI 
PDB   5MWB         pdb_00005mwb 10.2210/pdb5mwb/pdb 
WWPDB D_1200003114 ?            ?                   
# 
loop_
_pdbx_audit_revision_history.ordinal 
_pdbx_audit_revision_history.data_content_type 
_pdbx_audit_revision_history.major_revision 
_pdbx_audit_revision_history.minor_revision 
_pdbx_audit_revision_history.revision_date 
1 'Structure model' 1 0 2017-06-14 
2 'Structure model' 1 1 2017-08-09 
3 'Structure model' 1 2 2017-09-13 
4 'Structure model' 2 0 2020-07-29 
5 'Structure model' 2 1 2024-01-17 
6 'Structure model' 2 2 2024-10-16 
# 
loop_
_pdbx_audit_revision_details.ordinal 
_pdbx_audit_revision_details.revision_ordinal 
_pdbx_audit_revision_details.data_content_type 
_pdbx_audit_revision_details.provider 
_pdbx_audit_revision_details.type 
_pdbx_audit_revision_details.description 
_pdbx_audit_revision_details.details 
1 1 'Structure model' repository 'Initial release' ?                          ? 
2 4 'Structure model' repository Remediation       'Carbohydrate remediation' ? 
# 
loop_
_pdbx_audit_revision_group.ordinal 
_pdbx_audit_revision_group.revision_ordinal 
_pdbx_audit_revision_group.data_content_type 
_pdbx_audit_revision_group.group 
1  2 'Structure model' 'Database references'        
2  3 'Structure model' 'Author supporting evidence' 
3  4 'Structure model' Advisory                     
4  4 'Structure model' 'Atomic model'               
5  4 'Structure model' 'Data collection'            
6  4 'Structure model' 'Derived calculations'       
7  4 'Structure model' 'Structure summary'          
8  5 'Structure model' 'Data collection'            
9  5 'Structure model' 'Database references'        
10 5 'Structure model' 'Derived calculations'       
11 5 'Structure model' 'Refinement description'     
12 5 'Structure model' 'Structure summary'          
13 6 'Structure model' 'Structure summary'          
# 
loop_
_pdbx_audit_revision_category.ordinal 
_pdbx_audit_revision_category.revision_ordinal 
_pdbx_audit_revision_category.data_content_type 
_pdbx_audit_revision_category.category 
1  2 'Structure model' citation                      
2  3 'Structure model' pdbx_audit_support            
3  4 'Structure model' atom_site                     
4  4 'Structure model' chem_comp                     
5  4 'Structure model' entity                        
6  4 'Structure model' pdbx_branch_scheme            
7  4 'Structure model' pdbx_chem_comp_identifier     
8  4 'Structure model' pdbx_entity_branch            
9  4 'Structure model' pdbx_entity_branch_descriptor 
10 4 'Structure model' pdbx_entity_branch_link       
11 4 'Structure model' pdbx_entity_branch_list       
12 4 'Structure model' pdbx_entity_nonpoly           
13 4 'Structure model' pdbx_nonpoly_scheme           
14 4 'Structure model' pdbx_struct_assembly_gen      
15 4 'Structure model' pdbx_struct_conn_angle        
16 4 'Structure model' pdbx_validate_close_contact   
17 4 'Structure model' struct_asym                   
18 4 'Structure model' struct_conn                   
19 4 'Structure model' struct_conn_type              
20 4 'Structure model' struct_site                   
21 4 'Structure model' struct_site_gen               
22 5 'Structure model' chem_comp                     
23 5 'Structure model' chem_comp_atom                
24 5 'Structure model' chem_comp_bond                
25 5 'Structure model' database_2                    
26 5 'Structure model' pdbx_initial_refinement_model 
27 5 'Structure model' struct_conn                   
28 6 'Structure model' pdbx_entry_details            
29 6 'Structure model' pdbx_modification_feature     
# 
loop_
_pdbx_audit_revision_item.ordinal 
_pdbx_audit_revision_item.revision_ordinal 
_pdbx_audit_revision_item.data_content_type 
_pdbx_audit_revision_item.item 
1  2 'Structure model' '_citation.journal_volume'                    
2  2 'Structure model' '_citation.page_first'                        
3  2 'Structure model' '_citation.page_last'                         
4  3 'Structure model' '_pdbx_audit_support.funding_organization'    
5  4 'Structure model' '_atom_site.auth_asym_id'                     
6  4 'Structure model' '_atom_site.auth_atom_id'                     
7  4 'Structure model' '_atom_site.auth_seq_id'                      
8  4 'Structure model' '_atom_site.label_asym_id'                    
9  4 'Structure model' '_atom_site.label_atom_id'                    
10 4 'Structure model' '_atom_site.label_entity_id'                  
11 4 'Structure model' '_chem_comp.name'                             
12 4 'Structure model' '_chem_comp.type'                             
13 4 'Structure model' '_entity.formula_weight'                      
14 4 'Structure model' '_entity.pdbx_description'                    
15 4 'Structure model' '_entity.pdbx_number_of_molecules'            
16 4 'Structure model' '_entity.type'                                
17 4 'Structure model' '_pdbx_struct_assembly_gen.asym_id_list'      
18 4 'Structure model' '_pdbx_struct_conn_angle.ptnr1_auth_seq_id'   
19 4 'Structure model' '_pdbx_struct_conn_angle.ptnr1_label_asym_id' 
20 4 'Structure model' '_pdbx_struct_conn_angle.ptnr2_label_asym_id' 
21 4 'Structure model' '_pdbx_struct_conn_angle.ptnr3_auth_seq_id'   
22 4 'Structure model' '_pdbx_struct_conn_angle.ptnr3_label_asym_id' 
23 4 'Structure model' '_pdbx_struct_conn_angle.value'               
24 4 'Structure model' '_pdbx_validate_close_contact.auth_asym_id_1' 
25 4 'Structure model' '_pdbx_validate_close_contact.auth_asym_id_2' 
26 4 'Structure model' '_pdbx_validate_close_contact.auth_atom_id_2' 
27 4 'Structure model' '_pdbx_validate_close_contact.auth_seq_id_1'  
28 4 'Structure model' '_pdbx_validate_close_contact.auth_seq_id_2'  
29 4 'Structure model' '_struct_conn.conn_type_id'                   
30 4 'Structure model' '_struct_conn.id'                             
31 4 'Structure model' '_struct_conn.pdbx_dist_value'                
32 4 'Structure model' '_struct_conn.pdbx_leaving_atom_flag'         
33 4 'Structure model' '_struct_conn.pdbx_role'                      
34 4 'Structure model' '_struct_conn.ptnr1_auth_asym_id'             
35 4 'Structure model' '_struct_conn.ptnr1_auth_comp_id'             
36 4 'Structure model' '_struct_conn.ptnr1_auth_seq_id'              
37 4 'Structure model' '_struct_conn.ptnr1_label_asym_id'            
38 4 'Structure model' '_struct_conn.ptnr1_label_atom_id'            
39 4 'Structure model' '_struct_conn.ptnr1_label_comp_id'            
40 4 'Structure model' '_struct_conn.ptnr1_label_seq_id'             
41 4 'Structure model' '_struct_conn.ptnr2_auth_asym_id'             
42 4 'Structure model' '_struct_conn.ptnr2_auth_comp_id'             
43 4 'Structure model' '_struct_conn.ptnr2_auth_seq_id'              
44 4 'Structure model' '_struct_conn.ptnr2_label_asym_id'            
45 4 'Structure model' '_struct_conn.ptnr2_label_atom_id'            
46 4 'Structure model' '_struct_conn.ptnr2_label_comp_id'            
47 4 'Structure model' '_struct_conn_type.id'                        
48 5 'Structure model' '_chem_comp.pdbx_synonyms'                    
49 5 'Structure model' '_database_2.pdbx_DOI'                        
50 5 'Structure model' '_database_2.pdbx_database_accession'         
51 5 'Structure model' '_struct_conn.pdbx_leaving_atom_flag'         
# 
_pdbx_database_status.status_code                     REL 
_pdbx_database_status.status_code_sf                  REL 
_pdbx_database_status.status_code_mr                  ? 
_pdbx_database_status.entry_id                        5MWB 
_pdbx_database_status.recvd_initial_deposition_date   2017-01-18 
_pdbx_database_status.SG_entry                        N 
_pdbx_database_status.deposit_site                    PDBE 
_pdbx_database_status.process_site                    PDBE 
_pdbx_database_status.status_code_cs                  ? 
_pdbx_database_status.methods_development_category    ? 
_pdbx_database_status.pdb_format_compatible           Y 
_pdbx_database_status.status_code_nmr_data            ? 
# 
loop_
_audit_author.name 
_audit_author.pdbx_ordinal 
_audit_author.identifier_ORCID 
'Suckling, R.J.' 1 0000-0002-6962-6533 
'Handford, P.A.' 2 ?                   
'Lea, S.M.'      3 0000-0001-9287-8053 
# 
_citation.abstract                  ? 
_citation.abstract_id_CAS           ? 
_citation.book_id_ISBN              ? 
_citation.book_publisher            ? 
_citation.book_publisher_city       ? 
_citation.book_title                ? 
_citation.coordinate_linkage        ? 
_citation.country                   UK 
_citation.database_id_Medline       ? 
_citation.details                   ? 
_citation.id                        primary 
_citation.journal_abbrev            'EMBO J.' 
_citation.journal_id_ASTM           EMJODG 
_citation.journal_id_CSD            0897 
_citation.journal_id_ISSN           1460-2075 
_citation.journal_full              ? 
_citation.journal_issue             ? 
_citation.journal_volume            36 
_citation.language                  ? 
_citation.page_first                2204 
_citation.page_last                 2215 
_citation.title                     
'Structural and functional dissection of the interplay between lipid and Notch binding by human Notch ligands.' 
_citation.year                      2017 
_citation.database_id_CSD           ? 
_citation.pdbx_database_id_DOI      10.15252/embj.201796632 
_citation.pdbx_database_id_PubMed   28572448 
_citation.unpublished_flag          ? 
# 
loop_
_citation_author.citation_id 
_citation_author.name 
_citation_author.ordinal 
_citation_author.identifier_ORCID 
primary 'Suckling, R.J.' 1 ? 
primary 'Korona, B.'     2 ? 
primary 'Whiteman, P.'   3 ? 
primary 'Chillakuri, C.' 4 ? 
primary 'Holt, L.'       5 ? 
primary 'Handford, P.A.' 6 ? 
primary 'Lea, S.M.'      7 ? 
# 
loop_
_entity.id 
_entity.type 
_entity.src_method 
_entity.pdbx_description 
_entity.formula_weight 
_entity.pdbx_number_of_molecules 
_entity.pdbx_ec 
_entity.pdbx_mutation 
_entity.pdbx_fragment 
_entity.details 
1 polymer     man 'Neurogenic locus notch homolog protein 2'       17145.312 1   ? ? 'UNP residues 414-532' ? 
2 branched    man 'beta-D-xylopyranose-(1-3)-beta-D-glucopyranose' 312.271   1   ? ? ?                      ? 
3 non-polymer man alpha-L-fucopyranose                             164.156   1   ? ? ?                      ? 
4 non-polymer man beta-D-glucopyranose                             180.156   1   ? ? ?                      ? 
5 non-polymer syn 'CALCIUM ION'                                    40.078    3   ? ? ?                      ? 
6 water       nat water                                            18.015    121 ? ? ?                      ? 
# 
_entity_name_com.entity_id   1 
_entity_name_com.name        hN2 
# 
_entity_poly.entity_id                      1 
_entity_poly.type                           'polypeptide(L)' 
_entity_poly.nstd_linkage                   no 
_entity_poly.nstd_monomer                   no 
_entity_poly.pdbx_seq_one_letter_code       
;EDVDECAMANSNPCEHAGKCVNTDGAFHCECLKGYAGPRCEMDINECHSDPCQNDATCLDKIGGFTCLCMPGFKGVHCEL
EINECQSNPCVNNGQCVDKVNRFQCLCPPGFTGPVCQIDGSGLEVLFQGPGSLHHILDAQKMVWNHRGHHHHHHHH
;
_entity_poly.pdbx_seq_one_letter_code_can   
;EDVDECAMANSNPCEHAGKCVNTDGAFHCECLKGYAGPRCEMDINECHSDPCQNDATCLDKIGGFTCLCMPGFKGVHCEL
EINECQSNPCVNNGQCVDKVNRFQCLCPPGFTGPVCQIDGSGLEVLFQGPGSLHHILDAQKMVWNHRGHHHHHHHH
;
_entity_poly.pdbx_strand_id                 A 
_entity_poly.pdbx_target_identifier         ? 
# 
loop_
_pdbx_entity_nonpoly.entity_id 
_pdbx_entity_nonpoly.name 
_pdbx_entity_nonpoly.comp_id 
3 alpha-L-fucopyranose FUC 
4 beta-D-glucopyranose BGC 
5 'CALCIUM ION'        CA  
6 water                HOH 
# 
loop_
_entity_poly_seq.entity_id 
_entity_poly_seq.num 
_entity_poly_seq.mon_id 
_entity_poly_seq.hetero 
1 1   GLU n 
1 2   ASP n 
1 3   VAL n 
1 4   ASP n 
1 5   GLU n 
1 6   CYS n 
1 7   ALA n 
1 8   MET n 
1 9   ALA n 
1 10  ASN n 
1 11  SER n 
1 12  ASN n 
1 13  PRO n 
1 14  CYS n 
1 15  GLU n 
1 16  HIS n 
1 17  ALA n 
1 18  GLY n 
1 19  LYS n 
1 20  CYS n 
1 21  VAL n 
1 22  ASN n 
1 23  THR n 
1 24  ASP n 
1 25  GLY n 
1 26  ALA n 
1 27  PHE n 
1 28  HIS n 
1 29  CYS n 
1 30  GLU n 
1 31  CYS n 
1 32  LEU n 
1 33  LYS n 
1 34  GLY n 
1 35  TYR n 
1 36  ALA n 
1 37  GLY n 
1 38  PRO n 
1 39  ARG n 
1 40  CYS n 
1 41  GLU n 
1 42  MET n 
1 43  ASP n 
1 44  ILE n 
1 45  ASN n 
1 46  GLU n 
1 47  CYS n 
1 48  HIS n 
1 49  SER n 
1 50  ASP n 
1 51  PRO n 
1 52  CYS n 
1 53  GLN n 
1 54  ASN n 
1 55  ASP n 
1 56  ALA n 
1 57  THR n 
1 58  CYS n 
1 59  LEU n 
1 60  ASP n 
1 61  LYS n 
1 62  ILE n 
1 63  GLY n 
1 64  GLY n 
1 65  PHE n 
1 66  THR n 
1 67  CYS n 
1 68  LEU n 
1 69  CYS n 
1 70  MET n 
1 71  PRO n 
1 72  GLY n 
1 73  PHE n 
1 74  LYS n 
1 75  GLY n 
1 76  VAL n 
1 77  HIS n 
1 78  CYS n 
1 79  GLU n 
1 80  LEU n 
1 81  GLU n 
1 82  ILE n 
1 83  ASN n 
1 84  GLU n 
1 85  CYS n 
1 86  GLN n 
1 87  SER n 
1 88  ASN n 
1 89  PRO n 
1 90  CYS n 
1 91  VAL n 
1 92  ASN n 
1 93  ASN n 
1 94  GLY n 
1 95  GLN n 
1 96  CYS n 
1 97  VAL n 
1 98  ASP n 
1 99  LYS n 
1 100 VAL n 
1 101 ASN n 
1 102 ARG n 
1 103 PHE n 
1 104 GLN n 
1 105 CYS n 
1 106 LEU n 
1 107 CYS n 
1 108 PRO n 
1 109 PRO n 
1 110 GLY n 
1 111 PHE n 
1 112 THR n 
1 113 GLY n 
1 114 PRO n 
1 115 VAL n 
1 116 CYS n 
1 117 GLN n 
1 118 ILE n 
1 119 ASP n 
1 120 GLY n 
1 121 SER n 
1 122 GLY n 
1 123 LEU n 
1 124 GLU n 
1 125 VAL n 
1 126 LEU n 
1 127 PHE n 
1 128 GLN n 
1 129 GLY n 
1 130 PRO n 
1 131 GLY n 
1 132 SER n 
1 133 LEU n 
1 134 HIS n 
1 135 HIS n 
1 136 ILE n 
1 137 LEU n 
1 138 ASP n 
1 139 ALA n 
1 140 GLN n 
1 141 LYS n 
1 142 MET n 
1 143 VAL n 
1 144 TRP n 
1 145 ASN n 
1 146 HIS n 
1 147 ARG n 
1 148 GLY n 
1 149 HIS n 
1 150 HIS n 
1 151 HIS n 
1 152 HIS n 
1 153 HIS n 
1 154 HIS n 
1 155 HIS n 
1 156 HIS n 
# 
_entity_src_gen.entity_id                          1 
_entity_src_gen.pdbx_src_id                        1 
_entity_src_gen.pdbx_alt_source_flag               sample 
_entity_src_gen.pdbx_seq_type                      'Biological sequence' 
_entity_src_gen.pdbx_beg_seq_num                   1 
_entity_src_gen.pdbx_end_seq_num                   156 
_entity_src_gen.gene_src_common_name               Human 
_entity_src_gen.gene_src_genus                     ? 
_entity_src_gen.pdbx_gene_src_gene                 NOTCH2 
_entity_src_gen.gene_src_species                   ? 
_entity_src_gen.gene_src_strain                    ? 
_entity_src_gen.gene_src_tissue                    ? 
_entity_src_gen.gene_src_tissue_fraction           ? 
_entity_src_gen.gene_src_details                   ? 
_entity_src_gen.pdbx_gene_src_fragment             ? 
_entity_src_gen.pdbx_gene_src_scientific_name      'Homo sapiens' 
_entity_src_gen.pdbx_gene_src_ncbi_taxonomy_id     9606 
_entity_src_gen.pdbx_gene_src_variant              ? 
_entity_src_gen.pdbx_gene_src_cell_line            ? 
_entity_src_gen.pdbx_gene_src_atcc                 ? 
_entity_src_gen.pdbx_gene_src_organ                ? 
_entity_src_gen.pdbx_gene_src_organelle            ? 
_entity_src_gen.pdbx_gene_src_cell                 ? 
_entity_src_gen.pdbx_gene_src_cellular_location    ? 
_entity_src_gen.host_org_common_name               'Fruit fly' 
_entity_src_gen.pdbx_host_org_scientific_name      'Drosophila melanogaster' 
_entity_src_gen.pdbx_host_org_ncbi_taxonomy_id     7227 
_entity_src_gen.host_org_genus                     ? 
_entity_src_gen.pdbx_host_org_gene                 ? 
_entity_src_gen.pdbx_host_org_organ                ? 
_entity_src_gen.host_org_species                   ? 
_entity_src_gen.pdbx_host_org_tissue               ? 
_entity_src_gen.pdbx_host_org_tissue_fraction      ? 
_entity_src_gen.pdbx_host_org_strain               ? 
_entity_src_gen.pdbx_host_org_variant              ? 
_entity_src_gen.pdbx_host_org_cell_line            ? 
_entity_src_gen.pdbx_host_org_atcc                 ? 
_entity_src_gen.pdbx_host_org_culture_collection   ? 
_entity_src_gen.pdbx_host_org_cell                 'Schneider 2' 
_entity_src_gen.pdbx_host_org_organelle            ? 
_entity_src_gen.pdbx_host_org_cellular_location    ? 
_entity_src_gen.pdbx_host_org_vector_type          plasmid 
_entity_src_gen.pdbx_host_org_vector               ? 
_entity_src_gen.host_org_details                   ? 
_entity_src_gen.expression_system_id               ? 
_entity_src_gen.plasmid_name                       pEXS2-2 
_entity_src_gen.plasmid_details                    ? 
_entity_src_gen.pdbx_description                   ? 
# 
_pdbx_entity_branch.entity_id   2 
_pdbx_entity_branch.type        oligosaccharide 
# 
loop_
_pdbx_entity_branch_descriptor.ordinal 
_pdbx_entity_branch_descriptor.entity_id 
_pdbx_entity_branch_descriptor.descriptor 
_pdbx_entity_branch_descriptor.type 
_pdbx_entity_branch_descriptor.program 
_pdbx_entity_branch_descriptor.program_version 
1 2 DXylpb1-3DGlcpb1-                                         'Glycam Condensed Sequence' GMML       1.0   
2 2 'WURCS=2.0/2,2,1/[a2122h-1b_1-5][a212h-1b_1-5]/1-2/a3-b1' WURCS                       PDB2Glycan 1.1.0 
3 2 '[]{[(3+1)][b-D-Glcp]{[(3+1)][b-D-Xylp]{}}}'              LINUCS                      PDB-CARE   ?     
# 
_pdbx_entity_branch_link.link_id                    1 
_pdbx_entity_branch_link.entity_id                  2 
_pdbx_entity_branch_link.entity_branch_list_num_1   2 
_pdbx_entity_branch_link.comp_id_1                  XYP 
_pdbx_entity_branch_link.atom_id_1                  C1 
_pdbx_entity_branch_link.leaving_atom_id_1          O1 
_pdbx_entity_branch_link.entity_branch_list_num_2   1 
_pdbx_entity_branch_link.comp_id_2                  BGC 
_pdbx_entity_branch_link.atom_id_2                  O3 
_pdbx_entity_branch_link.leaving_atom_id_2          HO3 
_pdbx_entity_branch_link.value_order                sing 
_pdbx_entity_branch_link.details                    ? 
# 
loop_
_chem_comp.id 
_chem_comp.type 
_chem_comp.mon_nstd_flag 
_chem_comp.name 
_chem_comp.pdbx_synonyms 
_chem_comp.formula 
_chem_comp.formula_weight 
ALA 'L-peptide linking'           y ALANINE              ?                                                                   
'C3 H7 N O2'     89.093  
ARG 'L-peptide linking'           y ARGININE             ?                                                                   
'C6 H15 N4 O2 1' 175.209 
ASN 'L-peptide linking'           y ASPARAGINE           ?                                                                   
'C4 H8 N2 O3'    132.118 
ASP 'L-peptide linking'           y 'ASPARTIC ACID'      ?                                                                   
'C4 H7 N O4'     133.103 
BGC 'D-saccharide, beta linking'  . beta-D-glucopyranose 'beta-D-glucose; D-glucose; glucose'                                
'C6 H12 O6'      180.156 
CA  non-polymer                   . 'CALCIUM ION'        ?                                                                   
'Ca 2'           40.078  
CYS 'L-peptide linking'           y CYSTEINE             ?                                                                   
'C3 H7 N O2 S'   121.158 
FUC 'L-saccharide, alpha linking' . alpha-L-fucopyranose 'alpha-L-fucose; 6-deoxy-alpha-L-galactopyranose; L-fucose; fucose' 
'C6 H12 O5'      164.156 
GLN 'L-peptide linking'           y GLUTAMINE            ?                                                                   
'C5 H10 N2 O3'   146.144 
GLU 'L-peptide linking'           y 'GLUTAMIC ACID'      ?                                                                   
'C5 H9 N O4'     147.129 
GLY 'peptide linking'             y GLYCINE              ?                                                                   
'C2 H5 N O2'     75.067  
HIS 'L-peptide linking'           y HISTIDINE            ?                                                                   
'C6 H10 N3 O2 1' 156.162 
HOH non-polymer                   . WATER                ?                                                                   
'H2 O'           18.015  
ILE 'L-peptide linking'           y ISOLEUCINE           ?                                                                   
'C6 H13 N O2'    131.173 
LEU 'L-peptide linking'           y LEUCINE              ?                                                                   
'C6 H13 N O2'    131.173 
LYS 'L-peptide linking'           y LYSINE               ?                                                                   
'C6 H15 N2 O2 1' 147.195 
MET 'L-peptide linking'           y METHIONINE           ?                                                                   
'C5 H11 N O2 S'  149.211 
PHE 'L-peptide linking'           y PHENYLALANINE        ?                                                                   
'C9 H11 N O2'    165.189 
PRO 'L-peptide linking'           y PROLINE              ?                                                                   
'C5 H9 N O2'     115.130 
SER 'L-peptide linking'           y SERINE               ?                                                                   
'C3 H7 N O3'     105.093 
THR 'L-peptide linking'           y THREONINE            ?                                                                   
'C4 H9 N O3'     119.119 
TRP 'L-peptide linking'           y TRYPTOPHAN           ?                                                                   
'C11 H12 N2 O2'  204.225 
TYR 'L-peptide linking'           y TYROSINE             ?                                                                   
'C9 H11 N O3'    181.189 
VAL 'L-peptide linking'           y VALINE               ?                                                                   
'C5 H11 N O2'    117.146 
XYP 'D-saccharide, beta linking'  . beta-D-xylopyranose  'beta-D-xylose; D-xylose; xylose'                                   
'C5 H10 O5'      150.130 
# 
loop_
_pdbx_chem_comp_identifier.comp_id 
_pdbx_chem_comp_identifier.type 
_pdbx_chem_comp_identifier.program 
_pdbx_chem_comp_identifier.program_version 
_pdbx_chem_comp_identifier.identifier 
BGC 'CONDENSED IUPAC CARBOHYDRATE SYMBOL' GMML     1.0 DGlcpb            
BGC 'COMMON NAME'                         GMML     1.0 b-D-glucopyranose 
BGC 'IUPAC CARBOHYDRATE SYMBOL'           PDB-CARE 1.0 b-D-Glcp          
BGC 'SNFG CARBOHYDRATE SYMBOL'            GMML     1.0 Glc               
FUC 'CONDENSED IUPAC CARBOHYDRATE SYMBOL' GMML     1.0 LFucpa            
FUC 'COMMON NAME'                         GMML     1.0 a-L-fucopyranose  
FUC 'IUPAC CARBOHYDRATE SYMBOL'           PDB-CARE 1.0 a-L-Fucp          
FUC 'SNFG CARBOHYDRATE SYMBOL'            GMML     1.0 Fuc               
XYP 'CONDENSED IUPAC CARBOHYDRATE SYMBOL' GMML     1.0 DXylpb            
XYP 'COMMON NAME'                         GMML     1.0 b-D-xylopyranose  
XYP 'IUPAC CARBOHYDRATE SYMBOL'           PDB-CARE 1.0 b-D-Xylp          
XYP 'SNFG CARBOHYDRATE SYMBOL'            GMML     1.0 Xyl               
# 
loop_
_pdbx_poly_seq_scheme.asym_id 
_pdbx_poly_seq_scheme.entity_id 
_pdbx_poly_seq_scheme.seq_id 
_pdbx_poly_seq_scheme.mon_id 
_pdbx_poly_seq_scheme.ndb_seq_num 
_pdbx_poly_seq_scheme.pdb_seq_num 
_pdbx_poly_seq_scheme.auth_seq_num 
_pdbx_poly_seq_scheme.pdb_mon_id 
_pdbx_poly_seq_scheme.auth_mon_id 
_pdbx_poly_seq_scheme.pdb_strand_id 
_pdbx_poly_seq_scheme.pdb_ins_code 
_pdbx_poly_seq_scheme.hetero 
A 1 1   GLU 1   414 ?   ?   ?   A . n 
A 1 2   ASP 2   415 415 ASP ASP A . n 
A 1 3   VAL 3   416 416 VAL VAL A . n 
A 1 4   ASP 4   417 417 ASP ASP A . n 
A 1 5   GLU 5   418 418 GLU GLU A . n 
A 1 6   CYS 6   419 419 CYS CYS A . n 
A 1 7   ALA 7   420 420 ALA ALA A . n 
A 1 8   MET 8   421 421 MET MET A . n 
A 1 9   ALA 9   422 422 ALA ALA A . n 
A 1 10  ASN 10  423 423 ASN ASN A . n 
A 1 11  SER 11  424 424 SER SER A . n 
A 1 12  ASN 12  425 425 ASN ASN A . n 
A 1 13  PRO 13  426 426 PRO PRO A . n 
A 1 14  CYS 14  427 427 CYS CYS A . n 
A 1 15  GLU 15  428 428 GLU GLU A . n 
A 1 16  HIS 16  429 429 HIS HIS A . n 
A 1 17  ALA 17  430 430 ALA ALA A . n 
A 1 18  GLY 18  431 431 GLY GLY A . n 
A 1 19  LYS 19  432 432 LYS LYS A . n 
A 1 20  CYS 20  433 433 CYS CYS A . n 
A 1 21  VAL 21  434 434 VAL VAL A . n 
A 1 22  ASN 22  435 435 ASN ASN A . n 
A 1 23  THR 23  436 436 THR THR A . n 
A 1 24  ASP 24  437 437 ASP ASP A . n 
A 1 25  GLY 25  438 438 GLY GLY A . n 
A 1 26  ALA 26  439 439 ALA ALA A . n 
A 1 27  PHE 27  440 440 PHE PHE A . n 
A 1 28  HIS 28  441 441 HIS HIS A . n 
A 1 29  CYS 29  442 442 CYS CYS A . n 
A 1 30  GLU 30  443 443 GLU GLU A . n 
A 1 31  CYS 31  444 444 CYS CYS A . n 
A 1 32  LEU 32  445 445 LEU LEU A . n 
A 1 33  LYS 33  446 446 LYS LYS A . n 
A 1 34  GLY 34  447 447 GLY GLY A . n 
A 1 35  TYR 35  448 448 TYR TYR A . n 
A 1 36  ALA 36  449 449 ALA ALA A . n 
A 1 37  GLY 37  450 450 GLY GLY A . n 
A 1 38  PRO 38  451 451 PRO PRO A . n 
A 1 39  ARG 39  452 452 ARG ARG A . n 
A 1 40  CYS 40  453 453 CYS CYS A . n 
A 1 41  GLU 41  454 454 GLU GLU A . n 
A 1 42  MET 42  455 455 MET MET A . n 
A 1 43  ASP 43  456 456 ASP ASP A . n 
A 1 44  ILE 44  457 457 ILE ILE A . n 
A 1 45  ASN 45  458 458 ASN ASN A . n 
A 1 46  GLU 46  459 459 GLU GLU A . n 
A 1 47  CYS 47  460 460 CYS CYS A . n 
A 1 48  HIS 48  461 461 HIS HIS A . n 
A 1 49  SER 49  462 462 SER SER A . n 
A 1 50  ASP 50  463 463 ASP ASP A . n 
A 1 51  PRO 51  464 464 PRO PRO A . n 
A 1 52  CYS 52  465 465 CYS CYS A . n 
A 1 53  GLN 53  466 466 GLN GLN A . n 
A 1 54  ASN 54  467 467 ASN ASN A . n 
A 1 55  ASP 55  468 468 ASP ASP A . n 
A 1 56  ALA 56  469 469 ALA ALA A . n 
A 1 57  THR 57  470 470 THR THR A . n 
A 1 58  CYS 58  471 471 CYS CYS A . n 
A 1 59  LEU 59  472 472 LEU LEU A . n 
A 1 60  ASP 60  473 473 ASP ASP A . n 
A 1 61  LYS 61  474 474 LYS LYS A . n 
A 1 62  ILE 62  475 475 ILE ILE A . n 
A 1 63  GLY 63  476 476 GLY GLY A . n 
A 1 64  GLY 64  477 477 GLY GLY A . n 
A 1 65  PHE 65  478 478 PHE PHE A . n 
A 1 66  THR 66  479 479 THR THR A . n 
A 1 67  CYS 67  480 480 CYS CYS A . n 
A 1 68  LEU 68  481 481 LEU LEU A . n 
A 1 69  CYS 69  482 482 CYS CYS A . n 
A 1 70  MET 70  483 483 MET MET A . n 
A 1 71  PRO 71  484 484 PRO PRO A . n 
A 1 72  GLY 72  485 485 GLY GLY A . n 
A 1 73  PHE 73  486 486 PHE PHE A . n 
A 1 74  LYS 74  487 487 LYS LYS A . n 
A 1 75  GLY 75  488 488 GLY GLY A . n 
A 1 76  VAL 76  489 489 VAL VAL A . n 
A 1 77  HIS 77  490 490 HIS HIS A . n 
A 1 78  CYS 78  491 491 CYS CYS A . n 
A 1 79  GLU 79  492 492 GLU GLU A . n 
A 1 80  LEU 80  493 493 LEU LEU A . n 
A 1 81  GLU 81  494 494 GLU GLU A . n 
A 1 82  ILE 82  495 495 ILE ILE A . n 
A 1 83  ASN 83  496 496 ASN ASN A . n 
A 1 84  GLU 84  497 497 GLU GLU A . n 
A 1 85  CYS 85  498 498 CYS CYS A . n 
A 1 86  GLN 86  499 499 GLN GLN A . n 
A 1 87  SER 87  500 500 SER SER A . n 
A 1 88  ASN 88  501 501 ASN ASN A . n 
A 1 89  PRO 89  502 502 PRO PRO A . n 
A 1 90  CYS 90  503 503 CYS CYS A . n 
A 1 91  VAL 91  504 504 VAL VAL A . n 
A 1 92  ASN 92  505 505 ASN ASN A . n 
A 1 93  ASN 93  506 506 ASN ASN A . n 
A 1 94  GLY 94  507 507 GLY GLY A . n 
A 1 95  GLN 95  508 508 GLN GLN A . n 
A 1 96  CYS 96  509 509 CYS CYS A . n 
A 1 97  VAL 97  510 510 VAL VAL A . n 
A 1 98  ASP 98  511 511 ASP ASP A . n 
A 1 99  LYS 99  512 512 LYS LYS A . n 
A 1 100 VAL 100 513 513 VAL VAL A . n 
A 1 101 ASN 101 514 514 ASN ASN A . n 
A 1 102 ARG 102 515 515 ARG ARG A . n 
A 1 103 PHE 103 516 516 PHE PHE A . n 
A 1 104 GLN 104 517 517 GLN GLN A . n 
A 1 105 CYS 105 518 518 CYS CYS A . n 
A 1 106 LEU 106 519 519 LEU LEU A . n 
A 1 107 CYS 107 520 520 CYS CYS A . n 
A 1 108 PRO 108 521 521 PRO PRO A . n 
A 1 109 PRO 109 522 522 PRO PRO A . n 
A 1 110 GLY 110 523 523 GLY GLY A . n 
A 1 111 PHE 111 524 524 PHE PHE A . n 
A 1 112 THR 112 525 525 THR THR A . n 
A 1 113 GLY 113 526 526 GLY GLY A . n 
A 1 114 PRO 114 527 527 PRO PRO A . n 
A 1 115 VAL 115 528 528 VAL VAL A . n 
A 1 116 CYS 116 529 529 CYS CYS A . n 
A 1 117 GLN 117 530 530 GLN GLN A . n 
A 1 118 ILE 118 531 531 ILE ILE A . n 
A 1 119 ASP 119 532 532 ASP ASP A . n 
A 1 120 GLY 120 533 ?   ?   ?   A . n 
A 1 121 SER 121 534 ?   ?   ?   A . n 
A 1 122 GLY 122 535 ?   ?   ?   A . n 
A 1 123 LEU 123 536 ?   ?   ?   A . n 
A 1 124 GLU 124 537 ?   ?   ?   A . n 
A 1 125 VAL 125 538 ?   ?   ?   A . n 
A 1 126 LEU 126 539 ?   ?   ?   A . n 
A 1 127 PHE 127 540 ?   ?   ?   A . n 
A 1 128 GLN 128 541 ?   ?   ?   A . n 
A 1 129 GLY 129 542 ?   ?   ?   A . n 
A 1 130 PRO 130 543 ?   ?   ?   A . n 
A 1 131 GLY 131 544 ?   ?   ?   A . n 
A 1 132 SER 132 545 ?   ?   ?   A . n 
A 1 133 LEU 133 546 ?   ?   ?   A . n 
A 1 134 HIS 134 547 ?   ?   ?   A . n 
A 1 135 HIS 135 548 ?   ?   ?   A . n 
A 1 136 ILE 136 549 ?   ?   ?   A . n 
A 1 137 LEU 137 550 ?   ?   ?   A . n 
A 1 138 ASP 138 551 ?   ?   ?   A . n 
A 1 139 ALA 139 552 ?   ?   ?   A . n 
A 1 140 GLN 140 553 ?   ?   ?   A . n 
A 1 141 LYS 141 554 ?   ?   ?   A . n 
A 1 142 MET 142 555 ?   ?   ?   A . n 
A 1 143 VAL 143 556 ?   ?   ?   A . n 
A 1 144 TRP 144 557 ?   ?   ?   A . n 
A 1 145 ASN 145 558 ?   ?   ?   A . n 
A 1 146 HIS 146 559 ?   ?   ?   A . n 
A 1 147 ARG 147 560 ?   ?   ?   A . n 
A 1 148 GLY 148 561 ?   ?   ?   A . n 
A 1 149 HIS 149 562 ?   ?   ?   A . n 
A 1 150 HIS 150 563 ?   ?   ?   A . n 
A 1 151 HIS 151 564 ?   ?   ?   A . n 
A 1 152 HIS 152 565 ?   ?   ?   A . n 
A 1 153 HIS 153 566 ?   ?   ?   A . n 
A 1 154 HIS 154 567 ?   ?   ?   A . n 
A 1 155 HIS 155 568 ?   ?   ?   A . n 
A 1 156 HIS 156 569 ?   ?   ?   A . n 
# 
loop_
_pdbx_branch_scheme.asym_id 
_pdbx_branch_scheme.entity_id 
_pdbx_branch_scheme.mon_id 
_pdbx_branch_scheme.num 
_pdbx_branch_scheme.pdb_asym_id 
_pdbx_branch_scheme.pdb_mon_id 
_pdbx_branch_scheme.pdb_seq_num 
_pdbx_branch_scheme.auth_asym_id 
_pdbx_branch_scheme.auth_mon_id 
_pdbx_branch_scheme.auth_seq_num 
_pdbx_branch_scheme.hetero 
B 2 BGC 1 B BGC 1 A BGC 601 n 
B 2 XYP 2 B XYP 2 A XYP 602 n 
# 
loop_
_pdbx_nonpoly_scheme.asym_id 
_pdbx_nonpoly_scheme.entity_id 
_pdbx_nonpoly_scheme.mon_id 
_pdbx_nonpoly_scheme.ndb_seq_num 
_pdbx_nonpoly_scheme.pdb_seq_num 
_pdbx_nonpoly_scheme.auth_seq_num 
_pdbx_nonpoly_scheme.pdb_mon_id 
_pdbx_nonpoly_scheme.auth_mon_id 
_pdbx_nonpoly_scheme.pdb_strand_id 
_pdbx_nonpoly_scheme.pdb_ins_code 
C 3 FUC 1   603 603 FUC FUC A . 
D 4 BGC 1   604 604 BGC BGC A . 
E 5 CA  1   605 1   CA  CA  A . 
F 5 CA  1   606 2   CA  CA  A . 
G 5 CA  1   607 3   CA  CA  A . 
H 6 HOH 1   701 23  HOH HOH A . 
H 6 HOH 2   702 27  HOH HOH A . 
H 6 HOH 3   703 1   HOH HOH A . 
H 6 HOH 4   704 95  HOH HOH A . 
H 6 HOH 5   705 13  HOH HOH A . 
H 6 HOH 6   706 37  HOH HOH A . 
H 6 HOH 7   707 128 HOH HOH A . 
H 6 HOH 8   708 124 HOH HOH A . 
H 6 HOH 9   709 126 HOH HOH A . 
H 6 HOH 10  710 10  HOH HOH A . 
H 6 HOH 11  711 36  HOH HOH A . 
H 6 HOH 12  712 25  HOH HOH A . 
H 6 HOH 13  713 79  HOH HOH A . 
H 6 HOH 14  714 71  HOH HOH A . 
H 6 HOH 15  715 109 HOH HOH A . 
H 6 HOH 16  716 81  HOH HOH A . 
H 6 HOH 17  717 120 HOH HOH A . 
H 6 HOH 18  718 62  HOH HOH A . 
H 6 HOH 19  719 115 HOH HOH A . 
H 6 HOH 20  720 3   HOH HOH A . 
H 6 HOH 21  721 77  HOH HOH A . 
H 6 HOH 22  722 72  HOH HOH A . 
H 6 HOH 23  723 70  HOH HOH A . 
H 6 HOH 24  724 39  HOH HOH A . 
H 6 HOH 25  725 8   HOH HOH A . 
H 6 HOH 26  726 5   HOH HOH A . 
H 6 HOH 27  727 17  HOH HOH A . 
H 6 HOH 28  728 47  HOH HOH A . 
H 6 HOH 29  729 33  HOH HOH A . 
H 6 HOH 30  730 86  HOH HOH A . 
H 6 HOH 31  731 129 HOH HOH A . 
H 6 HOH 32  732 52  HOH HOH A . 
H 6 HOH 33  733 48  HOH HOH A . 
H 6 HOH 34  734 121 HOH HOH A . 
H 6 HOH 35  735 11  HOH HOH A . 
H 6 HOH 36  736 54  HOH HOH A . 
H 6 HOH 37  737 46  HOH HOH A . 
H 6 HOH 38  738 15  HOH HOH A . 
H 6 HOH 39  739 14  HOH HOH A . 
H 6 HOH 40  740 65  HOH HOH A . 
H 6 HOH 41  741 4   HOH HOH A . 
H 6 HOH 42  742 35  HOH HOH A . 
H 6 HOH 43  743 102 HOH HOH A . 
H 6 HOH 44  744 30  HOH HOH A . 
H 6 HOH 45  745 68  HOH HOH A . 
H 6 HOH 46  746 61  HOH HOH A . 
H 6 HOH 47  747 2   HOH HOH A . 
H 6 HOH 48  748 28  HOH HOH A . 
H 6 HOH 49  749 87  HOH HOH A . 
H 6 HOH 50  750 80  HOH HOH A . 
H 6 HOH 51  751 21  HOH HOH A . 
H 6 HOH 52  752 12  HOH HOH A . 
H 6 HOH 53  753 63  HOH HOH A . 
H 6 HOH 54  754 38  HOH HOH A . 
H 6 HOH 55  755 31  HOH HOH A . 
H 6 HOH 56  756 83  HOH HOH A . 
H 6 HOH 57  757 32  HOH HOH A . 
H 6 HOH 58  758 24  HOH HOH A . 
H 6 HOH 59  759 91  HOH HOH A . 
H 6 HOH 60  760 73  HOH HOH A . 
H 6 HOH 61  761 49  HOH HOH A . 
H 6 HOH 62  762 78  HOH HOH A . 
H 6 HOH 63  763 119 HOH HOH A . 
H 6 HOH 64  764 118 HOH HOH A . 
H 6 HOH 65  765 85  HOH HOH A . 
H 6 HOH 66  766 89  HOH HOH A . 
H 6 HOH 67  767 53  HOH HOH A . 
H 6 HOH 68  768 90  HOH HOH A . 
H 6 HOH 69  769 20  HOH HOH A . 
H 6 HOH 70  770 50  HOH HOH A . 
H 6 HOH 71  771 34  HOH HOH A . 
H 6 HOH 72  772 111 HOH HOH A . 
H 6 HOH 73  773 22  HOH HOH A . 
H 6 HOH 74  774 64  HOH HOH A . 
H 6 HOH 75  775 9   HOH HOH A . 
H 6 HOH 76  776 51  HOH HOH A . 
H 6 HOH 77  777 108 HOH HOH A . 
H 6 HOH 78  778 67  HOH HOH A . 
H 6 HOH 79  779 19  HOH HOH A . 
H 6 HOH 80  780 58  HOH HOH A . 
H 6 HOH 81  781 104 HOH HOH A . 
H 6 HOH 82  782 16  HOH HOH A . 
H 6 HOH 83  783 29  HOH HOH A . 
H 6 HOH 84  784 59  HOH HOH A . 
H 6 HOH 85  785 55  HOH HOH A . 
H 6 HOH 86  786 6   HOH HOH A . 
H 6 HOH 87  787 125 HOH HOH A . 
H 6 HOH 88  788 88  HOH HOH A . 
H 6 HOH 89  789 69  HOH HOH A . 
H 6 HOH 90  790 92  HOH HOH A . 
H 6 HOH 91  791 18  HOH HOH A . 
H 6 HOH 92  792 110 HOH HOH A . 
H 6 HOH 93  793 76  HOH HOH A . 
H 6 HOH 94  794 56  HOH HOH A . 
H 6 HOH 95  795 117 HOH HOH A . 
H 6 HOH 96  796 100 HOH HOH A . 
H 6 HOH 97  797 84  HOH HOH A . 
H 6 HOH 98  798 74  HOH HOH A . 
H 6 HOH 99  799 96  HOH HOH A . 
H 6 HOH 100 800 114 HOH HOH A . 
H 6 HOH 101 801 130 HOH HOH A . 
H 6 HOH 102 802 123 HOH HOH A . 
H 6 HOH 103 803 26  HOH HOH A . 
H 6 HOH 104 804 107 HOH HOH A . 
H 6 HOH 105 805 106 HOH HOH A . 
H 6 HOH 106 806 7   HOH HOH A . 
H 6 HOH 107 807 41  HOH HOH A . 
H 6 HOH 108 808 66  HOH HOH A . 
H 6 HOH 109 809 42  HOH HOH A . 
H 6 HOH 110 810 112 HOH HOH A . 
H 6 HOH 111 811 82  HOH HOH A . 
H 6 HOH 112 812 127 HOH HOH A . 
H 6 HOH 113 813 105 HOH HOH A . 
H 6 HOH 114 814 93  HOH HOH A . 
H 6 HOH 115 815 122 HOH HOH A . 
H 6 HOH 116 816 75  HOH HOH A . 
H 6 HOH 117 817 43  HOH HOH A . 
H 6 HOH 118 818 99  HOH HOH A . 
H 6 HOH 119 819 44  HOH HOH A . 
H 6 HOH 120 820 98  HOH HOH A . 
H 6 HOH 121 821 45  HOH HOH A . 
# 
loop_
_software.citation_id 
_software.classification 
_software.compiler_name 
_software.compiler_version 
_software.contact_author 
_software.contact_author_email 
_software.date 
_software.description 
_software.dependencies 
_software.hardware 
_software.language 
_software.location 
_software.mods 
_software.name 
_software.os 
_software.os_version 
_software.type 
_software.version 
_software.pdbx_ordinal 
? refinement       ? ? ? ? ? ? ? ? ? ? ? PHENIX  ? ? ? '(1.10_2155: ???)' 1 
? 'data reduction' ? ? ? ? ? ? ? ? ? ? ? xia2    ? ? ? .                  2 
? 'data scaling'   ? ? ? ? ? ? ? ? ? ? ? Aimless ? ? ? .                  3 
? phasing          ? ? ? ? ? ? ? ? ? ? ? PHASER  ? ? ? .                  4 
# 
_cell.angle_alpha                  90.00 
_cell.angle_alpha_esd              ? 
_cell.angle_beta                   90.00 
_cell.angle_beta_esd               ? 
_cell.angle_gamma                  90.00 
_cell.angle_gamma_esd              ? 
_cell.entry_id                     5MWB 
_cell.details                      ? 
_cell.formula_units_Z              ? 
_cell.length_a                     20.160 
_cell.length_a_esd                 ? 
_cell.length_b                     49.790 
_cell.length_b_esd                 ? 
_cell.length_c                     125.500 
_cell.length_c_esd                 ? 
_cell.volume                       ? 
_cell.volume_esd                   ? 
_cell.Z_PDB                        4 
_cell.reciprocal_angle_alpha       ? 
_cell.reciprocal_angle_beta        ? 
_cell.reciprocal_angle_gamma       ? 
_cell.reciprocal_angle_alpha_esd   ? 
_cell.reciprocal_angle_beta_esd    ? 
_cell.reciprocal_angle_gamma_esd   ? 
_cell.reciprocal_length_a          ? 
_cell.reciprocal_length_b          ? 
_cell.reciprocal_length_c          ? 
_cell.reciprocal_length_a_esd      ? 
_cell.reciprocal_length_b_esd      ? 
_cell.reciprocal_length_c_esd      ? 
_cell.pdbx_unique_axis             ? 
# 
_symmetry.entry_id                         5MWB 
_symmetry.cell_setting                     ? 
_symmetry.Int_Tables_number                19 
_symmetry.space_group_name_Hall            ? 
_symmetry.space_group_name_H-M             'P 21 21 21' 
_symmetry.pdbx_full_space_group_name_H-M   ? 
# 
_exptl.absorpt_coefficient_mu     ? 
_exptl.absorpt_correction_T_max   ? 
_exptl.absorpt_correction_T_min   ? 
_exptl.absorpt_correction_type    ? 
_exptl.absorpt_process_details    ? 
_exptl.entry_id                   5MWB 
_exptl.crystals_number            1 
_exptl.details                    ? 
_exptl.method                     'X-RAY DIFFRACTION' 
_exptl.method_details             ? 
# 
_exptl_crystal.colour                      ? 
_exptl_crystal.density_diffrn              ? 
_exptl_crystal.density_Matthews            1.84 
_exptl_crystal.density_method              ? 
_exptl_crystal.density_percent_sol         33.04 
_exptl_crystal.description                 ? 
_exptl_crystal.F_000                       ? 
_exptl_crystal.id                          1 
_exptl_crystal.preparation                 ? 
_exptl_crystal.size_max                    ? 
_exptl_crystal.size_mid                    ? 
_exptl_crystal.size_min                    ? 
_exptl_crystal.size_rad                    ? 
_exptl_crystal.colour_lustre               ? 
_exptl_crystal.colour_modifier             ? 
_exptl_crystal.colour_primary              ? 
_exptl_crystal.density_meas                ? 
_exptl_crystal.density_meas_esd            ? 
_exptl_crystal.density_meas_gt             ? 
_exptl_crystal.density_meas_lt             ? 
_exptl_crystal.density_meas_temp           ? 
_exptl_crystal.density_meas_temp_esd       ? 
_exptl_crystal.density_meas_temp_gt        ? 
_exptl_crystal.density_meas_temp_lt        ? 
_exptl_crystal.pdbx_crystal_image_url      ? 
_exptl_crystal.pdbx_crystal_image_format   ? 
_exptl_crystal.pdbx_mosaicity              ? 
_exptl_crystal.pdbx_mosaicity_esd          ? 
# 
_exptl_crystal_grow.apparatus       ? 
_exptl_crystal_grow.atmosphere      ? 
_exptl_crystal_grow.crystal_id      1 
_exptl_crystal_grow.details         ? 
_exptl_crystal_grow.method          'VAPOR DIFFUSION' 
_exptl_crystal_grow.method_ref      ? 
_exptl_crystal_grow.pH              6.5 
_exptl_crystal_grow.pressure        ? 
_exptl_crystal_grow.pressure_esd    ? 
_exptl_crystal_grow.seeding         ? 
_exptl_crystal_grow.seeding_ref     ? 
_exptl_crystal_grow.temp            293 
_exptl_crystal_grow.temp_details    ? 
_exptl_crystal_grow.temp_esd        ? 
_exptl_crystal_grow.time            ? 
_exptl_crystal_grow.pdbx_details    'PEG 8000, Sodium acetate, Sodium cacodylate' 
_exptl_crystal_grow.pdbx_pH_range   ? 
# 
_diffrn.ambient_environment    ? 
_diffrn.ambient_temp           100 
_diffrn.ambient_temp_details   ? 
_diffrn.ambient_temp_esd       ? 
_diffrn.crystal_id             1 
_diffrn.crystal_support        ? 
_diffrn.crystal_treatment      ? 
_diffrn.details                ? 
_diffrn.id                     1 
_diffrn.ambient_pressure       ? 
_diffrn.ambient_pressure_esd   ? 
_diffrn.ambient_pressure_gt    ? 
_diffrn.ambient_pressure_lt    ? 
_diffrn.ambient_temp_gt        ? 
_diffrn.ambient_temp_lt        ? 
# 
_diffrn_detector.details                      ? 
_diffrn_detector.detector                     PIXEL 
_diffrn_detector.diffrn_id                    1 
_diffrn_detector.type                         'DECTRIS PILATUS 6M-F' 
_diffrn_detector.area_resol_mean              ? 
_diffrn_detector.dtime                        ? 
_diffrn_detector.pdbx_frames_total            ? 
_diffrn_detector.pdbx_collection_time_total   ? 
_diffrn_detector.pdbx_collection_date         2015-04-19 
# 
_diffrn_radiation.collimation                      ? 
_diffrn_radiation.diffrn_id                        1 
_diffrn_radiation.filter_edge                      ? 
_diffrn_radiation.inhomogeneity                    ? 
_diffrn_radiation.monochromator                    ? 
_diffrn_radiation.polarisn_norm                    ? 
_diffrn_radiation.polarisn_ratio                   ? 
_diffrn_radiation.probe                            ? 
_diffrn_radiation.type                             ? 
_diffrn_radiation.xray_symbol                      ? 
_diffrn_radiation.wavelength_id                    1 
_diffrn_radiation.pdbx_monochromatic_or_laue_m_l   M 
_diffrn_radiation.pdbx_wavelength_list             ? 
_diffrn_radiation.pdbx_wavelength                  ? 
_diffrn_radiation.pdbx_diffrn_protocol             'SINGLE WAVELENGTH' 
_diffrn_radiation.pdbx_analyzer                    ? 
_diffrn_radiation.pdbx_scattering_type             x-ray 
# 
_diffrn_radiation_wavelength.id           1 
_diffrn_radiation_wavelength.wavelength   0.98 
_diffrn_radiation_wavelength.wt           1.0 
# 
_diffrn_source.current                     ? 
_diffrn_source.details                     ? 
_diffrn_source.diffrn_id                   1 
_diffrn_source.power                       ? 
_diffrn_source.size                        ? 
_diffrn_source.source                      SYNCHROTRON 
_diffrn_source.target                      ? 
_diffrn_source.type                        'DIAMOND BEAMLINE I04' 
_diffrn_source.voltage                     ? 
_diffrn_source.take-off_angle              ? 
_diffrn_source.pdbx_wavelength_list        0.98 
_diffrn_source.pdbx_wavelength             ? 
_diffrn_source.pdbx_synchrotron_beamline   I04 
_diffrn_source.pdbx_synchrotron_site       Diamond 
# 
_reflns.B_iso_Wilson_estimate            ? 
_reflns.entry_id                         5MWB 
_reflns.data_reduction_details           ? 
_reflns.data_reduction_method            ? 
_reflns.d_resolution_high                1.86 
_reflns.d_resolution_low                 41.8 
_reflns.details                          ? 
_reflns.limit_h_max                      ? 
_reflns.limit_h_min                      ? 
_reflns.limit_k_max                      ? 
_reflns.limit_k_min                      ? 
_reflns.limit_l_max                      ? 
_reflns.limit_l_min                      ? 
_reflns.number_all                       ? 
_reflns.number_obs                       11247 
_reflns.observed_criterion               ? 
_reflns.observed_criterion_F_max         ? 
_reflns.observed_criterion_F_min         ? 
_reflns.observed_criterion_I_max         ? 
_reflns.observed_criterion_I_min         ? 
_reflns.observed_criterion_sigma_F       ? 
_reflns.observed_criterion_sigma_I       ? 
_reflns.percent_possible_obs             99.5 
_reflns.R_free_details                   ? 
_reflns.Rmerge_F_all                     ? 
_reflns.Rmerge_F_obs                     ? 
_reflns.Friedel_coverage                 ? 
_reflns.number_gt                        ? 
_reflns.threshold_expression             ? 
_reflns.pdbx_redundancy                  5.2 
_reflns.pdbx_Rmerge_I_obs                0.077 
_reflns.pdbx_Rmerge_I_all                ? 
_reflns.pdbx_Rsym_value                  ? 
_reflns.pdbx_netI_over_av_sigmaI         ? 
_reflns.pdbx_netI_over_sigmaI            11.2 
_reflns.pdbx_res_netI_over_av_sigmaI_2   ? 
_reflns.pdbx_res_netI_over_sigmaI_2      ? 
_reflns.pdbx_chi_squared                 ? 
_reflns.pdbx_scaling_rejects             ? 
_reflns.pdbx_d_res_high_opt              ? 
_reflns.pdbx_d_res_low_opt               ? 
_reflns.pdbx_d_res_opt_method            ? 
_reflns.phase_calculation_details        ? 
_reflns.pdbx_Rrim_I_all                  ? 
_reflns.pdbx_Rpim_I_all                  ? 
_reflns.pdbx_d_opt                       ? 
_reflns.pdbx_number_measured_all         ? 
_reflns.pdbx_diffrn_id                   1 
_reflns.pdbx_ordinal                     1 
_reflns.pdbx_CC_half                     0.998 
_reflns.pdbx_R_split                     ? 
# 
_reflns_shell.d_res_high                  1.86 
_reflns_shell.d_res_low                   1.91 
_reflns_shell.meanI_over_sigI_all         ? 
_reflns_shell.meanI_over_sigI_obs         1.3 
_reflns_shell.number_measured_all         ? 
_reflns_shell.number_measured_obs         ? 
_reflns_shell.number_possible             ? 
_reflns_shell.number_unique_all           ? 
_reflns_shell.number_unique_obs           ? 
_reflns_shell.percent_possible_all        99.3 
_reflns_shell.percent_possible_obs        ? 
_reflns_shell.Rmerge_F_all                ? 
_reflns_shell.Rmerge_F_obs                ? 
_reflns_shell.Rmerge_I_all                ? 
_reflns_shell.Rmerge_I_obs                1.067 
_reflns_shell.meanI_over_sigI_gt          ? 
_reflns_shell.meanI_over_uI_all           ? 
_reflns_shell.meanI_over_uI_gt            ? 
_reflns_shell.number_measured_gt          ? 
_reflns_shell.number_unique_gt            ? 
_reflns_shell.percent_possible_gt         ? 
_reflns_shell.Rmerge_F_gt                 ? 
_reflns_shell.Rmerge_I_gt                 ? 
_reflns_shell.pdbx_redundancy             5.1 
_reflns_shell.pdbx_Rsym_value             ? 
_reflns_shell.pdbx_chi_squared            ? 
_reflns_shell.pdbx_netI_over_sigmaI_all   ? 
_reflns_shell.pdbx_netI_over_sigmaI_obs   ? 
_reflns_shell.pdbx_Rrim_I_all             ? 
_reflns_shell.pdbx_Rpim_I_all             ? 
_reflns_shell.pdbx_rejects                ? 
_reflns_shell.pdbx_ordinal                1 
_reflns_shell.pdbx_diffrn_id              1 
_reflns_shell.pdbx_CC_half                0.524 
_reflns_shell.pdbx_R_split                ? 
# 
_refine.aniso_B[1][1]                            ? 
_refine.aniso_B[1][2]                            ? 
_refine.aniso_B[1][3]                            ? 
_refine.aniso_B[2][2]                            ? 
_refine.aniso_B[2][3]                            ? 
_refine.aniso_B[3][3]                            ? 
_refine.B_iso_max                                ? 
_refine.B_iso_mean                               ? 
_refine.B_iso_min                                ? 
_refine.correlation_coeff_Fo_to_Fc               ? 
_refine.correlation_coeff_Fo_to_Fc_free          ? 
_refine.details                                  ? 
_refine.diff_density_max                         ? 
_refine.diff_density_max_esd                     ? 
_refine.diff_density_min                         ? 
_refine.diff_density_min_esd                     ? 
_refine.diff_density_rms                         ? 
_refine.diff_density_rms_esd                     ? 
_refine.entry_id                                 5MWB 
_refine.pdbx_refine_id                           'X-RAY DIFFRACTION' 
_refine.ls_abs_structure_details                 ? 
_refine.ls_abs_structure_Flack                   ? 
_refine.ls_abs_structure_Flack_esd               ? 
_refine.ls_abs_structure_Rogers                  ? 
_refine.ls_abs_structure_Rogers_esd              ? 
_refine.ls_d_res_high                            1.860 
_refine.ls_d_res_low                             39.003 
_refine.ls_extinction_coef                       ? 
_refine.ls_extinction_coef_esd                   ? 
_refine.ls_extinction_expression                 ? 
_refine.ls_extinction_method                     ? 
_refine.ls_goodness_of_fit_all                   ? 
_refine.ls_goodness_of_fit_all_esd               ? 
_refine.ls_goodness_of_fit_obs                   ? 
_refine.ls_goodness_of_fit_obs_esd               ? 
_refine.ls_hydrogen_treatment                    ? 
_refine.ls_matrix_type                           ? 
_refine.ls_number_constraints                    ? 
_refine.ls_number_parameters                     ? 
_refine.ls_number_reflns_all                     ? 
_refine.ls_number_reflns_obs                     11247 
_refine.ls_number_reflns_R_free                  574 
_refine.ls_number_reflns_R_work                  ? 
_refine.ls_number_restraints                     ? 
_refine.ls_percent_reflns_obs                    99.34 
_refine.ls_percent_reflns_R_free                 5.10 
_refine.ls_R_factor_all                          ? 
_refine.ls_R_factor_obs                          0.2298 
_refine.ls_R_factor_R_free                       0.2636 
_refine.ls_R_factor_R_free_error                 ? 
_refine.ls_R_factor_R_free_error_details         ? 
_refine.ls_R_factor_R_work                       0.2278 
_refine.ls_R_Fsqd_factor_obs                     ? 
_refine.ls_R_I_factor_obs                        ? 
_refine.ls_redundancy_reflns_all                 ? 
_refine.ls_redundancy_reflns_obs                 ? 
_refine.ls_restrained_S_all                      ? 
_refine.ls_restrained_S_obs                      ? 
_refine.ls_shift_over_esd_max                    ? 
_refine.ls_shift_over_esd_mean                   ? 
_refine.ls_structure_factor_coef                 ? 
_refine.ls_weighting_details                     ? 
_refine.ls_weighting_scheme                      ? 
_refine.ls_wR_factor_all                         ? 
_refine.ls_wR_factor_obs                         ? 
_refine.ls_wR_factor_R_free                      ? 
_refine.ls_wR_factor_R_work                      ? 
_refine.occupancy_max                            ? 
_refine.occupancy_min                            ? 
_refine.solvent_model_details                    ? 
_refine.solvent_model_param_bsol                 ? 
_refine.solvent_model_param_ksol                 ? 
_refine.ls_R_factor_gt                           ? 
_refine.ls_goodness_of_fit_gt                    ? 
_refine.ls_goodness_of_fit_ref                   ? 
_refine.ls_shift_over_su_max                     ? 
_refine.ls_shift_over_su_max_lt                  ? 
_refine.ls_shift_over_su_mean                    ? 
_refine.ls_shift_over_su_mean_lt                 ? 
_refine.pdbx_ls_sigma_I                          ? 
_refine.pdbx_ls_sigma_F                          1.34 
_refine.pdbx_ls_sigma_Fsqd                       ? 
_refine.pdbx_data_cutoff_high_absF               ? 
_refine.pdbx_data_cutoff_high_rms_absF           ? 
_refine.pdbx_data_cutoff_low_absF                ? 
_refine.pdbx_isotropic_thermal_model             ? 
_refine.pdbx_ls_cross_valid_method               'FREE R-VALUE' 
_refine.pdbx_method_to_determine_struct          'MOLECULAR REPLACEMENT' 
_refine.pdbx_starting_model                      2VJ3 
_refine.pdbx_stereochemistry_target_values       ? 
_refine.pdbx_R_Free_selection_details            ? 
_refine.pdbx_stereochem_target_val_spec_case     ? 
_refine.pdbx_overall_ESU_R                       ? 
_refine.pdbx_overall_ESU_R_Free                  ? 
_refine.pdbx_solvent_vdw_probe_radii             1.11 
_refine.pdbx_solvent_ion_probe_radii             ? 
_refine.pdbx_solvent_shrinkage_radii             0.90 
_refine.pdbx_real_space_R                        ? 
_refine.pdbx_density_correlation                 ? 
_refine.pdbx_pd_number_of_powder_patterns        ? 
_refine.pdbx_pd_number_of_points                 ? 
_refine.pdbx_pd_meas_number_of_points            ? 
_refine.pdbx_pd_proc_ls_prof_R_factor            ? 
_refine.pdbx_pd_proc_ls_prof_wR_factor           ? 
_refine.pdbx_pd_Marquardt_correlation_coeff      ? 
_refine.pdbx_pd_Fsqrd_R_factor                   ? 
_refine.pdbx_pd_ls_matrix_band_width             ? 
_refine.pdbx_overall_phase_error                 33.94 
_refine.pdbx_overall_SU_R_free_Cruickshank_DPI   ? 
_refine.pdbx_overall_SU_R_free_Blow_DPI          ? 
_refine.pdbx_overall_SU_R_Blow_DPI               ? 
_refine.pdbx_TLS_residual_ADP_flag               ? 
_refine.pdbx_diffrn_id                           1 
_refine.overall_SU_B                             ? 
_refine.overall_SU_ML                            0.24 
_refine.overall_SU_R_Cruickshank_DPI             ? 
_refine.overall_SU_R_free                        ? 
_refine.overall_FOM_free_R_set                   ? 
_refine.overall_FOM_work_R_set                   ? 
_refine.pdbx_average_fsc_overall                 ? 
_refine.pdbx_average_fsc_work                    ? 
_refine.pdbx_average_fsc_free                    ? 
# 
_refine_hist.pdbx_refine_id                   'X-RAY DIFFRACTION' 
_refine_hist.cycle_id                         LAST 
_refine_hist.pdbx_number_atoms_protein        872 
_refine_hist.pdbx_number_atoms_nucleic_acid   0 
_refine_hist.pdbx_number_atoms_ligand         44 
_refine_hist.number_atoms_solvent             121 
_refine_hist.number_atoms_total               1037 
_refine_hist.d_res_high                       1.860 
_refine_hist.d_res_low                        39.003 
# 
loop_
_refine_ls_restr.pdbx_refine_id 
_refine_ls_restr.criterion 
_refine_ls_restr.dev_ideal 
_refine_ls_restr.dev_ideal_target 
_refine_ls_restr.number 
_refine_ls_restr.rejects 
_refine_ls_restr.type 
_refine_ls_restr.weight 
_refine_ls_restr.pdbx_restraint_function 
'X-RAY DIFFRACTION' ? 0.021  ? 970  ? f_bond_d           ? ? 
'X-RAY DIFFRACTION' ? 0.550  ? 1296 ? f_angle_d          ? ? 
'X-RAY DIFFRACTION' ? 14.583 ? 585  ? f_dihedral_angle_d ? ? 
'X-RAY DIFFRACTION' ? 0.043  ? 143  ? f_chiral_restr     ? ? 
'X-RAY DIFFRACTION' ? 0.003  ? 171  ? f_plane_restr      ? ? 
# 
loop_
_refine_ls_shell.pdbx_refine_id 
_refine_ls_shell.d_res_high 
_refine_ls_shell.d_res_low 
_refine_ls_shell.number_reflns_all 
_refine_ls_shell.number_reflns_obs 
_refine_ls_shell.number_reflns_R_free 
_refine_ls_shell.number_reflns_R_work 
_refine_ls_shell.percent_reflns_obs 
_refine_ls_shell.percent_reflns_R_free 
_refine_ls_shell.R_factor_all 
_refine_ls_shell.R_factor_obs 
_refine_ls_shell.R_factor_R_free 
_refine_ls_shell.R_factor_R_free_error 
_refine_ls_shell.R_factor_R_work 
_refine_ls_shell.redundancy_reflns_all 
_refine_ls_shell.redundancy_reflns_obs 
_refine_ls_shell.wR_factor_all 
_refine_ls_shell.wR_factor_obs 
_refine_ls_shell.wR_factor_R_free 
_refine_ls_shell.wR_factor_R_work 
_refine_ls_shell.pdbx_total_number_of_bins_used 
_refine_ls_shell.pdbx_phase_error 
_refine_ls_shell.pdbx_fsc_work 
_refine_ls_shell.pdbx_fsc_free 
'X-RAY DIFFRACTION' 1.8602 2.0474  . . 130 2608 99.00  . . . 0.4015 . 0.3224 . . . . . . . . . . 
'X-RAY DIFFRACTION' 2.0474 2.3437  . . 135 2612 100.00 . . . 0.3323 . 0.2709 . . . . . . . . . . 
'X-RAY DIFFRACTION' 2.3437 2.9526  . . 146 2667 99.00  . . . 0.3089 . 0.2618 . . . . . . . . . . 
'X-RAY DIFFRACTION' 2.9526 39.0120 . . 163 2786 99.00  . . . 0.2200 . 0.1931 . . . . . . . . . . 
# 
_struct.entry_id                     5MWB 
_struct.title                        'Human Notch-2 EGF11-13' 
_struct.pdbx_model_details           ? 
_struct.pdbx_formula_weight          ? 
_struct.pdbx_formula_weight_method   ? 
_struct.pdbx_model_type_details      ? 
_struct.pdbx_CASP_flag               N 
# 
_struct_keywords.entry_id        5MWB 
_struct_keywords.text            'EGF, Notch, receptor, signaling, signaling protein' 
_struct_keywords.pdbx_keywords   'SIGNALING PROTEIN' 
# 
loop_
_struct_asym.id 
_struct_asym.pdbx_blank_PDB_chainid_flag 
_struct_asym.pdbx_modified 
_struct_asym.entity_id 
_struct_asym.details 
A N N 1 ? 
B N N 2 ? 
C N N 3 ? 
D N N 4 ? 
E N N 5 ? 
F N N 5 ? 
G N N 5 ? 
H N N 6 ? 
# 
_struct_ref.id                         1 
_struct_ref.db_name                    UNP 
_struct_ref.db_code                    NOTC2_HUMAN 
_struct_ref.pdbx_db_accession          Q04721 
_struct_ref.pdbx_db_isoform            ? 
_struct_ref.entity_id                  1 
_struct_ref.pdbx_seq_one_letter_code   
;EDVDECAMANSNPCEHAGKCVNTDGAFHCECLKGYAGPRCEMDINECHSDPCQNDATCLDKIGGFTCLCMPGFKGVHCEL
EINECQSNPCVNNGQCVDKVNRFQCLCPPGFTGPVCQID
;
_struct_ref.pdbx_align_begin           414 
# 
_struct_ref_seq.align_id                      1 
_struct_ref_seq.ref_id                        1 
_struct_ref_seq.pdbx_PDB_id_code              5MWB 
_struct_ref_seq.pdbx_strand_id                A 
_struct_ref_seq.seq_align_beg                 1 
_struct_ref_seq.pdbx_seq_align_beg_ins_code   ? 
_struct_ref_seq.seq_align_end                 119 
_struct_ref_seq.pdbx_seq_align_end_ins_code   ? 
_struct_ref_seq.pdbx_db_accession             Q04721 
_struct_ref_seq.db_align_beg                  414 
_struct_ref_seq.pdbx_db_align_beg_ins_code    ? 
_struct_ref_seq.db_align_end                  532 
_struct_ref_seq.pdbx_db_align_end_ins_code    ? 
_struct_ref_seq.pdbx_auth_seq_align_beg       414 
_struct_ref_seq.pdbx_auth_seq_align_end       532 
# 
loop_
_struct_ref_seq_dif.align_id 
_struct_ref_seq_dif.pdbx_pdb_id_code 
_struct_ref_seq_dif.mon_id 
_struct_ref_seq_dif.pdbx_pdb_strand_id 
_struct_ref_seq_dif.seq_num 
_struct_ref_seq_dif.pdbx_pdb_ins_code 
_struct_ref_seq_dif.pdbx_seq_db_name 
_struct_ref_seq_dif.pdbx_seq_db_accession_code 
_struct_ref_seq_dif.db_mon_id 
_struct_ref_seq_dif.pdbx_seq_db_seq_num 
_struct_ref_seq_dif.details 
_struct_ref_seq_dif.pdbx_auth_seq_num 
_struct_ref_seq_dif.pdbx_ordinal 
1 5MWB GLY A 120 ? UNP Q04721 ? ? 'expression tag' 533 1  
1 5MWB SER A 121 ? UNP Q04721 ? ? 'expression tag' 534 2  
1 5MWB GLY A 122 ? UNP Q04721 ? ? 'expression tag' 535 3  
1 5MWB LEU A 123 ? UNP Q04721 ? ? 'expression tag' 536 4  
1 5MWB GLU A 124 ? UNP Q04721 ? ? 'expression tag' 537 5  
1 5MWB VAL A 125 ? UNP Q04721 ? ? 'expression tag' 538 6  
1 5MWB LEU A 126 ? UNP Q04721 ? ? 'expression tag' 539 7  
1 5MWB PHE A 127 ? UNP Q04721 ? ? 'expression tag' 540 8  
1 5MWB GLN A 128 ? UNP Q04721 ? ? 'expression tag' 541 9  
1 5MWB GLY A 129 ? UNP Q04721 ? ? 'expression tag' 542 10 
1 5MWB PRO A 130 ? UNP Q04721 ? ? 'expression tag' 543 11 
1 5MWB GLY A 131 ? UNP Q04721 ? ? 'expression tag' 544 12 
1 5MWB SER A 132 ? UNP Q04721 ? ? 'expression tag' 545 13 
1 5MWB LEU A 133 ? UNP Q04721 ? ? 'expression tag' 546 14 
1 5MWB HIS A 134 ? UNP Q04721 ? ? 'expression tag' 547 15 
1 5MWB HIS A 135 ? UNP Q04721 ? ? 'expression tag' 548 16 
1 5MWB ILE A 136 ? UNP Q04721 ? ? 'expression tag' 549 17 
1 5MWB LEU A 137 ? UNP Q04721 ? ? 'expression tag' 550 18 
1 5MWB ASP A 138 ? UNP Q04721 ? ? 'expression tag' 551 19 
1 5MWB ALA A 139 ? UNP Q04721 ? ? 'expression tag' 552 20 
1 5MWB GLN A 140 ? UNP Q04721 ? ? 'expression tag' 553 21 
1 5MWB LYS A 141 ? UNP Q04721 ? ? 'expression tag' 554 22 
1 5MWB MET A 142 ? UNP Q04721 ? ? 'expression tag' 555 23 
1 5MWB VAL A 143 ? UNP Q04721 ? ? 'expression tag' 556 24 
1 5MWB TRP A 144 ? UNP Q04721 ? ? 'expression tag' 557 25 
1 5MWB ASN A 145 ? UNP Q04721 ? ? 'expression tag' 558 26 
1 5MWB HIS A 146 ? UNP Q04721 ? ? 'expression tag' 559 27 
1 5MWB ARG A 147 ? UNP Q04721 ? ? 'expression tag' 560 28 
1 5MWB GLY A 148 ? UNP Q04721 ? ? 'expression tag' 561 29 
1 5MWB HIS A 149 ? UNP Q04721 ? ? 'expression tag' 562 30 
1 5MWB HIS A 150 ? UNP Q04721 ? ? 'expression tag' 563 31 
1 5MWB HIS A 151 ? UNP Q04721 ? ? 'expression tag' 564 32 
1 5MWB HIS A 152 ? UNP Q04721 ? ? 'expression tag' 565 33 
1 5MWB HIS A 153 ? UNP Q04721 ? ? 'expression tag' 566 34 
1 5MWB HIS A 154 ? UNP Q04721 ? ? 'expression tag' 567 35 
1 5MWB HIS A 155 ? UNP Q04721 ? ? 'expression tag' 568 36 
1 5MWB HIS A 156 ? UNP Q04721 ? ? 'expression tag' 569 37 
# 
_pdbx_struct_assembly.id                   1 
_pdbx_struct_assembly.details              author_and_software_defined_assembly 
_pdbx_struct_assembly.method_details       PISA 
_pdbx_struct_assembly.oligomeric_details   monomeric 
_pdbx_struct_assembly.oligomeric_count     1 
# 
loop_
_pdbx_struct_assembly_prop.biol_id 
_pdbx_struct_assembly_prop.type 
_pdbx_struct_assembly_prop.value 
_pdbx_struct_assembly_prop.details 
1 'ABSA (A^2)' 1010 ? 
1 MORE         3    ? 
1 'SSA (A^2)'  8060 ? 
# 
_pdbx_struct_assembly_gen.assembly_id       1 
_pdbx_struct_assembly_gen.oper_expression   1 
_pdbx_struct_assembly_gen.asym_id_list      A,B,C,D,E,F,G,H 
# 
_pdbx_struct_oper_list.id                   1 
_pdbx_struct_oper_list.type                 'identity operation' 
_pdbx_struct_oper_list.name                 1_555 
_pdbx_struct_oper_list.symmetry_operation   x,y,z 
_pdbx_struct_oper_list.matrix[1][1]         1.0000000000 
_pdbx_struct_oper_list.matrix[1][2]         0.0000000000 
_pdbx_struct_oper_list.matrix[1][3]         0.0000000000 
_pdbx_struct_oper_list.vector[1]            0.0000000000 
_pdbx_struct_oper_list.matrix[2][1]         0.0000000000 
_pdbx_struct_oper_list.matrix[2][2]         1.0000000000 
_pdbx_struct_oper_list.matrix[2][3]         0.0000000000 
_pdbx_struct_oper_list.vector[2]            0.0000000000 
_pdbx_struct_oper_list.matrix[3][1]         0.0000000000 
_pdbx_struct_oper_list.matrix[3][2]         0.0000000000 
_pdbx_struct_oper_list.matrix[3][3]         1.0000000000 
_pdbx_struct_oper_list.vector[3]            0.0000000000 
# 
loop_
_struct_conf.conf_type_id 
_struct_conf.id 
_struct_conf.pdbx_PDB_helix_id 
_struct_conf.beg_label_comp_id 
_struct_conf.beg_label_asym_id 
_struct_conf.beg_label_seq_id 
_struct_conf.pdbx_beg_PDB_ins_code 
_struct_conf.end_label_comp_id 
_struct_conf.end_label_asym_id 
_struct_conf.end_label_seq_id 
_struct_conf.pdbx_end_PDB_ins_code 
_struct_conf.beg_auth_comp_id 
_struct_conf.beg_auth_asym_id 
_struct_conf.beg_auth_seq_id 
_struct_conf.end_auth_comp_id 
_struct_conf.end_auth_asym_id 
_struct_conf.end_auth_seq_id 
_struct_conf.pdbx_PDB_helix_class 
_struct_conf.details 
_struct_conf.pdbx_PDB_helix_length 
HELX_P HELX_P1 AA1 ASN A 45 ? ASP A 50 ? ASN A 458 ASP A 463 5 ? 6 
HELX_P HELX_P2 AA2 ASN A 83 ? ASN A 88 ? ASN A 496 ASN A 501 5 ? 6 
# 
_struct_conf_type.id          HELX_P 
_struct_conf_type.criteria    ? 
_struct_conf_type.reference   ? 
# 
loop_
_struct_conn.id 
_struct_conn.conn_type_id 
_struct_conn.pdbx_leaving_atom_flag 
_struct_conn.pdbx_PDB_id 
_struct_conn.ptnr1_label_asym_id 
_struct_conn.ptnr1_label_comp_id 
_struct_conn.ptnr1_label_seq_id 
_struct_conn.ptnr1_label_atom_id 
_struct_conn.pdbx_ptnr1_label_alt_id 
_struct_conn.pdbx_ptnr1_PDB_ins_code 
_struct_conn.pdbx_ptnr1_standard_comp_id 
_struct_conn.ptnr1_symmetry 
_struct_conn.ptnr2_label_asym_id 
_struct_conn.ptnr2_label_comp_id 
_struct_conn.ptnr2_label_seq_id 
_struct_conn.ptnr2_label_atom_id 
_struct_conn.pdbx_ptnr2_label_alt_id 
_struct_conn.pdbx_ptnr2_PDB_ins_code 
_struct_conn.ptnr1_auth_asym_id 
_struct_conn.ptnr1_auth_comp_id 
_struct_conn.ptnr1_auth_seq_id 
_struct_conn.ptnr2_auth_asym_id 
_struct_conn.ptnr2_auth_comp_id 
_struct_conn.ptnr2_auth_seq_id 
_struct_conn.ptnr2_symmetry 
_struct_conn.pdbx_ptnr3_label_atom_id 
_struct_conn.pdbx_ptnr3_label_seq_id 
_struct_conn.pdbx_ptnr3_label_comp_id 
_struct_conn.pdbx_ptnr3_label_asym_id 
_struct_conn.pdbx_ptnr3_label_alt_id 
_struct_conn.pdbx_ptnr3_PDB_ins_code 
_struct_conn.details 
_struct_conn.pdbx_dist_value 
_struct_conn.pdbx_value_order 
_struct_conn.pdbx_role 
disulf1  disulf ?    ? A CYS 6   SG  ? ? ? 1_555 A CYS 20  SG ? ? A CYS 419 A CYS 433 1_555 ? ? ? ? ? ? ? 2.033 ? ?               
disulf2  disulf ?    ? A CYS 14  SG  ? ? ? 1_555 A CYS 29  SG ? ? A CYS 427 A CYS 442 1_555 ? ? ? ? ? ? ? 2.027 ? ?               
disulf3  disulf ?    ? A CYS 31  SG  ? ? ? 1_555 A CYS 40  SG ? ? A CYS 444 A CYS 453 1_555 ? ? ? ? ? ? ? 2.029 ? ?               
disulf4  disulf ?    ? A CYS 47  SG  ? ? ? 1_555 A CYS 58  SG ? ? A CYS 460 A CYS 471 1_555 ? ? ? ? ? ? ? 2.033 ? ?               
disulf5  disulf ?    ? A CYS 52  SG  ? ? ? 1_555 A CYS 67  SG ? ? A CYS 465 A CYS 480 1_555 ? ? ? ? ? ? ? 2.020 ? ?               
disulf6  disulf ?    ? A CYS 69  SG  ? ? ? 1_555 A CYS 78  SG ? ? A CYS 482 A CYS 491 1_555 ? ? ? ? ? ? ? 2.035 ? ?               
disulf7  disulf ?    ? A CYS 85  SG  ? ? ? 1_555 A CYS 96  SG ? ? A CYS 498 A CYS 509 1_555 ? ? ? ? ? ? ? 2.027 ? ?               
disulf8  disulf ?    ? A CYS 90  SG  ? ? ? 1_555 A CYS 105 SG ? ? A CYS 503 A CYS 518 1_555 ? ? ? ? ? ? ? 2.028 ? ?               
disulf9  disulf ?    ? A CYS 107 SG  ? ? ? 1_555 A CYS 116 SG ? ? A CYS 520 A CYS 529 1_555 ? ? ? ? ? ? ? 2.032 ? ?               
covale1  covale one  ? A SER 49  OG  ? ? ? 1_555 B BGC .   C1 ? ? A SER 462 B BGC 1   1_555 ? ? ? ? ? ? ? 1.422 ? O-Glycosylation 
covale2  covale one  ? A THR 57  OG1 ? ? ? 1_555 C FUC .   C1 ? ? A THR 470 A FUC 603 1_555 ? ? ? ? ? ? ? 1.423 ? O-Glycosylation 
covale3  covale one  ? A SER 87  OG  ? ? ? 1_555 D BGC .   C1 ? ? A SER 500 A BGC 604 1_555 ? ? ? ? ? ? ? 1.402 ? O-Glycosylation 
covale4  covale both ? B BGC .   O3  ? ? ? 1_555 B XYP .   C1 ? ? B BGC 1   B XYP 2   1_555 ? ? ? ? ? ? ? 1.339 ? ?               
metalc1  metalc ?    ? A ASP 2   OD1 ? ? ? 1_555 F CA  .   CA ? ? A ASP 415 A CA  606 1_555 ? ? ? ? ? ? ? 2.273 ? ?               
metalc2  metalc ?    ? A ASP 2   OD2 ? ? ? 1_555 F CA  .   CA ? ? A ASP 415 A CA  606 1_555 ? ? ? ? ? ? ? 2.855 ? ?               
metalc3  metalc ?    ? A VAL 3   O   ? ? ? 1_555 F CA  .   CA ? ? A VAL 416 A CA  606 1_555 ? ? ? ? ? ? ? 2.231 ? ?               
metalc4  metalc ?    ? A GLU 5   OE1 ? ? ? 1_555 F CA  .   CA ? ? A GLU 418 A CA  606 1_555 ? ? ? ? ? ? ? 2.476 ? ?               
metalc5  metalc ?    ? A ASN 22  OD1 ? ? ? 1_555 F CA  .   CA ? ? A ASN 435 A CA  606 1_555 ? ? ? ? ? ? ? 2.354 ? ?               
metalc6  metalc ?    ? A THR 23  O   ? ? ? 1_555 F CA  .   CA ? ? A THR 436 A CA  606 1_555 ? ? ? ? ? ? ? 2.380 ? ?               
metalc7  metalc ?    ? A ALA 26  O   ? ? ? 1_555 F CA  .   CA ? ? A ALA 439 A CA  606 1_555 ? ? ? ? ? ? ? 2.545 ? ?               
metalc8  metalc ?    ? A ASP 43  OD1 ? ? ? 1_555 G CA  .   CA ? ? A ASP 456 A CA  607 1_555 ? ? ? ? ? ? ? 2.386 ? ?               
metalc9  metalc ?    ? A ILE 44  O   ? ? ? 1_555 G CA  .   CA ? ? A ILE 457 A CA  607 1_555 ? ? ? ? ? ? ? 2.213 ? ?               
metalc10 metalc ?    ? A GLU 46  OE1 ? ? ? 1_555 G CA  .   CA ? ? A GLU 459 A CA  607 1_555 ? ? ? ? ? ? ? 2.414 ? ?               
metalc11 metalc ?    ? A ASP 60  OD1 ? ? ? 1_555 G CA  .   CA ? ? A ASP 473 A CA  607 1_555 ? ? ? ? ? ? ? 2.292 ? ?               
metalc12 metalc ?    ? A ASP 60  OD2 ? ? ? 1_555 G CA  .   CA ? ? A ASP 473 A CA  607 1_555 ? ? ? ? ? ? ? 2.907 ? ?               
metalc13 metalc ?    ? A LYS 61  O   ? ? ? 1_555 G CA  .   CA ? ? A LYS 474 A CA  607 1_555 ? ? ? ? ? ? ? 2.413 ? ?               
metalc14 metalc ?    ? A GLU 81  OE2 ? ? ? 1_555 E CA  .   CA ? ? A GLU 494 A CA  605 1_555 ? ? ? ? ? ? ? 2.434 ? ?               
metalc15 metalc ?    ? A ILE 82  O   ? ? ? 1_555 E CA  .   CA ? ? A ILE 495 A CA  605 1_555 ? ? ? ? ? ? ? 2.269 ? ?               
metalc16 metalc ?    ? A GLU 84  OE1 ? ? ? 1_555 E CA  .   CA ? ? A GLU 497 A CA  605 1_555 ? ? ? ? ? ? ? 2.239 ? ?               
metalc17 metalc ?    ? A ASP 98  OD1 ? ? ? 1_555 E CA  .   CA ? ? A ASP 511 A CA  605 1_555 ? ? ? ? ? ? ? 2.322 ? ?               
metalc18 metalc ?    ? A ASP 98  OD2 ? ? ? 1_555 E CA  .   CA ? ? A ASP 511 A CA  605 1_555 ? ? ? ? ? ? ? 3.089 ? ?               
metalc19 metalc ?    ? A LYS 99  O   ? ? ? 1_555 E CA  .   CA ? ? A LYS 512 A CA  605 1_555 ? ? ? ? ? ? ? 2.207 ? ?               
metalc20 metalc ?    ? E CA  .   CA  ? ? ? 1_555 H HOH .   O  ? ? A CA  605 A HOH 726 1_555 ? ? ? ? ? ? ? 2.468 ? ?               
metalc21 metalc ?    ? F CA  .   CA  ? ? ? 1_555 H HOH .   O  ? ? A CA  606 A HOH 703 1_555 ? ? ? ? ? ? ? 2.360 ? ?               
metalc22 metalc ?    ? G CA  .   CA  ? ? ? 1_555 H HOH .   O  ? ? A CA  607 A HOH 720 1_555 ? ? ? ? ? ? ? 2.453 ? ?               
metalc23 metalc ?    ? G CA  .   CA  ? ? ? 1_555 H HOH .   O  ? ? A CA  607 A HOH 725 1_555 ? ? ? ? ? ? ? 2.407 ? ?               
# 
loop_
_struct_conn_type.id 
_struct_conn_type.criteria 
_struct_conn_type.reference 
disulf ? ? 
covale ? ? 
metalc ? ? 
# 
loop_
_pdbx_struct_conn_angle.id 
_pdbx_struct_conn_angle.ptnr1_label_atom_id 
_pdbx_struct_conn_angle.ptnr1_label_alt_id 
_pdbx_struct_conn_angle.ptnr1_label_asym_id 
_pdbx_struct_conn_angle.ptnr1_label_comp_id 
_pdbx_struct_conn_angle.ptnr1_label_seq_id 
_pdbx_struct_conn_angle.ptnr1_auth_atom_id 
_pdbx_struct_conn_angle.ptnr1_auth_asym_id 
_pdbx_struct_conn_angle.ptnr1_auth_comp_id 
_pdbx_struct_conn_angle.ptnr1_auth_seq_id 
_pdbx_struct_conn_angle.ptnr1_PDB_ins_code 
_pdbx_struct_conn_angle.ptnr1_symmetry 
_pdbx_struct_conn_angle.ptnr2_label_atom_id 
_pdbx_struct_conn_angle.ptnr2_label_alt_id 
_pdbx_struct_conn_angle.ptnr2_label_asym_id 
_pdbx_struct_conn_angle.ptnr2_label_comp_id 
_pdbx_struct_conn_angle.ptnr2_label_seq_id 
_pdbx_struct_conn_angle.ptnr2_auth_atom_id 
_pdbx_struct_conn_angle.ptnr2_auth_asym_id 
_pdbx_struct_conn_angle.ptnr2_auth_comp_id 
_pdbx_struct_conn_angle.ptnr2_auth_seq_id 
_pdbx_struct_conn_angle.ptnr2_PDB_ins_code 
_pdbx_struct_conn_angle.ptnr2_symmetry 
_pdbx_struct_conn_angle.ptnr3_label_atom_id 
_pdbx_struct_conn_angle.ptnr3_label_alt_id 
_pdbx_struct_conn_angle.ptnr3_label_asym_id 
_pdbx_struct_conn_angle.ptnr3_label_comp_id 
_pdbx_struct_conn_angle.ptnr3_label_seq_id 
_pdbx_struct_conn_angle.ptnr3_auth_atom_id 
_pdbx_struct_conn_angle.ptnr3_auth_asym_id 
_pdbx_struct_conn_angle.ptnr3_auth_comp_id 
_pdbx_struct_conn_angle.ptnr3_auth_seq_id 
_pdbx_struct_conn_angle.ptnr3_PDB_ins_code 
_pdbx_struct_conn_angle.ptnr3_symmetry 
_pdbx_struct_conn_angle.value 
_pdbx_struct_conn_angle.value_esd 
1  OD1 ? A ASP 2  ? A ASP 415 ? 1_555 CA ? F CA . ? A CA 606 ? 1_555 OD2 ? A ASP 2  ? A ASP 415 ? 1_555 48.6  ? 
2  OD1 ? A ASP 2  ? A ASP 415 ? 1_555 CA ? F CA . ? A CA 606 ? 1_555 O   ? A VAL 3  ? A VAL 416 ? 1_555 82.9  ? 
3  OD2 ? A ASP 2  ? A ASP 415 ? 1_555 CA ? F CA . ? A CA 606 ? 1_555 O   ? A VAL 3  ? A VAL 416 ? 1_555 75.1  ? 
4  OD1 ? A ASP 2  ? A ASP 415 ? 1_555 CA ? F CA . ? A CA 606 ? 1_555 OE1 ? A GLU 5  ? A GLU 418 ? 1_555 137.7 ? 
5  OD2 ? A ASP 2  ? A ASP 415 ? 1_555 CA ? F CA . ? A CA 606 ? 1_555 OE1 ? A GLU 5  ? A GLU 418 ? 1_555 139.8 ? 
6  O   ? A VAL 3  ? A VAL 416 ? 1_555 CA ? F CA . ? A CA 606 ? 1_555 OE1 ? A GLU 5  ? A GLU 418 ? 1_555 68.5  ? 
7  OD1 ? A ASP 2  ? A ASP 415 ? 1_555 CA ? F CA . ? A CA 606 ? 1_555 OD1 ? A ASN 22 ? A ASN 435 ? 1_555 133.0 ? 
8  OD2 ? A ASP 2  ? A ASP 415 ? 1_555 CA ? F CA . ? A CA 606 ? 1_555 OD1 ? A ASN 22 ? A ASN 435 ? 1_555 84.4  ? 
9  O   ? A VAL 3  ? A VAL 416 ? 1_555 CA ? F CA . ? A CA 606 ? 1_555 OD1 ? A ASN 22 ? A ASN 435 ? 1_555 87.4  ? 
10 OE1 ? A GLU 5  ? A GLU 418 ? 1_555 CA ? F CA . ? A CA 606 ? 1_555 OD1 ? A ASN 22 ? A ASN 435 ? 1_555 77.8  ? 
11 OD1 ? A ASP 2  ? A ASP 415 ? 1_555 CA ? F CA . ? A CA 606 ? 1_555 O   ? A THR 23 ? A THR 436 ? 1_555 82.7  ? 
12 OD2 ? A ASP 2  ? A ASP 415 ? 1_555 CA ? F CA . ? A CA 606 ? 1_555 O   ? A THR 23 ? A THR 436 ? 1_555 75.1  ? 
13 O   ? A VAL 3  ? A VAL 416 ? 1_555 CA ? F CA . ? A CA 606 ? 1_555 O   ? A THR 23 ? A THR 436 ? 1_555 149.4 ? 
14 OE1 ? A GLU 5  ? A GLU 418 ? 1_555 CA ? F CA . ? A CA 606 ? 1_555 O   ? A THR 23 ? A THR 436 ? 1_555 136.3 ? 
15 OD1 ? A ASN 22 ? A ASN 435 ? 1_555 CA ? F CA . ? A CA 606 ? 1_555 O   ? A THR 23 ? A THR 436 ? 1_555 83.0  ? 
16 OD1 ? A ASP 2  ? A ASP 415 ? 1_555 CA ? F CA . ? A CA 606 ? 1_555 O   ? A ALA 26 ? A ALA 439 ? 1_555 127.8 ? 
17 OD2 ? A ASP 2  ? A ASP 415 ? 1_555 CA ? F CA . ? A CA 606 ? 1_555 O   ? A ALA 26 ? A ALA 439 ? 1_555 140.3 ? 
18 O   ? A VAL 3  ? A VAL 416 ? 1_555 CA ? F CA . ? A CA 606 ? 1_555 O   ? A ALA 26 ? A ALA 439 ? 1_555 142.3 ? 
19 OE1 ? A GLU 5  ? A GLU 418 ? 1_555 CA ? F CA . ? A CA 606 ? 1_555 O   ? A ALA 26 ? A ALA 439 ? 1_555 73.8  ? 
20 OD1 ? A ASN 22 ? A ASN 435 ? 1_555 CA ? F CA . ? A CA 606 ? 1_555 O   ? A ALA 26 ? A ALA 439 ? 1_555 84.9  ? 
21 O   ? A THR 23 ? A THR 436 ? 1_555 CA ? F CA . ? A CA 606 ? 1_555 O   ? A ALA 26 ? A ALA 439 ? 1_555 65.6  ? 
22 OD1 ? A ASP 2  ? A ASP 415 ? 1_555 CA ? F CA . ? A CA 606 ? 1_555 O   ? H HOH .  ? A HOH 703 ? 1_555 67.3  ? 
23 OD2 ? A ASP 2  ? A ASP 415 ? 1_555 CA ? F CA . ? A CA 606 ? 1_555 O   ? H HOH .  ? A HOH 703 ? 1_555 113.6 ? 
24 O   ? A VAL 3  ? A VAL 416 ? 1_555 CA ? F CA . ? A CA 606 ? 1_555 O   ? H HOH .  ? A HOH 703 ? 1_555 82.5  ? 
25 OE1 ? A GLU 5  ? A GLU 418 ? 1_555 CA ? F CA . ? A CA 606 ? 1_555 O   ? H HOH .  ? A HOH 703 ? 1_555 78.3  ? 
26 OD1 ? A ASN 22 ? A ASN 435 ? 1_555 CA ? F CA . ? A CA 606 ? 1_555 O   ? H HOH .  ? A HOH 703 ? 1_555 156.0 ? 
27 O   ? A THR 23 ? A THR 436 ? 1_555 CA ? F CA . ? A CA 606 ? 1_555 O   ? H HOH .  ? A HOH 703 ? 1_555 116.1 ? 
28 O   ? A ALA 26 ? A ALA 439 ? 1_555 CA ? F CA . ? A CA 606 ? 1_555 O   ? H HOH .  ? A HOH 703 ? 1_555 89.9  ? 
29 OD1 ? A ASP 43 ? A ASP 456 ? 1_555 CA ? G CA . ? A CA 607 ? 1_555 O   ? A ILE 44 ? A ILE 457 ? 1_555 79.0  ? 
30 OD1 ? A ASP 43 ? A ASP 456 ? 1_555 CA ? G CA . ? A CA 607 ? 1_555 OE1 ? A GLU 46 ? A GLU 459 ? 1_555 132.3 ? 
31 O   ? A ILE 44 ? A ILE 457 ? 1_555 CA ? G CA . ? A CA 607 ? 1_555 OE1 ? A GLU 46 ? A GLU 459 ? 1_555 63.4  ? 
32 OD1 ? A ASP 43 ? A ASP 456 ? 1_555 CA ? G CA . ? A CA 607 ? 1_555 OD1 ? A ASP 60 ? A ASP 473 ? 1_555 140.0 ? 
33 O   ? A ILE 44 ? A ILE 457 ? 1_555 CA ? G CA . ? A CA 607 ? 1_555 OD1 ? A ASP 60 ? A ASP 473 ? 1_555 89.3  ? 
34 OE1 ? A GLU 46 ? A GLU 459 ? 1_555 CA ? G CA . ? A CA 607 ? 1_555 OD1 ? A ASP 60 ? A ASP 473 ? 1_555 70.7  ? 
35 OD1 ? A ASP 43 ? A ASP 456 ? 1_555 CA ? G CA . ? A CA 607 ? 1_555 OD2 ? A ASP 60 ? A ASP 473 ? 1_555 92.0  ? 
36 O   ? A ILE 44 ? A ILE 457 ? 1_555 CA ? G CA . ? A CA 607 ? 1_555 OD2 ? A ASP 60 ? A ASP 473 ? 1_555 81.9  ? 
37 OE1 ? A GLU 46 ? A GLU 459 ? 1_555 CA ? G CA . ? A CA 607 ? 1_555 OD2 ? A ASP 60 ? A ASP 473 ? 1_555 109.4 ? 
38 OD1 ? A ASP 60 ? A ASP 473 ? 1_555 CA ? G CA . ? A CA 607 ? 1_555 OD2 ? A ASP 60 ? A ASP 473 ? 1_555 48.2  ? 
39 OD1 ? A ASP 43 ? A ASP 456 ? 1_555 CA ? G CA . ? A CA 607 ? 1_555 O   ? A LYS 61 ? A LYS 474 ? 1_555 123.6 ? 
40 O   ? A ILE 44 ? A ILE 457 ? 1_555 CA ? G CA . ? A CA 607 ? 1_555 O   ? A LYS 61 ? A LYS 474 ? 1_555 146.9 ? 
41 OE1 ? A GLU 46 ? A GLU 459 ? 1_555 CA ? G CA . ? A CA 607 ? 1_555 O   ? A LYS 61 ? A LYS 474 ? 1_555 84.2  ? 
42 OD1 ? A ASP 60 ? A ASP 473 ? 1_555 CA ? G CA . ? A CA 607 ? 1_555 O   ? A LYS 61 ? A LYS 474 ? 1_555 85.9  ? 
43 OD2 ? A ASP 60 ? A ASP 473 ? 1_555 CA ? G CA . ? A CA 607 ? 1_555 O   ? A LYS 61 ? A LYS 474 ? 1_555 117.4 ? 
44 OD1 ? A ASP 43 ? A ASP 456 ? 1_555 CA ? G CA . ? A CA 607 ? 1_555 O   ? H HOH .  ? A HOH 720 ? 1_555 68.8  ? 
45 O   ? A ILE 44 ? A ILE 457 ? 1_555 CA ? G CA . ? A CA 607 ? 1_555 O   ? H HOH .  ? A HOH 720 ? 1_555 87.8  ? 
46 OE1 ? A GLU 46 ? A GLU 459 ? 1_555 CA ? G CA . ? A CA 607 ? 1_555 O   ? H HOH .  ? A HOH 720 ? 1_555 81.0  ? 
47 OD1 ? A ASP 60 ? A ASP 473 ? 1_555 CA ? G CA . ? A CA 607 ? 1_555 O   ? H HOH .  ? A HOH 720 ? 1_555 149.5 ? 
48 OD2 ? A ASP 60 ? A ASP 473 ? 1_555 CA ? G CA . ? A CA 607 ? 1_555 O   ? H HOH .  ? A HOH 720 ? 1_555 159.7 ? 
49 O   ? A LYS 61 ? A LYS 474 ? 1_555 CA ? G CA . ? A CA 607 ? 1_555 O   ? H HOH .  ? A HOH 720 ? 1_555 80.2  ? 
50 OD1 ? A ASP 43 ? A ASP 456 ? 1_555 CA ? G CA . ? A CA 607 ? 1_555 O   ? H HOH .  ? A HOH 725 ? 1_555 77.8  ? 
51 O   ? A ILE 44 ? A ILE 457 ? 1_555 CA ? G CA . ? A CA 607 ? 1_555 O   ? H HOH .  ? A HOH 725 ? 1_555 142.2 ? 
52 OE1 ? A GLU 46 ? A GLU 459 ? 1_555 CA ? G CA . ? A CA 607 ? 1_555 O   ? H HOH .  ? A HOH 725 ? 1_555 149.2 ? 
53 OD1 ? A ASP 60 ? A ASP 473 ? 1_555 CA ? G CA . ? A CA 607 ? 1_555 O   ? H HOH .  ? A HOH 725 ? 1_555 89.7  ? 
54 OD2 ? A ASP 60 ? A ASP 473 ? 1_555 CA ? G CA . ? A CA 607 ? 1_555 O   ? H HOH .  ? A HOH 725 ? 1_555 69.6  ? 
55 O   ? A LYS 61 ? A LYS 474 ? 1_555 CA ? G CA . ? A CA 607 ? 1_555 O   ? H HOH .  ? A HOH 725 ? 1_555 70.6  ? 
56 O   ? H HOH .  ? A HOH 720 ? 1_555 CA ? G CA . ? A CA 607 ? 1_555 O   ? H HOH .  ? A HOH 725 ? 1_555 110.7 ? 
57 OE2 ? A GLU 81 ? A GLU 494 ? 1_555 CA ? E CA . ? A CA 605 ? 1_555 O   ? A ILE 82 ? A ILE 495 ? 1_555 106.7 ? 
58 OE2 ? A GLU 81 ? A GLU 494 ? 1_555 CA ? E CA . ? A CA 605 ? 1_555 OE1 ? A GLU 84 ? A GLU 497 ? 1_555 166.5 ? 
59 O   ? A ILE 82 ? A ILE 495 ? 1_555 CA ? E CA . ? A CA 605 ? 1_555 OE1 ? A GLU 84 ? A GLU 497 ? 1_555 82.9  ? 
60 OE2 ? A GLU 81 ? A GLU 494 ? 1_555 CA ? E CA . ? A CA 605 ? 1_555 OD1 ? A ASP 98 ? A ASP 511 ? 1_555 110.9 ? 
61 O   ? A ILE 82 ? A ILE 495 ? 1_555 CA ? E CA . ? A CA 605 ? 1_555 OD1 ? A ASP 98 ? A ASP 511 ? 1_555 99.3  ? 
62 OE1 ? A GLU 84 ? A GLU 497 ? 1_555 CA ? E CA . ? A CA 605 ? 1_555 OD1 ? A ASP 98 ? A ASP 511 ? 1_555 76.0  ? 
63 OE2 ? A GLU 81 ? A GLU 494 ? 1_555 CA ? E CA . ? A CA 605 ? 1_555 OD2 ? A ASP 98 ? A ASP 511 ? 1_555 78.1  ? 
64 O   ? A ILE 82 ? A ILE 495 ? 1_555 CA ? E CA . ? A CA 605 ? 1_555 OD2 ? A ASP 98 ? A ASP 511 ? 1_555 79.9  ? 
65 OE1 ? A GLU 84 ? A GLU 497 ? 1_555 CA ? E CA . ? A CA 605 ? 1_555 OD2 ? A ASP 98 ? A ASP 511 ? 1_555 113.5 ? 
66 OD1 ? A ASP 98 ? A ASP 511 ? 1_555 CA ? E CA . ? A CA 605 ? 1_555 OD2 ? A ASP 98 ? A ASP 511 ? 1_555 45.2  ? 
67 OE2 ? A GLU 81 ? A GLU 494 ? 1_555 CA ? E CA . ? A CA 605 ? 1_555 O   ? A LYS 99 ? A LYS 512 ? 1_555 79.3  ? 
68 O   ? A ILE 82 ? A ILE 495 ? 1_555 CA ? E CA . ? A CA 605 ? 1_555 O   ? A LYS 99 ? A LYS 512 ? 1_555 170.2 ? 
69 OE1 ? A GLU 84 ? A GLU 497 ? 1_555 CA ? E CA . ? A CA 605 ? 1_555 O   ? A LYS 99 ? A LYS 512 ? 1_555 90.0  ? 
70 OD1 ? A ASP 98 ? A ASP 511 ? 1_555 CA ? E CA . ? A CA 605 ? 1_555 O   ? A LYS 99 ? A LYS 512 ? 1_555 85.4  ? 
71 OD2 ? A ASP 98 ? A ASP 511 ? 1_555 CA ? E CA . ? A CA 605 ? 1_555 O   ? A LYS 99 ? A LYS 512 ? 1_555 109.2 ? 
72 OE2 ? A GLU 81 ? A GLU 494 ? 1_555 CA ? E CA . ? A CA 605 ? 1_555 O   ? H HOH .  ? A HOH 726 ? 1_555 92.4  ? 
73 O   ? A ILE 82 ? A ILE 495 ? 1_555 CA ? E CA . ? A CA 605 ? 1_555 O   ? H HOH .  ? A HOH 726 ? 1_555 78.5  ? 
74 OE1 ? A GLU 84 ? A GLU 497 ? 1_555 CA ? E CA . ? A CA 605 ? 1_555 O   ? H HOH .  ? A HOH 726 ? 1_555 80.0  ? 
75 OD1 ? A ASP 98 ? A ASP 511 ? 1_555 CA ? E CA . ? A CA 605 ? 1_555 O   ? H HOH .  ? A HOH 726 ? 1_555 155.9 ? 
76 OD2 ? A ASP 98 ? A ASP 511 ? 1_555 CA ? E CA . ? A CA 605 ? 1_555 O   ? H HOH .  ? A HOH 726 ? 1_555 152.8 ? 
77 O   ? A LYS 99 ? A LYS 512 ? 1_555 CA ? E CA . ? A CA 605 ? 1_555 O   ? H HOH .  ? A HOH 726 ? 1_555 93.7  ? 
# 
loop_
_pdbx_modification_feature.ordinal 
_pdbx_modification_feature.label_comp_id 
_pdbx_modification_feature.label_asym_id 
_pdbx_modification_feature.label_seq_id 
_pdbx_modification_feature.label_alt_id 
_pdbx_modification_feature.modified_residue_label_comp_id 
_pdbx_modification_feature.modified_residue_label_asym_id 
_pdbx_modification_feature.modified_residue_label_seq_id 
_pdbx_modification_feature.modified_residue_label_alt_id 
_pdbx_modification_feature.auth_comp_id 
_pdbx_modification_feature.auth_asym_id 
_pdbx_modification_feature.auth_seq_id 
_pdbx_modification_feature.PDB_ins_code 
_pdbx_modification_feature.symmetry 
_pdbx_modification_feature.modified_residue_auth_comp_id 
_pdbx_modification_feature.modified_residue_auth_asym_id 
_pdbx_modification_feature.modified_residue_auth_seq_id 
_pdbx_modification_feature.modified_residue_PDB_ins_code 
_pdbx_modification_feature.modified_residue_symmetry 
_pdbx_modification_feature.comp_id_linking_atom 
_pdbx_modification_feature.modified_residue_id_linking_atom 
_pdbx_modification_feature.modified_residue_id 
_pdbx_modification_feature.ref_pcm_id 
_pdbx_modification_feature.ref_comp_id 
_pdbx_modification_feature.type 
_pdbx_modification_feature.category 
1  BGC B .   ? SER A 49  ? BGC B 1   ? 1_555 SER A 462 ? 1_555 C1 OG  SER 3 BGC O-Glycosylation Carbohydrate       
2  FUC C .   ? THR A 57  ? FUC A 603 ? 1_555 THR A 470 ? 1_555 C1 OG1 THR 2 FUC O-Glycosylation Carbohydrate       
3  BGC D .   ? SER A 87  ? BGC A 604 ? 1_555 SER A 500 ? 1_555 C1 OG  SER 3 BGC O-Glycosylation Carbohydrate       
4  CYS A 6   ? CYS A 20  ? CYS A 419 ? 1_555 CYS A 433 ? 1_555 SG SG  .   . .   None            'Disulfide bridge' 
5  CYS A 14  ? CYS A 29  ? CYS A 427 ? 1_555 CYS A 442 ? 1_555 SG SG  .   . .   None            'Disulfide bridge' 
6  CYS A 31  ? CYS A 40  ? CYS A 444 ? 1_555 CYS A 453 ? 1_555 SG SG  .   . .   None            'Disulfide bridge' 
7  CYS A 47  ? CYS A 58  ? CYS A 460 ? 1_555 CYS A 471 ? 1_555 SG SG  .   . .   None            'Disulfide bridge' 
8  CYS A 52  ? CYS A 67  ? CYS A 465 ? 1_555 CYS A 480 ? 1_555 SG SG  .   . .   None            'Disulfide bridge' 
9  CYS A 69  ? CYS A 78  ? CYS A 482 ? 1_555 CYS A 491 ? 1_555 SG SG  .   . .   None            'Disulfide bridge' 
10 CYS A 85  ? CYS A 96  ? CYS A 498 ? 1_555 CYS A 509 ? 1_555 SG SG  .   . .   None            'Disulfide bridge' 
11 CYS A 90  ? CYS A 105 ? CYS A 503 ? 1_555 CYS A 518 ? 1_555 SG SG  .   . .   None            'Disulfide bridge' 
12 CYS A 107 ? CYS A 116 ? CYS A 520 ? 1_555 CYS A 529 ? 1_555 SG SG  .   . .   None            'Disulfide bridge' 
# 
loop_
_struct_sheet.id 
_struct_sheet.type 
_struct_sheet.number_strands 
_struct_sheet.details 
AA1 ? 2 ? 
AA2 ? 2 ? 
AA3 ? 2 ? 
AA4 ? 2 ? 
AA5 ? 2 ? 
# 
loop_
_struct_sheet_order.sheet_id 
_struct_sheet_order.range_id_1 
_struct_sheet_order.range_id_2 
_struct_sheet_order.offset 
_struct_sheet_order.sense 
AA1 1 2 ? anti-parallel 
AA2 1 2 ? anti-parallel 
AA3 1 2 ? anti-parallel 
AA4 1 2 ? anti-parallel 
AA5 1 2 ? anti-parallel 
# 
loop_
_struct_sheet_range.sheet_id 
_struct_sheet_range.id 
_struct_sheet_range.beg_label_comp_id 
_struct_sheet_range.beg_label_asym_id 
_struct_sheet_range.beg_label_seq_id 
_struct_sheet_range.pdbx_beg_PDB_ins_code 
_struct_sheet_range.end_label_comp_id 
_struct_sheet_range.end_label_asym_id 
_struct_sheet_range.end_label_seq_id 
_struct_sheet_range.pdbx_end_PDB_ins_code 
_struct_sheet_range.beg_auth_comp_id 
_struct_sheet_range.beg_auth_asym_id 
_struct_sheet_range.beg_auth_seq_id 
_struct_sheet_range.end_auth_comp_id 
_struct_sheet_range.end_auth_asym_id 
_struct_sheet_range.end_auth_seq_id 
AA1 1 LYS A 19  ? THR A 23  ? LYS A 432 THR A 436 
AA1 2 ALA A 26  ? GLU A 30  ? ALA A 439 GLU A 443 
AA2 1 TYR A 35  ? ALA A 36  ? TYR A 448 ALA A 449 
AA2 2 MET A 42  ? ASP A 43  ? MET A 455 ASP A 456 
AA3 1 THR A 57  ? LYS A 61  ? THR A 470 LYS A 474 
AA3 2 GLY A 64  ? LEU A 68  ? GLY A 477 LEU A 481 
AA4 1 PHE A 73  ? LYS A 74  ? PHE A 486 LYS A 487 
AA4 2 LEU A 80  ? GLU A 81  ? LEU A 493 GLU A 494 
AA5 1 GLN A 95  ? LYS A 99  ? GLN A 508 LYS A 512 
AA5 2 ARG A 102 ? LEU A 106 ? ARG A 515 LEU A 519 
# 
loop_
_pdbx_struct_sheet_hbond.sheet_id 
_pdbx_struct_sheet_hbond.range_id_1 
_pdbx_struct_sheet_hbond.range_id_2 
_pdbx_struct_sheet_hbond.range_1_label_atom_id 
_pdbx_struct_sheet_hbond.range_1_label_comp_id 
_pdbx_struct_sheet_hbond.range_1_label_asym_id 
_pdbx_struct_sheet_hbond.range_1_label_seq_id 
_pdbx_struct_sheet_hbond.range_1_PDB_ins_code 
_pdbx_struct_sheet_hbond.range_1_auth_atom_id 
_pdbx_struct_sheet_hbond.range_1_auth_comp_id 
_pdbx_struct_sheet_hbond.range_1_auth_asym_id 
_pdbx_struct_sheet_hbond.range_1_auth_seq_id 
_pdbx_struct_sheet_hbond.range_2_label_atom_id 
_pdbx_struct_sheet_hbond.range_2_label_comp_id 
_pdbx_struct_sheet_hbond.range_2_label_asym_id 
_pdbx_struct_sheet_hbond.range_2_label_seq_id 
_pdbx_struct_sheet_hbond.range_2_PDB_ins_code 
_pdbx_struct_sheet_hbond.range_2_auth_atom_id 
_pdbx_struct_sheet_hbond.range_2_auth_comp_id 
_pdbx_struct_sheet_hbond.range_2_auth_asym_id 
_pdbx_struct_sheet_hbond.range_2_auth_seq_id 
AA1 1 2 N VAL A 21 ? N VAL A 434 O HIS A 28  ? O HIS A 441 
AA2 1 2 N ALA A 36 ? N ALA A 449 O MET A 42  ? O MET A 455 
AA3 1 2 N LEU A 59 ? N LEU A 472 O THR A 66  ? O THR A 479 
AA4 1 2 N LYS A 74 ? N LYS A 487 O LEU A 80  ? O LEU A 493 
AA5 1 2 N GLN A 95 ? N GLN A 508 O LEU A 106 ? O LEU A 519 
# 
_pdbx_entry_details.entry_id                   5MWB 
_pdbx_entry_details.compound_details           ? 
_pdbx_entry_details.source_details             ? 
_pdbx_entry_details.nonpolymer_details         ? 
_pdbx_entry_details.sequence_details           ? 
_pdbx_entry_details.has_ligand_of_interest     ? 
_pdbx_entry_details.has_protein_modification   Y 
# 
loop_
_pdbx_validate_close_contact.id 
_pdbx_validate_close_contact.PDB_model_num 
_pdbx_validate_close_contact.auth_atom_id_1 
_pdbx_validate_close_contact.auth_asym_id_1 
_pdbx_validate_close_contact.auth_comp_id_1 
_pdbx_validate_close_contact.auth_seq_id_1 
_pdbx_validate_close_contact.PDB_ins_code_1 
_pdbx_validate_close_contact.label_alt_id_1 
_pdbx_validate_close_contact.auth_atom_id_2 
_pdbx_validate_close_contact.auth_asym_id_2 
_pdbx_validate_close_contact.auth_comp_id_2 
_pdbx_validate_close_contact.auth_seq_id_2 
_pdbx_validate_close_contact.PDB_ins_code_2 
_pdbx_validate_close_contact.label_alt_id_2 
_pdbx_validate_close_contact.dist 
1 1 O3 B BGC 1   ? ? O5 B XYP 2   ? ? 2.02 
2 1 O  A HOH 771 ? ? O  A HOH 796 ? ? 2.19 
# 
_pdbx_validate_symm_contact.id                1 
_pdbx_validate_symm_contact.PDB_model_num     1 
_pdbx_validate_symm_contact.auth_atom_id_1    O 
_pdbx_validate_symm_contact.auth_asym_id_1    A 
_pdbx_validate_symm_contact.auth_comp_id_1    HOH 
_pdbx_validate_symm_contact.auth_seq_id_1     744 
_pdbx_validate_symm_contact.PDB_ins_code_1    ? 
_pdbx_validate_symm_contact.label_alt_id_1    ? 
_pdbx_validate_symm_contact.site_symmetry_1   1_555 
_pdbx_validate_symm_contact.auth_atom_id_2    O 
_pdbx_validate_symm_contact.auth_asym_id_2    A 
_pdbx_validate_symm_contact.auth_comp_id_2    HOH 
_pdbx_validate_symm_contact.auth_seq_id_2     798 
_pdbx_validate_symm_contact.PDB_ins_code_2    ? 
_pdbx_validate_symm_contact.label_alt_id_2    ? 
_pdbx_validate_symm_contact.site_symmetry_2   1_455 
_pdbx_validate_symm_contact.dist              2.19 
# 
_pdbx_validate_torsion.id              1 
_pdbx_validate_torsion.PDB_model_num   1 
_pdbx_validate_torsion.auth_comp_id    ALA 
_pdbx_validate_torsion.auth_asym_id    A 
_pdbx_validate_torsion.auth_seq_id     439 
_pdbx_validate_torsion.PDB_ins_code    ? 
_pdbx_validate_torsion.label_alt_id    ? 
_pdbx_validate_torsion.phi             -160.53 
_pdbx_validate_torsion.psi             -148.81 
# 
loop_
_pdbx_unobs_or_zero_occ_residues.id 
_pdbx_unobs_or_zero_occ_residues.PDB_model_num 
_pdbx_unobs_or_zero_occ_residues.polymer_flag 
_pdbx_unobs_or_zero_occ_residues.occupancy_flag 
_pdbx_unobs_or_zero_occ_residues.auth_asym_id 
_pdbx_unobs_or_zero_occ_residues.auth_comp_id 
_pdbx_unobs_or_zero_occ_residues.auth_seq_id 
_pdbx_unobs_or_zero_occ_residues.PDB_ins_code 
_pdbx_unobs_or_zero_occ_residues.label_asym_id 
_pdbx_unobs_or_zero_occ_residues.label_comp_id 
_pdbx_unobs_or_zero_occ_residues.label_seq_id 
1  1 Y 1 A GLU 414 ? A GLU 1   
2  1 Y 1 A GLY 533 ? A GLY 120 
3  1 Y 1 A SER 534 ? A SER 121 
4  1 Y 1 A GLY 535 ? A GLY 122 
5  1 Y 1 A LEU 536 ? A LEU 123 
6  1 Y 1 A GLU 537 ? A GLU 124 
7  1 Y 1 A VAL 538 ? A VAL 125 
8  1 Y 1 A LEU 539 ? A LEU 126 
9  1 Y 1 A PHE 540 ? A PHE 127 
10 1 Y 1 A GLN 541 ? A GLN 128 
11 1 Y 1 A GLY 542 ? A GLY 129 
12 1 Y 1 A PRO 543 ? A PRO 130 
13 1 Y 1 A GLY 544 ? A GLY 131 
14 1 Y 1 A SER 545 ? A SER 132 
15 1 Y 1 A LEU 546 ? A LEU 133 
16 1 Y 1 A HIS 547 ? A HIS 134 
17 1 Y 1 A HIS 548 ? A HIS 135 
18 1 Y 1 A ILE 549 ? A ILE 136 
19 1 Y 1 A LEU 550 ? A LEU 137 
20 1 Y 1 A ASP 551 ? A ASP 138 
21 1 Y 1 A ALA 552 ? A ALA 139 
22 1 Y 1 A GLN 553 ? A GLN 140 
23 1 Y 1 A LYS 554 ? A LYS 141 
24 1 Y 1 A MET 555 ? A MET 142 
25 1 Y 1 A VAL 556 ? A VAL 143 
26 1 Y 1 A TRP 557 ? A TRP 144 
27 1 Y 1 A ASN 558 ? A ASN 145 
28 1 Y 1 A HIS 559 ? A HIS 146 
29 1 Y 1 A ARG 560 ? A ARG 147 
30 1 Y 1 A GLY 561 ? A GLY 148 
31 1 Y 1 A HIS 562 ? A HIS 149 
32 1 Y 1 A HIS 563 ? A HIS 150 
33 1 Y 1 A HIS 564 ? A HIS 151 
34 1 Y 1 A HIS 565 ? A HIS 152 
35 1 Y 1 A HIS 566 ? A HIS 153 
36 1 Y 1 A HIS 567 ? A HIS 154 
37 1 Y 1 A HIS 568 ? A HIS 155 
38 1 Y 1 A HIS 569 ? A HIS 156 
# 
loop_
_chem_comp_atom.comp_id 
_chem_comp_atom.atom_id 
_chem_comp_atom.type_symbol 
_chem_comp_atom.pdbx_aromatic_flag 
_chem_comp_atom.pdbx_stereo_config 
_chem_comp_atom.pdbx_ordinal 
ALA N    N  N N 1   
ALA CA   C  N S 2   
ALA C    C  N N 3   
ALA O    O  N N 4   
ALA CB   C  N N 5   
ALA OXT  O  N N 6   
ALA H    H  N N 7   
ALA H2   H  N N 8   
ALA HA   H  N N 9   
ALA HB1  H  N N 10  
ALA HB2  H  N N 11  
ALA HB3  H  N N 12  
ALA HXT  H  N N 13  
ARG N    N  N N 14  
ARG CA   C  N S 15  
ARG C    C  N N 16  
ARG O    O  N N 17  
ARG CB   C  N N 18  
ARG CG   C  N N 19  
ARG CD   C  N N 20  
ARG NE   N  N N 21  
ARG CZ   C  N N 22  
ARG NH1  N  N N 23  
ARG NH2  N  N N 24  
ARG OXT  O  N N 25  
ARG H    H  N N 26  
ARG H2   H  N N 27  
ARG HA   H  N N 28  
ARG HB2  H  N N 29  
ARG HB3  H  N N 30  
ARG HG2  H  N N 31  
ARG HG3  H  N N 32  
ARG HD2  H  N N 33  
ARG HD3  H  N N 34  
ARG HE   H  N N 35  
ARG HH11 H  N N 36  
ARG HH12 H  N N 37  
ARG HH21 H  N N 38  
ARG HH22 H  N N 39  
ARG HXT  H  N N 40  
ASN N    N  N N 41  
ASN CA   C  N S 42  
ASN C    C  N N 43  
ASN O    O  N N 44  
ASN CB   C  N N 45  
ASN CG   C  N N 46  
ASN OD1  O  N N 47  
ASN ND2  N  N N 48  
ASN OXT  O  N N 49  
ASN H    H  N N 50  
ASN H2   H  N N 51  
ASN HA   H  N N 52  
ASN HB2  H  N N 53  
ASN HB3  H  N N 54  
ASN HD21 H  N N 55  
ASN HD22 H  N N 56  
ASN HXT  H  N N 57  
ASP N    N  N N 58  
ASP CA   C  N S 59  
ASP C    C  N N 60  
ASP O    O  N N 61  
ASP CB   C  N N 62  
ASP CG   C  N N 63  
ASP OD1  O  N N 64  
ASP OD2  O  N N 65  
ASP OXT  O  N N 66  
ASP H    H  N N 67  
ASP H2   H  N N 68  
ASP HA   H  N N 69  
ASP HB2  H  N N 70  
ASP HB3  H  N N 71  
ASP HD2  H  N N 72  
ASP HXT  H  N N 73  
BGC C2   C  N R 74  
BGC C3   C  N S 75  
BGC C4   C  N S 76  
BGC C5   C  N R 77  
BGC C6   C  N N 78  
BGC C1   C  N R 79  
BGC O1   O  N N 80  
BGC O2   O  N N 81  
BGC O3   O  N N 82  
BGC O4   O  N N 83  
BGC O5   O  N N 84  
BGC O6   O  N N 85  
BGC H2   H  N N 86  
BGC H3   H  N N 87  
BGC H4   H  N N 88  
BGC H5   H  N N 89  
BGC H61  H  N N 90  
BGC H62  H  N N 91  
BGC H1   H  N N 92  
BGC HO1  H  N N 93  
BGC HO2  H  N N 94  
BGC HO3  H  N N 95  
BGC HO4  H  N N 96  
BGC HO6  H  N N 97  
CA  CA   CA N N 98  
CYS N    N  N N 99  
CYS CA   C  N R 100 
CYS C    C  N N 101 
CYS O    O  N N 102 
CYS CB   C  N N 103 
CYS SG   S  N N 104 
CYS OXT  O  N N 105 
CYS H    H  N N 106 
CYS H2   H  N N 107 
CYS HA   H  N N 108 
CYS HB2  H  N N 109 
CYS HB3  H  N N 110 
CYS HG   H  N N 111 
CYS HXT  H  N N 112 
FUC C1   C  N R 113 
FUC C2   C  N S 114 
FUC C3   C  N R 115 
FUC C4   C  N S 116 
FUC C5   C  N S 117 
FUC C6   C  N N 118 
FUC O1   O  N N 119 
FUC O2   O  N N 120 
FUC O3   O  N N 121 
FUC O4   O  N N 122 
FUC O5   O  N N 123 
FUC H1   H  N N 124 
FUC H2   H  N N 125 
FUC H3   H  N N 126 
FUC H4   H  N N 127 
FUC H5   H  N N 128 
FUC H61  H  N N 129 
FUC H62  H  N N 130 
FUC H63  H  N N 131 
FUC HO1  H  N N 132 
FUC HO2  H  N N 133 
FUC HO3  H  N N 134 
FUC HO4  H  N N 135 
GLN N    N  N N 136 
GLN CA   C  N S 137 
GLN C    C  N N 138 
GLN O    O  N N 139 
GLN CB   C  N N 140 
GLN CG   C  N N 141 
GLN CD   C  N N 142 
GLN OE1  O  N N 143 
GLN NE2  N  N N 144 
GLN OXT  O  N N 145 
GLN H    H  N N 146 
GLN H2   H  N N 147 
GLN HA   H  N N 148 
GLN HB2  H  N N 149 
GLN HB3  H  N N 150 
GLN HG2  H  N N 151 
GLN HG3  H  N N 152 
GLN HE21 H  N N 153 
GLN HE22 H  N N 154 
GLN HXT  H  N N 155 
GLU N    N  N N 156 
GLU CA   C  N S 157 
GLU C    C  N N 158 
GLU O    O  N N 159 
GLU CB   C  N N 160 
GLU CG   C  N N 161 
GLU CD   C  N N 162 
GLU OE1  O  N N 163 
GLU OE2  O  N N 164 
GLU OXT  O  N N 165 
GLU H    H  N N 166 
GLU H2   H  N N 167 
GLU HA   H  N N 168 
GLU HB2  H  N N 169 
GLU HB3  H  N N 170 
GLU HG2  H  N N 171 
GLU HG3  H  N N 172 
GLU HE2  H  N N 173 
GLU HXT  H  N N 174 
GLY N    N  N N 175 
GLY CA   C  N N 176 
GLY C    C  N N 177 
GLY O    O  N N 178 
GLY OXT  O  N N 179 
GLY H    H  N N 180 
GLY H2   H  N N 181 
GLY HA2  H  N N 182 
GLY HA3  H  N N 183 
GLY HXT  H  N N 184 
HIS N    N  N N 185 
HIS CA   C  N S 186 
HIS C    C  N N 187 
HIS O    O  N N 188 
HIS CB   C  N N 189 
HIS CG   C  Y N 190 
HIS ND1  N  Y N 191 
HIS CD2  C  Y N 192 
HIS CE1  C  Y N 193 
HIS NE2  N  Y N 194 
HIS OXT  O  N N 195 
HIS H    H  N N 196 
HIS H2   H  N N 197 
HIS HA   H  N N 198 
HIS HB2  H  N N 199 
HIS HB3  H  N N 200 
HIS HD1  H  N N 201 
HIS HD2  H  N N 202 
HIS HE1  H  N N 203 
HIS HE2  H  N N 204 
HIS HXT  H  N N 205 
HOH O    O  N N 206 
HOH H1   H  N N 207 
HOH H2   H  N N 208 
ILE N    N  N N 209 
ILE CA   C  N S 210 
ILE C    C  N N 211 
ILE O    O  N N 212 
ILE CB   C  N S 213 
ILE CG1  C  N N 214 
ILE CG2  C  N N 215 
ILE CD1  C  N N 216 
ILE OXT  O  N N 217 
ILE H    H  N N 218 
ILE H2   H  N N 219 
ILE HA   H  N N 220 
ILE HB   H  N N 221 
ILE HG12 H  N N 222 
ILE HG13 H  N N 223 
ILE HG21 H  N N 224 
ILE HG22 H  N N 225 
ILE HG23 H  N N 226 
ILE HD11 H  N N 227 
ILE HD12 H  N N 228 
ILE HD13 H  N N 229 
ILE HXT  H  N N 230 
LEU N    N  N N 231 
LEU CA   C  N S 232 
LEU C    C  N N 233 
LEU O    O  N N 234 
LEU CB   C  N N 235 
LEU CG   C  N N 236 
LEU CD1  C  N N 237 
LEU CD2  C  N N 238 
LEU OXT  O  N N 239 
LEU H    H  N N 240 
LEU H2   H  N N 241 
LEU HA   H  N N 242 
LEU HB2  H  N N 243 
LEU HB3  H  N N 244 
LEU HG   H  N N 245 
LEU HD11 H  N N 246 
LEU HD12 H  N N 247 
LEU HD13 H  N N 248 
LEU HD21 H  N N 249 
LEU HD22 H  N N 250 
LEU HD23 H  N N 251 
LEU HXT  H  N N 252 
LYS N    N  N N 253 
LYS CA   C  N S 254 
LYS C    C  N N 255 
LYS O    O  N N 256 
LYS CB   C  N N 257 
LYS CG   C  N N 258 
LYS CD   C  N N 259 
LYS CE   C  N N 260 
LYS NZ   N  N N 261 
LYS OXT  O  N N 262 
LYS H    H  N N 263 
LYS H2   H  N N 264 
LYS HA   H  N N 265 
LYS HB2  H  N N 266 
LYS HB3  H  N N 267 
LYS HG2  H  N N 268 
LYS HG3  H  N N 269 
LYS HD2  H  N N 270 
LYS HD3  H  N N 271 
LYS HE2  H  N N 272 
LYS HE3  H  N N 273 
LYS HZ1  H  N N 274 
LYS HZ2  H  N N 275 
LYS HZ3  H  N N 276 
LYS HXT  H  N N 277 
MET N    N  N N 278 
MET CA   C  N S 279 
MET C    C  N N 280 
MET O    O  N N 281 
MET CB   C  N N 282 
MET CG   C  N N 283 
MET SD   S  N N 284 
MET CE   C  N N 285 
MET OXT  O  N N 286 
MET H    H  N N 287 
MET H2   H  N N 288 
MET HA   H  N N 289 
MET HB2  H  N N 290 
MET HB3  H  N N 291 
MET HG2  H  N N 292 
MET HG3  H  N N 293 
MET HE1  H  N N 294 
MET HE2  H  N N 295 
MET HE3  H  N N 296 
MET HXT  H  N N 297 
PHE N    N  N N 298 
PHE CA   C  N S 299 
PHE C    C  N N 300 
PHE O    O  N N 301 
PHE CB   C  N N 302 
PHE CG   C  Y N 303 
PHE CD1  C  Y N 304 
PHE CD2  C  Y N 305 
PHE CE1  C  Y N 306 
PHE CE2  C  Y N 307 
PHE CZ   C  Y N 308 
PHE OXT  O  N N 309 
PHE H    H  N N 310 
PHE H2   H  N N 311 
PHE HA   H  N N 312 
PHE HB2  H  N N 313 
PHE HB3  H  N N 314 
PHE HD1  H  N N 315 
PHE HD2  H  N N 316 
PHE HE1  H  N N 317 
PHE HE2  H  N N 318 
PHE HZ   H  N N 319 
PHE HXT  H  N N 320 
PRO N    N  N N 321 
PRO CA   C  N S 322 
PRO C    C  N N 323 
PRO O    O  N N 324 
PRO CB   C  N N 325 
PRO CG   C  N N 326 
PRO CD   C  N N 327 
PRO OXT  O  N N 328 
PRO H    H  N N 329 
PRO HA   H  N N 330 
PRO HB2  H  N N 331 
PRO HB3  H  N N 332 
PRO HG2  H  N N 333 
PRO HG3  H  N N 334 
PRO HD2  H  N N 335 
PRO HD3  H  N N 336 
PRO HXT  H  N N 337 
SER N    N  N N 338 
SER CA   C  N S 339 
SER C    C  N N 340 
SER O    O  N N 341 
SER CB   C  N N 342 
SER OG   O  N N 343 
SER OXT  O  N N 344 
SER H    H  N N 345 
SER H2   H  N N 346 
SER HA   H  N N 347 
SER HB2  H  N N 348 
SER HB3  H  N N 349 
SER HG   H  N N 350 
SER HXT  H  N N 351 
THR N    N  N N 352 
THR CA   C  N S 353 
THR C    C  N N 354 
THR O    O  N N 355 
THR CB   C  N R 356 
THR OG1  O  N N 357 
THR CG2  C  N N 358 
THR OXT  O  N N 359 
THR H    H  N N 360 
THR H2   H  N N 361 
THR HA   H  N N 362 
THR HB   H  N N 363 
THR HG1  H  N N 364 
THR HG21 H  N N 365 
THR HG22 H  N N 366 
THR HG23 H  N N 367 
THR HXT  H  N N 368 
TRP N    N  N N 369 
TRP CA   C  N S 370 
TRP C    C  N N 371 
TRP O    O  N N 372 
TRP CB   C  N N 373 
TRP CG   C  Y N 374 
TRP CD1  C  Y N 375 
TRP CD2  C  Y N 376 
TRP NE1  N  Y N 377 
TRP CE2  C  Y N 378 
TRP CE3  C  Y N 379 
TRP CZ2  C  Y N 380 
TRP CZ3  C  Y N 381 
TRP CH2  C  Y N 382 
TRP OXT  O  N N 383 
TRP H    H  N N 384 
TRP H2   H  N N 385 
TRP HA   H  N N 386 
TRP HB2  H  N N 387 
TRP HB3  H  N N 388 
TRP HD1  H  N N 389 
TRP HE1  H  N N 390 
TRP HE3  H  N N 391 
TRP HZ2  H  N N 392 
TRP HZ3  H  N N 393 
TRP HH2  H  N N 394 
TRP HXT  H  N N 395 
TYR N    N  N N 396 
TYR CA   C  N S 397 
TYR C    C  N N 398 
TYR O    O  N N 399 
TYR CB   C  N N 400 
TYR CG   C  Y N 401 
TYR CD1  C  Y N 402 
TYR CD2  C  Y N 403 
TYR CE1  C  Y N 404 
TYR CE2  C  Y N 405 
TYR CZ   C  Y N 406 
TYR OH   O  N N 407 
TYR OXT  O  N N 408 
TYR H    H  N N 409 
TYR H2   H  N N 410 
TYR HA   H  N N 411 
TYR HB2  H  N N 412 
TYR HB3  H  N N 413 
TYR HD1  H  N N 414 
TYR HD2  H  N N 415 
TYR HE1  H  N N 416 
TYR HE2  H  N N 417 
TYR HH   H  N N 418 
TYR HXT  H  N N 419 
VAL N    N  N N 420 
VAL CA   C  N S 421 
VAL C    C  N N 422 
VAL O    O  N N 423 
VAL CB   C  N N 424 
VAL CG1  C  N N 425 
VAL CG2  C  N N 426 
VAL OXT  O  N N 427 
VAL H    H  N N 428 
VAL H2   H  N N 429 
VAL HA   H  N N 430 
VAL HB   H  N N 431 
VAL HG11 H  N N 432 
VAL HG12 H  N N 433 
VAL HG13 H  N N 434 
VAL HG21 H  N N 435 
VAL HG22 H  N N 436 
VAL HG23 H  N N 437 
VAL HXT  H  N N 438 
XYP O1   O  N N 439 
XYP C1   C  N R 440 
XYP C2   C  N R 441 
XYP C3   C  N S 442 
XYP C4   C  N R 443 
XYP C5   C  N N 444 
XYP O2   O  N N 445 
XYP O3   O  N N 446 
XYP O4   O  N N 447 
XYP O5   O  N N 448 
XYP HO1  H  N N 449 
XYP H1   H  N N 450 
XYP H2   H  N N 451 
XYP H3   H  N N 452 
XYP H4   H  N N 453 
XYP H51  H  N N 454 
XYP H52  H  N N 455 
XYP HO2  H  N N 456 
XYP HO3  H  N N 457 
XYP HO4  H  N N 458 
# 
loop_
_chem_comp_bond.comp_id 
_chem_comp_bond.atom_id_1 
_chem_comp_bond.atom_id_2 
_chem_comp_bond.value_order 
_chem_comp_bond.pdbx_aromatic_flag 
_chem_comp_bond.pdbx_stereo_config 
_chem_comp_bond.pdbx_ordinal 
ALA N   CA   sing N N 1   
ALA N   H    sing N N 2   
ALA N   H2   sing N N 3   
ALA CA  C    sing N N 4   
ALA CA  CB   sing N N 5   
ALA CA  HA   sing N N 6   
ALA C   O    doub N N 7   
ALA C   OXT  sing N N 8   
ALA CB  HB1  sing N N 9   
ALA CB  HB2  sing N N 10  
ALA CB  HB3  sing N N 11  
ALA OXT HXT  sing N N 12  
ARG N   CA   sing N N 13  
ARG N   H    sing N N 14  
ARG N   H2   sing N N 15  
ARG CA  C    sing N N 16  
ARG CA  CB   sing N N 17  
ARG CA  HA   sing N N 18  
ARG C   O    doub N N 19  
ARG C   OXT  sing N N 20  
ARG CB  CG   sing N N 21  
ARG CB  HB2  sing N N 22  
ARG CB  HB3  sing N N 23  
ARG CG  CD   sing N N 24  
ARG CG  HG2  sing N N 25  
ARG CG  HG3  sing N N 26  
ARG CD  NE   sing N N 27  
ARG CD  HD2  sing N N 28  
ARG CD  HD3  sing N N 29  
ARG NE  CZ   sing N N 30  
ARG NE  HE   sing N N 31  
ARG CZ  NH1  sing N N 32  
ARG CZ  NH2  doub N N 33  
ARG NH1 HH11 sing N N 34  
ARG NH1 HH12 sing N N 35  
ARG NH2 HH21 sing N N 36  
ARG NH2 HH22 sing N N 37  
ARG OXT HXT  sing N N 38  
ASN N   CA   sing N N 39  
ASN N   H    sing N N 40  
ASN N   H2   sing N N 41  
ASN CA  C    sing N N 42  
ASN CA  CB   sing N N 43  
ASN CA  HA   sing N N 44  
ASN C   O    doub N N 45  
ASN C   OXT  sing N N 46  
ASN CB  CG   sing N N 47  
ASN CB  HB2  sing N N 48  
ASN CB  HB3  sing N N 49  
ASN CG  OD1  doub N N 50  
ASN CG  ND2  sing N N 51  
ASN ND2 HD21 sing N N 52  
ASN ND2 HD22 sing N N 53  
ASN OXT HXT  sing N N 54  
ASP N   CA   sing N N 55  
ASP N   H    sing N N 56  
ASP N   H2   sing N N 57  
ASP CA  C    sing N N 58  
ASP CA  CB   sing N N 59  
ASP CA  HA   sing N N 60  
ASP C   O    doub N N 61  
ASP C   OXT  sing N N 62  
ASP CB  CG   sing N N 63  
ASP CB  HB2  sing N N 64  
ASP CB  HB3  sing N N 65  
ASP CG  OD1  doub N N 66  
ASP CG  OD2  sing N N 67  
ASP OD2 HD2  sing N N 68  
ASP OXT HXT  sing N N 69  
BGC C2  C3   sing N N 70  
BGC C2  C1   sing N N 71  
BGC C2  O2   sing N N 72  
BGC C2  H2   sing N N 73  
BGC C3  C4   sing N N 74  
BGC C3  O3   sing N N 75  
BGC C3  H3   sing N N 76  
BGC C4  C5   sing N N 77  
BGC C4  O4   sing N N 78  
BGC C4  H4   sing N N 79  
BGC C5  C6   sing N N 80  
BGC C5  O5   sing N N 81  
BGC C5  H5   sing N N 82  
BGC C6  O6   sing N N 83  
BGC C6  H61  sing N N 84  
BGC C6  H62  sing N N 85  
BGC C1  O1   sing N N 86  
BGC C1  O5   sing N N 87  
BGC C1  H1   sing N N 88  
BGC O1  HO1  sing N N 89  
BGC O2  HO2  sing N N 90  
BGC O3  HO3  sing N N 91  
BGC O4  HO4  sing N N 92  
BGC O6  HO6  sing N N 93  
CYS N   CA   sing N N 94  
CYS N   H    sing N N 95  
CYS N   H2   sing N N 96  
CYS CA  C    sing N N 97  
CYS CA  CB   sing N N 98  
CYS CA  HA   sing N N 99  
CYS C   O    doub N N 100 
CYS C   OXT  sing N N 101 
CYS CB  SG   sing N N 102 
CYS CB  HB2  sing N N 103 
CYS CB  HB3  sing N N 104 
CYS SG  HG   sing N N 105 
CYS OXT HXT  sing N N 106 
FUC C1  C2   sing N N 107 
FUC C1  O1   sing N N 108 
FUC C1  O5   sing N N 109 
FUC C1  H1   sing N N 110 
FUC C2  C3   sing N N 111 
FUC C2  O2   sing N N 112 
FUC C2  H2   sing N N 113 
FUC C3  C4   sing N N 114 
FUC C3  O3   sing N N 115 
FUC C3  H3   sing N N 116 
FUC C4  C5   sing N N 117 
FUC C4  O4   sing N N 118 
FUC C4  H4   sing N N 119 
FUC C5  C6   sing N N 120 
FUC C5  O5   sing N N 121 
FUC C5  H5   sing N N 122 
FUC C6  H61  sing N N 123 
FUC C6  H62  sing N N 124 
FUC C6  H63  sing N N 125 
FUC O1  HO1  sing N N 126 
FUC O2  HO2  sing N N 127 
FUC O3  HO3  sing N N 128 
FUC O4  HO4  sing N N 129 
GLN N   CA   sing N N 130 
GLN N   H    sing N N 131 
GLN N   H2   sing N N 132 
GLN CA  C    sing N N 133 
GLN CA  CB   sing N N 134 
GLN CA  HA   sing N N 135 
GLN C   O    doub N N 136 
GLN C   OXT  sing N N 137 
GLN CB  CG   sing N N 138 
GLN CB  HB2  sing N N 139 
GLN CB  HB3  sing N N 140 
GLN CG  CD   sing N N 141 
GLN CG  HG2  sing N N 142 
GLN CG  HG3  sing N N 143 
GLN CD  OE1  doub N N 144 
GLN CD  NE2  sing N N 145 
GLN NE2 HE21 sing N N 146 
GLN NE2 HE22 sing N N 147 
GLN OXT HXT  sing N N 148 
GLU N   CA   sing N N 149 
GLU N   H    sing N N 150 
GLU N   H2   sing N N 151 
GLU CA  C    sing N N 152 
GLU CA  CB   sing N N 153 
GLU CA  HA   sing N N 154 
GLU C   O    doub N N 155 
GLU C   OXT  sing N N 156 
GLU CB  CG   sing N N 157 
GLU CB  HB2  sing N N 158 
GLU CB  HB3  sing N N 159 
GLU CG  CD   sing N N 160 
GLU CG  HG2  sing N N 161 
GLU CG  HG3  sing N N 162 
GLU CD  OE1  doub N N 163 
GLU CD  OE2  sing N N 164 
GLU OE2 HE2  sing N N 165 
GLU OXT HXT  sing N N 166 
GLY N   CA   sing N N 167 
GLY N   H    sing N N 168 
GLY N   H2   sing N N 169 
GLY CA  C    sing N N 170 
GLY CA  HA2  sing N N 171 
GLY CA  HA3  sing N N 172 
GLY C   O    doub N N 173 
GLY C   OXT  sing N N 174 
GLY OXT HXT  sing N N 175 
HIS N   CA   sing N N 176 
HIS N   H    sing N N 177 
HIS N   H2   sing N N 178 
HIS CA  C    sing N N 179 
HIS CA  CB   sing N N 180 
HIS CA  HA   sing N N 181 
HIS C   O    doub N N 182 
HIS C   OXT  sing N N 183 
HIS CB  CG   sing N N 184 
HIS CB  HB2  sing N N 185 
HIS CB  HB3  sing N N 186 
HIS CG  ND1  sing Y N 187 
HIS CG  CD2  doub Y N 188 
HIS ND1 CE1  doub Y N 189 
HIS ND1 HD1  sing N N 190 
HIS CD2 NE2  sing Y N 191 
HIS CD2 HD2  sing N N 192 
HIS CE1 NE2  sing Y N 193 
HIS CE1 HE1  sing N N 194 
HIS NE2 HE2  sing N N 195 
HIS OXT HXT  sing N N 196 
HOH O   H1   sing N N 197 
HOH O   H2   sing N N 198 
ILE N   CA   sing N N 199 
ILE N   H    sing N N 200 
ILE N   H2   sing N N 201 
ILE CA  C    sing N N 202 
ILE CA  CB   sing N N 203 
ILE CA  HA   sing N N 204 
ILE C   O    doub N N 205 
ILE C   OXT  sing N N 206 
ILE CB  CG1  sing N N 207 
ILE CB  CG2  sing N N 208 
ILE CB  HB   sing N N 209 
ILE CG1 CD1  sing N N 210 
ILE CG1 HG12 sing N N 211 
ILE CG1 HG13 sing N N 212 
ILE CG2 HG21 sing N N 213 
ILE CG2 HG22 sing N N 214 
ILE CG2 HG23 sing N N 215 
ILE CD1 HD11 sing N N 216 
ILE CD1 HD12 sing N N 217 
ILE CD1 HD13 sing N N 218 
ILE OXT HXT  sing N N 219 
LEU N   CA   sing N N 220 
LEU N   H    sing N N 221 
LEU N   H2   sing N N 222 
LEU CA  C    sing N N 223 
LEU CA  CB   sing N N 224 
LEU CA  HA   sing N N 225 
LEU C   O    doub N N 226 
LEU C   OXT  sing N N 227 
LEU CB  CG   sing N N 228 
LEU CB  HB2  sing N N 229 
LEU CB  HB3  sing N N 230 
LEU CG  CD1  sing N N 231 
LEU CG  CD2  sing N N 232 
LEU CG  HG   sing N N 233 
LEU CD1 HD11 sing N N 234 
LEU CD1 HD12 sing N N 235 
LEU CD1 HD13 sing N N 236 
LEU CD2 HD21 sing N N 237 
LEU CD2 HD22 sing N N 238 
LEU CD2 HD23 sing N N 239 
LEU OXT HXT  sing N N 240 
LYS N   CA   sing N N 241 
LYS N   H    sing N N 242 
LYS N   H2   sing N N 243 
LYS CA  C    sing N N 244 
LYS CA  CB   sing N N 245 
LYS CA  HA   sing N N 246 
LYS C   O    doub N N 247 
LYS C   OXT  sing N N 248 
LYS CB  CG   sing N N 249 
LYS CB  HB2  sing N N 250 
LYS CB  HB3  sing N N 251 
LYS CG  CD   sing N N 252 
LYS CG  HG2  sing N N 253 
LYS CG  HG3  sing N N 254 
LYS CD  CE   sing N N 255 
LYS CD  HD2  sing N N 256 
LYS CD  HD3  sing N N 257 
LYS CE  NZ   sing N N 258 
LYS CE  HE2  sing N N 259 
LYS CE  HE3  sing N N 260 
LYS NZ  HZ1  sing N N 261 
LYS NZ  HZ2  sing N N 262 
LYS NZ  HZ3  sing N N 263 
LYS OXT HXT  sing N N 264 
MET N   CA   sing N N 265 
MET N   H    sing N N 266 
MET N   H2   sing N N 267 
MET CA  C    sing N N 268 
MET CA  CB   sing N N 269 
MET CA  HA   sing N N 270 
MET C   O    doub N N 271 
MET C   OXT  sing N N 272 
MET CB  CG   sing N N 273 
MET CB  HB2  sing N N 274 
MET CB  HB3  sing N N 275 
MET CG  SD   sing N N 276 
MET CG  HG2  sing N N 277 
MET CG  HG3  sing N N 278 
MET SD  CE   sing N N 279 
MET CE  HE1  sing N N 280 
MET CE  HE2  sing N N 281 
MET CE  HE3  sing N N 282 
MET OXT HXT  sing N N 283 
PHE N   CA   sing N N 284 
PHE N   H    sing N N 285 
PHE N   H2   sing N N 286 
PHE CA  C    sing N N 287 
PHE CA  CB   sing N N 288 
PHE CA  HA   sing N N 289 
PHE C   O    doub N N 290 
PHE C   OXT  sing N N 291 
PHE CB  CG   sing N N 292 
PHE CB  HB2  sing N N 293 
PHE CB  HB3  sing N N 294 
PHE CG  CD1  doub Y N 295 
PHE CG  CD2  sing Y N 296 
PHE CD1 CE1  sing Y N 297 
PHE CD1 HD1  sing N N 298 
PHE CD2 CE2  doub Y N 299 
PHE CD2 HD2  sing N N 300 
PHE CE1 CZ   doub Y N 301 
PHE CE1 HE1  sing N N 302 
PHE CE2 CZ   sing Y N 303 
PHE CE2 HE2  sing N N 304 
PHE CZ  HZ   sing N N 305 
PHE OXT HXT  sing N N 306 
PRO N   CA   sing N N 307 
PRO N   CD   sing N N 308 
PRO N   H    sing N N 309 
PRO CA  C    sing N N 310 
PRO CA  CB   sing N N 311 
PRO CA  HA   sing N N 312 
PRO C   O    doub N N 313 
PRO C   OXT  sing N N 314 
PRO CB  CG   sing N N 315 
PRO CB  HB2  sing N N 316 
PRO CB  HB3  sing N N 317 
PRO CG  CD   sing N N 318 
PRO CG  HG2  sing N N 319 
PRO CG  HG3  sing N N 320 
PRO CD  HD2  sing N N 321 
PRO CD  HD3  sing N N 322 
PRO OXT HXT  sing N N 323 
SER N   CA   sing N N 324 
SER N   H    sing N N 325 
SER N   H2   sing N N 326 
SER CA  C    sing N N 327 
SER CA  CB   sing N N 328 
SER CA  HA   sing N N 329 
SER C   O    doub N N 330 
SER C   OXT  sing N N 331 
SER CB  OG   sing N N 332 
SER CB  HB2  sing N N 333 
SER CB  HB3  sing N N 334 
SER OG  HG   sing N N 335 
SER OXT HXT  sing N N 336 
THR N   CA   sing N N 337 
THR N   H    sing N N 338 
THR N   H2   sing N N 339 
THR CA  C    sing N N 340 
THR CA  CB   sing N N 341 
THR CA  HA   sing N N 342 
THR C   O    doub N N 343 
THR C   OXT  sing N N 344 
THR CB  OG1  sing N N 345 
THR CB  CG2  sing N N 346 
THR CB  HB   sing N N 347 
THR OG1 HG1  sing N N 348 
THR CG2 HG21 sing N N 349 
THR CG2 HG22 sing N N 350 
THR CG2 HG23 sing N N 351 
THR OXT HXT  sing N N 352 
TRP N   CA   sing N N 353 
TRP N   H    sing N N 354 
TRP N   H2   sing N N 355 
TRP CA  C    sing N N 356 
TRP CA  CB   sing N N 357 
TRP CA  HA   sing N N 358 
TRP C   O    doub N N 359 
TRP C   OXT  sing N N 360 
TRP CB  CG   sing N N 361 
TRP CB  HB2  sing N N 362 
TRP CB  HB3  sing N N 363 
TRP CG  CD1  doub Y N 364 
TRP CG  CD2  sing Y N 365 
TRP CD1 NE1  sing Y N 366 
TRP CD1 HD1  sing N N 367 
TRP CD2 CE2  doub Y N 368 
TRP CD2 CE3  sing Y N 369 
TRP NE1 CE2  sing Y N 370 
TRP NE1 HE1  sing N N 371 
TRP CE2 CZ2  sing Y N 372 
TRP CE3 CZ3  doub Y N 373 
TRP CE3 HE3  sing N N 374 
TRP CZ2 CH2  doub Y N 375 
TRP CZ2 HZ2  sing N N 376 
TRP CZ3 CH2  sing Y N 377 
TRP CZ3 HZ3  sing N N 378 
TRP CH2 HH2  sing N N 379 
TRP OXT HXT  sing N N 380 
TYR N   CA   sing N N 381 
TYR N   H    sing N N 382 
TYR N   H2   sing N N 383 
TYR CA  C    sing N N 384 
TYR CA  CB   sing N N 385 
TYR CA  HA   sing N N 386 
TYR C   O    doub N N 387 
TYR C   OXT  sing N N 388 
TYR CB  CG   sing N N 389 
TYR CB  HB2  sing N N 390 
TYR CB  HB3  sing N N 391 
TYR CG  CD1  doub Y N 392 
TYR CG  CD2  sing Y N 393 
TYR CD1 CE1  sing Y N 394 
TYR CD1 HD1  sing N N 395 
TYR CD2 CE2  doub Y N 396 
TYR CD2 HD2  sing N N 397 
TYR CE1 CZ   doub Y N 398 
TYR CE1 HE1  sing N N 399 
TYR CE2 CZ   sing Y N 400 
TYR CE2 HE2  sing N N 401 
TYR CZ  OH   sing N N 402 
TYR OH  HH   sing N N 403 
TYR OXT HXT  sing N N 404 
VAL N   CA   sing N N 405 
VAL N   H    sing N N 406 
VAL N   H2   sing N N 407 
VAL CA  C    sing N N 408 
VAL CA  CB   sing N N 409 
VAL CA  HA   sing N N 410 
VAL C   O    doub N N 411 
VAL C   OXT  sing N N 412 
VAL CB  CG1  sing N N 413 
VAL CB  CG2  sing N N 414 
VAL CB  HB   sing N N 415 
VAL CG1 HG11 sing N N 416 
VAL CG1 HG12 sing N N 417 
VAL CG1 HG13 sing N N 418 
VAL CG2 HG21 sing N N 419 
VAL CG2 HG22 sing N N 420 
VAL CG2 HG23 sing N N 421 
VAL OXT HXT  sing N N 422 
XYP O1  C1   sing N N 423 
XYP O1  HO1  sing N N 424 
XYP C1  C2   sing N N 425 
XYP C1  O5   sing N N 426 
XYP C1  H1   sing N N 427 
XYP C2  C3   sing N N 428 
XYP C2  O2   sing N N 429 
XYP C2  H2   sing N N 430 
XYP C3  C4   sing N N 431 
XYP C3  O3   sing N N 432 
XYP C3  H3   sing N N 433 
XYP C4  C5   sing N N 434 
XYP C4  O4   sing N N 435 
XYP C4  H4   sing N N 436 
XYP C5  O5   sing N N 437 
XYP C5  H51  sing N N 438 
XYP C5  H52  sing N N 439 
XYP O2  HO2  sing N N 440 
XYP O3  HO3  sing N N 441 
XYP O4  HO4  sing N N 442 
# 
_pdbx_audit_support.funding_organization   'Medical Research Council (United Kingdom)' 
_pdbx_audit_support.country                'United Kingdom' 
_pdbx_audit_support.grant_number           MR/L001187/1 
_pdbx_audit_support.ordinal                1 
# 
loop_
_pdbx_entity_branch_list.entity_id 
_pdbx_entity_branch_list.comp_id 
_pdbx_entity_branch_list.num 
_pdbx_entity_branch_list.hetero 
2 BGC 1 n 
2 XYP 2 n 
# 
_pdbx_initial_refinement_model.id               1 
_pdbx_initial_refinement_model.entity_id_list   ? 
_pdbx_initial_refinement_model.type             'experimental model' 
_pdbx_initial_refinement_model.source_name      PDB 
_pdbx_initial_refinement_model.accession_code   2VJ3 
_pdbx_initial_refinement_model.details          ? 
# 
_atom_sites.entry_id                    5MWB 
_atom_sites.fract_transf_matrix[1][1]   0.01345261 
_atom_sites.fract_transf_matrix[1][2]   -0.04184494 
_atom_sites.fract_transf_matrix[1][3]   -0.02298883 
_atom_sites.fract_transf_matrix[2][1]   -0.00011812 
_atom_sites.fract_transf_matrix[2][2]   0.00964114 
_atom_sites.fract_transf_matrix[2][3]   -0.01761821 
_atom_sites.fract_transf_matrix[3][1]   0.00766923 
_atom_sites.fract_transf_matrix[3][2]   0.00191738 
_atom_sites.fract_transf_matrix[3][3]   0.00099782 
_atom_sites.fract_transf_vector[1]      -0.792362 
_atom_sites.fract_transf_vector[2]      -0.356554 
_atom_sites.fract_transf_vector[3]      -0.132027 
# 
loop_
_atom_type.symbol 
C  
CA 
N  
O  
S  
# 
loop_
_atom_site.group_PDB 
_atom_site.id 
_atom_site.type_symbol 
_atom_site.label_atom_id 
_atom_site.label_alt_id 
_atom_site.label_comp_id 
_atom_site.label_asym_id 
_atom_site.label_entity_id 
_atom_site.label_seq_id 
_atom_site.pdbx_PDB_ins_code 
_atom_site.Cartn_x 
_atom_site.Cartn_y 
_atom_site.Cartn_z 
_atom_site.occupancy 
_atom_site.B_iso_or_equiv 
_atom_site.pdbx_formal_charge 
_atom_site.auth_seq_id 
_atom_site.auth_comp_id 
_atom_site.auth_asym_id 
_atom_site.auth_atom_id 
_atom_site.pdbx_PDB_model_num 
ATOM   1    N  N   . ASP A 1 2   ? 45.753  -5.589  1.938   1.00 45.82 ? 415 ASP A N   1 
ATOM   2    C  CA  . ASP A 1 2   ? 44.337  -5.371  1.653   1.00 45.63 ? 415 ASP A CA  1 
ATOM   3    C  C   . ASP A 1 2   ? 44.097  -3.975  1.082   1.00 42.63 ? 415 ASP A C   1 
ATOM   4    O  O   . ASP A 1 2   ? 44.774  -3.017  1.454   1.00 48.76 ? 415 ASP A O   1 
ATOM   5    C  CB  . ASP A 1 2   ? 43.465  -5.554  2.912   1.00 44.30 ? 415 ASP A CB  1 
ATOM   6    C  CG  . ASP A 1 2   ? 42.023  -5.035  2.720   1.00 39.24 ? 415 ASP A CG  1 
ATOM   7    O  OD1 . ASP A 1 2   ? 41.339  -5.547  1.819   1.00 38.88 ? 415 ASP A OD1 1 
ATOM   8    O  OD2 . ASP A 1 2   ? 41.575  -4.136  3.459   1.00 39.25 ? 415 ASP A OD2 1 
ATOM   9    N  N   . VAL A 1 3   ? 43.112  -3.870  0.192   1.00 42.90 ? 416 VAL A N   1 
ATOM   10   C  CA  . VAL A 1 3   ? 42.663  -2.597  -0.359  1.00 42.19 ? 416 VAL A CA  1 
ATOM   11   C  C   . VAL A 1 3   ? 41.474  -2.098  0.452   1.00 40.68 ? 416 VAL A C   1 
ATOM   12   O  O   . VAL A 1 3   ? 40.557  -2.867  0.775   1.00 38.45 ? 416 VAL A O   1 
ATOM   13   C  CB  . VAL A 1 3   ? 42.291  -2.754  -1.845  1.00 43.42 ? 416 VAL A CB  1 
ATOM   14   C  CG1 . VAL A 1 3   ? 41.688  -1.463  -2.392  1.00 46.06 ? 416 VAL A CG1 1 
ATOM   15   C  CG2 . VAL A 1 3   ? 43.506  -3.170  -2.657  1.00 45.60 ? 416 VAL A CG2 1 
ATOM   16   N  N   . ASP A 1 4   ? 41.477  -0.805  0.781   1.00 42.29 ? 417 ASP A N   1 
ATOM   17   C  CA  . ASP A 1 4   ? 40.330  -0.179  1.441   1.00 40.83 ? 417 ASP A CA  1 
ATOM   18   C  C   . ASP A 1 4   ? 39.390  0.330   0.355   1.00 42.97 ? 417 ASP A C   1 
ATOM   19   O  O   . ASP A 1 4   ? 39.512  1.453   -0.134  1.00 48.15 ? 417 ASP A O   1 
ATOM   20   C  CB  . ASP A 1 4   ? 40.771  0.940   2.375   1.00 41.32 ? 417 ASP A CB  1 
ATOM   21   C  CG  . ASP A 1 4   ? 39.661  1.381   3.325   1.00 45.17 ? 417 ASP A CG  1 
ATOM   22   O  OD1 . ASP A 1 4   ? 38.469  1.161   3.014   1.00 40.43 ? 417 ASP A OD1 1 
ATOM   23   O  OD2 . ASP A 1 4   ? 39.982  1.952   4.387   1.00 47.13 ? 417 ASP A OD2 1 
ATOM   24   N  N   . GLU A 1 5   ? 38.426  -0.513  -0.020  1.00 39.63 ? 418 GLU A N   1 
ATOM   25   C  CA  . GLU A 1 5   ? 37.457  -0.131  -1.038  1.00 41.86 ? 418 GLU A CA  1 
ATOM   26   C  C   . GLU A 1 5   ? 36.569  1.023   -0.593  1.00 47.43 ? 418 GLU A C   1 
ATOM   27   O  O   . GLU A 1 5   ? 35.996  1.715   -1.442  1.00 53.58 ? 418 GLU A O   1 
ATOM   28   C  CB  . GLU A 1 5   ? 36.592  -1.337  -1.411  1.00 38.60 ? 418 GLU A CB  1 
ATOM   29   C  CG  . GLU A 1 5   ? 37.337  -2.460  -2.118  1.00 38.19 ? 418 GLU A CG  1 
ATOM   30   C  CD  . GLU A 1 5   ? 37.946  -3.473  -1.165  1.00 37.67 ? 418 GLU A CD  1 
ATOM   31   O  OE1 . GLU A 1 5   ? 38.022  -3.201  0.054   1.00 36.08 ? 418 GLU A OE1 1 
ATOM   32   O  OE2 . GLU A 1 5   ? 38.348  -4.555  -1.645  1.00 42.78 ? 418 GLU A OE2 1 
ATOM   33   N  N   . CYS A 1 6   ? 36.435  1.247   0.715   1.00 46.01 ? 419 CYS A N   1 
ATOM   34   C  CA  . CYS A 1 6   ? 35.576  2.315   1.204   1.00 43.90 ? 419 CYS A CA  1 
ATOM   35   C  C   . CYS A 1 6   ? 36.273  3.669   1.237   1.00 49.98 ? 419 CYS A C   1 
ATOM   36   O  O   . CYS A 1 6   ? 35.592  4.701   1.222   1.00 56.48 ? 419 CYS A O   1 
ATOM   37   C  CB  . CYS A 1 6   ? 35.059  1.975   2.604   1.00 39.94 ? 419 CYS A CB  1 
ATOM   38   S  SG  . CYS A 1 6   ? 34.342  0.322   2.784   1.00 41.59 ? 419 CYS A SG  1 
ATOM   39   N  N   . ALA A 1 7   ? 37.605  3.693   1.282   1.00 50.80 ? 420 ALA A N   1 
ATOM   40   C  CA  . ALA A 1 7   ? 38.363  4.936   1.373   1.00 50.92 ? 420 ALA A CA  1 
ATOM   41   C  C   . ALA A 1 7   ? 38.878  5.414   0.022   1.00 54.04 ? 420 ALA A C   1 
ATOM   42   O  O   . ALA A 1 7   ? 38.736  6.594   -0.314  1.00 59.04 ? 420 ALA A O   1 
ATOM   43   C  CB  . ALA A 1 7   ? 39.537  4.764   2.345   1.00 46.79 ? 420 ALA A CB  1 
ATOM   44   N  N   . MET A 1 8   ? 39.478  4.518   -0.763  1.00 51.78 ? 421 MET A N   1 
ATOM   45   C  CA  . MET A 1 8   ? 40.035  4.892   -2.058  1.00 49.45 ? 421 MET A CA  1 
ATOM   46   C  C   . MET A 1 8   ? 38.964  5.208   -3.095  1.00 49.07 ? 421 MET A C   1 
ATOM   47   O  O   . MET A 1 8   ? 39.287  5.791   -4.136  1.00 47.02 ? 421 MET A O   1 
ATOM   48   C  CB  . MET A 1 8   ? 40.944  3.770   -2.571  1.00 47.40 ? 421 MET A CB  1 
ATOM   49   C  CG  . MET A 1 8   ? 41.929  3.253   -1.529  1.00 51.06 ? 421 MET A CG  1 
ATOM   50   S  SD  . MET A 1 8   ? 42.918  1.856   -2.103  1.00 59.08 ? 421 MET A SD  1 
ATOM   51   C  CE  . MET A 1 8   ? 43.760  1.388   -0.591  1.00 50.41 ? 421 MET A CE  1 
ATOM   52   N  N   . ALA A 1 9   ? 37.708  4.854   -2.831  1.00 51.11 ? 422 ALA A N   1 
ATOM   53   C  CA  . ALA A 1 9   ? 36.645  5.040   -3.808  1.00 49.22 ? 422 ALA A CA  1 
ATOM   54   C  C   . ALA A 1 9   ? 36.259  6.507   -3.937  1.00 52.20 ? 422 ALA A C   1 
ATOM   55   O  O   . ALA A 1 9   ? 36.257  7.254   -2.956  1.00 55.87 ? 422 ALA A O   1 
ATOM   56   C  CB  . ALA A 1 9   ? 35.418  4.221   -3.410  1.00 47.81 ? 422 ALA A CB  1 
ATOM   57   N  N   . ASN A 1 10  ? 35.928  6.918   -5.164  1.00 54.28 ? 423 ASN A N   1 
ATOM   58   C  CA  . ASN A 1 10  ? 35.361  8.248   -5.364  1.00 56.53 ? 423 ASN A CA  1 
ATOM   59   C  C   . ASN A 1 10  ? 33.924  8.305   -4.869  1.00 54.53 ? 423 ASN A C   1 
ATOM   60   O  O   . ASN A 1 10  ? 33.526  9.262   -4.195  1.00 60.13 ? 423 ASN A O   1 
ATOM   61   C  CB  . ASN A 1 10  ? 35.424  8.635   -6.839  1.00 54.92 ? 423 ASN A CB  1 
ATOM   62   C  CG  . ASN A 1 10  ? 36.809  8.493   -7.412  1.00 46.98 ? 423 ASN A CG  1 
ATOM   63   O  OD1 . ASN A 1 10  ? 37.801  8.794   -6.747  1.00 53.98 ? 423 ASN A OD1 1 
ATOM   64   N  ND2 . ASN A 1 10  ? 36.890  8.024   -8.651  1.00 47.72 ? 423 ASN A ND2 1 
ATOM   65   N  N   . SER A 1 11  ? 33.135  7.290   -5.195  1.00 54.81 ? 424 SER A N   1 
ATOM   66   C  CA  . SER A 1 11  ? 31.756  7.177   -4.760  1.00 52.53 ? 424 SER A CA  1 
ATOM   67   C  C   . SER A 1 11  ? 31.570  5.851   -4.033  1.00 49.80 ? 424 SER A C   1 
ATOM   68   O  O   . SER A 1 11  ? 32.445  4.982   -4.045  1.00 48.21 ? 424 SER A O   1 
ATOM   69   C  CB  . SER A 1 11  ? 30.793  7.287   -5.949  1.00 54.87 ? 424 SER A CB  1 
ATOM   70   O  OG  . SER A 1 11  ? 31.143  6.370   -6.971  1.00 54.31 ? 424 SER A OG  1 
ATOM   71   N  N   . ASN A 1 12  ? 30.417  5.707   -3.399  1.00 44.90 ? 425 ASN A N   1 
ATOM   72   C  CA  . ASN A 1 12  ? 30.141  4.538   -2.576  1.00 43.01 ? 425 ASN A CA  1 
ATOM   73   C  C   . ASN A 1 12  ? 30.195  3.266   -3.415  1.00 42.59 ? 425 ASN A C   1 
ATOM   74   O  O   . ASN A 1 12  ? 29.436  3.144   -4.389  1.00 41.80 ? 425 ASN A O   1 
ATOM   75   C  CB  . ASN A 1 12  ? 28.771  4.677   -1.916  1.00 41.53 ? 425 ASN A CB  1 
ATOM   76   C  CG  . ASN A 1 12  ? 28.596  3.756   -0.725  1.00 37.77 ? 425 ASN A CG  1 
ATOM   77   O  OD1 . ASN A 1 12  ? 29.348  2.796   -0.545  1.00 35.54 ? 425 ASN A OD1 1 
ATOM   78   N  ND2 . ASN A 1 12  ? 27.596  4.046   0.100   1.00 40.38 ? 425 ASN A ND2 1 
ATOM   79   N  N   . PRO A 1 13  ? 31.067  2.306   -3.091  1.00 36.92 ? 426 PRO A N   1 
ATOM   80   C  CA  . PRO A 1 13  ? 31.009  1.007   -3.780  1.00 36.74 ? 426 PRO A CA  1 
ATOM   81   C  C   . PRO A 1 13  ? 29.756  0.208   -3.457  1.00 40.35 ? 426 PRO A C   1 
ATOM   82   O  O   . PRO A 1 13  ? 29.427  -0.722  -4.203  1.00 36.99 ? 426 PRO A O   1 
ATOM   83   C  CB  . PRO A 1 13  ? 32.273  0.289   -3.288  1.00 40.23 ? 426 PRO A CB  1 
ATOM   84   C  CG  . PRO A 1 13  ? 32.584  0.930   -1.989  1.00 39.34 ? 426 PRO A CG  1 
ATOM   85   C  CD  . PRO A 1 13  ? 32.166  2.367   -2.113  1.00 41.84 ? 426 PRO A CD  1 
ATOM   86   N  N   . CYS A 1 14  ? 29.057  0.526   -2.370  1.00 39.49 ? 427 CYS A N   1 
ATOM   87   C  CA  . CYS A 1 14  ? 27.776  -0.101  -2.085  1.00 35.97 ? 427 CYS A CA  1 
ATOM   88   C  C   . CYS A 1 14  ? 26.667  0.602   -2.857  1.00 37.18 ? 427 CYS A C   1 
ATOM   89   O  O   . CYS A 1 14  ? 26.766  1.787   -3.188  1.00 35.34 ? 427 CYS A O   1 
ATOM   90   C  CB  . CYS A 1 14  ? 27.465  -0.051  -0.590  1.00 38.00 ? 427 CYS A CB  1 
ATOM   91   S  SG  . CYS A 1 14  ? 28.710  -0.808  0.477   1.00 36.59 ? 427 CYS A SG  1 
ATOM   92   N  N   . GLU A 1 15  ? 25.602  -0.137  -3.131  1.00 36.73 ? 428 GLU A N   1 
ATOM   93   C  CA  . GLU A 1 15  ? 24.452  0.421   -3.821  1.00 34.32 ? 428 GLU A CA  1 
ATOM   94   C  C   . GLU A 1 15  ? 23.459  1.002   -2.820  1.00 33.96 ? 428 GLU A C   1 
ATOM   95   O  O   . GLU A 1 15  ? 23.454  0.650   -1.637  1.00 34.01 ? 428 GLU A O   1 
ATOM   96   C  CB  . GLU A 1 15  ? 23.768  -0.648  -4.673  1.00 34.84 ? 428 GLU A CB  1 
ATOM   97   C  CG  . GLU A 1 15  ? 24.677  -1.318  -5.685  1.00 34.52 ? 428 GLU A CG  1 
ATOM   98   C  CD  . GLU A 1 15  ? 24.983  -0.440  -6.883  1.00 33.96 ? 428 GLU A CD  1 
ATOM   99   O  OE1 . GLU A 1 15  ? 25.917  -0.785  -7.637  1.00 35.26 ? 428 GLU A OE1 1 
ATOM   100  O  OE2 . GLU A 1 15  ? 24.295  0.584   -7.082  1.00 32.71 ? 428 GLU A OE2 1 
ATOM   101  N  N   . HIS A 1 16  ? 22.620  1.914   -3.318  1.00 39.35 ? 429 HIS A N   1 
ATOM   102  C  CA  . HIS A 1 16  ? 21.451  2.416   -2.588  1.00 35.70 ? 429 HIS A CA  1 
ATOM   103  C  C   . HIS A 1 16  ? 21.832  2.991   -1.225  1.00 38.85 ? 429 HIS A C   1 
ATOM   104  O  O   . HIS A 1 16  ? 21.207  2.695   -0.205  1.00 36.21 ? 429 HIS A O   1 
ATOM   105  C  CB  . HIS A 1 16  ? 20.393  1.321   -2.445  1.00 34.87 ? 429 HIS A CB  1 
ATOM   106  C  CG  . HIS A 1 16  ? 19.947  0.745   -3.751  1.00 32.47 ? 429 HIS A CG  1 
ATOM   107  N  ND1 . HIS A 1 16  ? 20.124  -0.581  -4.080  1.00 33.95 ? 429 HIS A ND1 1 
ATOM   108  C  CD2 . HIS A 1 16  ? 19.350  1.322   -4.821  1.00 33.43 ? 429 HIS A CD2 1 
ATOM   109  C  CE1 . HIS A 1 16  ? 19.647  -0.800  -5.293  1.00 33.35 ? 429 HIS A CE1 1 
ATOM   110  N  NE2 . HIS A 1 16  ? 19.172  0.340   -5.764  1.00 35.96 ? 429 HIS A NE2 1 
ATOM   111  N  N   . ALA A 1 17  ? 22.879  3.817   -1.220  1.00 36.00 ? 430 ALA A N   1 
ATOM   112  C  CA  . ALA A 1 17  ? 23.361  4.520   -0.031  1.00 37.54 ? 430 ALA A CA  1 
ATOM   113  C  C   . ALA A 1 17  ? 23.722  3.566   1.103   1.00 37.30 ? 430 ALA A C   1 
ATOM   114  O  O   . ALA A 1 17  ? 23.737  3.963   2.277   1.00 39.18 ? 430 ALA A O   1 
ATOM   115  C  CB  . ALA A 1 17  ? 22.344  5.558   0.451   1.00 36.39 ? 430 ALA A CB  1 
ATOM   116  N  N   . GLY A 1 18  ? 24.016  2.308   0.781   1.00 34.84 ? 431 GLY A N   1 
ATOM   117  C  CA  . GLY A 1 18  ? 24.514  1.396   1.788   1.00 37.65 ? 431 GLY A CA  1 
ATOM   118  C  C   . GLY A 1 18  ? 25.845  1.858   2.343   1.00 36.94 ? 431 GLY A C   1 
ATOM   119  O  O   . GLY A 1 18  ? 26.612  2.562   1.685   1.00 38.35 ? 431 GLY A O   1 
ATOM   120  N  N   . LYS A 1 19  ? 26.124  1.462   3.573   1.00 37.73 ? 432 LYS A N   1 
ATOM   121  C  CA  . LYS A 1 19  ? 27.309  1.934   4.269   1.00 39.41 ? 432 LYS A CA  1 
ATOM   122  C  C   . LYS A 1 19  ? 28.450  0.948   4.067   1.00 37.46 ? 432 LYS A C   1 
ATOM   123  O  O   . LYS A 1 19  ? 28.359  -0.218  4.475   1.00 39.50 ? 432 LYS A O   1 
ATOM   124  C  CB  . LYS A 1 19  ? 27.037  2.127   5.752   1.00 41.16 ? 432 LYS A CB  1 
ATOM   125  C  CG  . LYS A 1 19  ? 28.281  2.464   6.538   1.00 42.59 ? 432 LYS A CG  1 
ATOM   126  C  CD  . LYS A 1 19  ? 27.930  3.290   7.761   1.00 48.80 ? 432 LYS A CD  1 
ATOM   127  C  CE  . LYS A 1 19  ? 28.867  3.021   8.914   1.00 56.67 ? 432 LYS A CE  1 
ATOM   128  N  NZ  . LYS A 1 19  ? 28.522  3.870   10.088  1.00 55.92 ? 432 LYS A NZ  1 
ATOM   129  N  N   . CYS A 1 20  ? 29.533  1.425   3.478   1.00 37.63 ? 433 CYS A N   1 
ATOM   130  C  CA  . CYS A 1 20  ? 30.680  0.585   3.168   1.00 36.50 ? 433 CYS A CA  1 
ATOM   131  C  C   . CYS A 1 20  ? 31.506  0.338   4.423   1.00 36.96 ? 433 CYS A C   1 
ATOM   132  O  O   . CYS A 1 20  ? 31.874  1.275   5.137   1.00 30.46 ? 433 CYS A O   1 
ATOM   133  C  CB  . CYS A 1 20  ? 31.526  1.245   2.078   1.00 37.85 ? 433 CYS A CB  1 
ATOM   134  S  SG  . CYS A 1 20  ? 32.856  0.225   1.400   1.00 40.64 ? 433 CYS A SG  1 
ATOM   135  N  N   . VAL A 1 21  ? 31.790  -0.934  4.693   1.00 35.11 ? 434 VAL A N   1 
ATOM   136  C  CA  . VAL A 1 21  ? 32.627  -1.346  5.817   1.00 33.79 ? 434 VAL A CA  1 
ATOM   137  C  C   . VAL A 1 21  ? 33.762  -2.198  5.260   1.00 35.26 ? 434 VAL A C   1 
ATOM   138  O  O   . VAL A 1 21  ? 33.527  -3.310  4.769   1.00 35.08 ? 434 VAL A O   1 
ATOM   139  C  CB  . VAL A 1 21  ? 31.842  -2.121  6.886   1.00 34.33 ? 434 VAL A CB  1 
ATOM   140  C  CG1 . VAL A 1 21  ? 32.731  -2.414  8.085   1.00 37.52 ? 434 VAL A CG1 1 
ATOM   141  C  CG2 . VAL A 1 21  ? 30.598  -1.343  7.309   1.00 40.79 ? 434 VAL A CG2 1 
ATOM   142  N  N   . ASN A 1 22  ? 34.987  -1.689  5.349   1.00 32.52 ? 435 ASN A N   1 
ATOM   143  C  CA  . ASN A 1 22  ? 36.125  -2.377  4.760   1.00 32.41 ? 435 ASN A CA  1 
ATOM   144  C  C   . ASN A 1 22  ? 36.442  -3.658  5.521   1.00 28.05 ? 435 ASN A C   1 
ATOM   145  O  O   . ASN A 1 22  ? 36.415  -3.690  6.755   1.00 29.54 ? 435 ASN A O   1 
ATOM   146  C  CB  . ASN A 1 22  ? 37.347  -1.461  4.748   1.00 30.65 ? 435 ASN A CB  1 
ATOM   147  C  CG  . ASN A 1 22  ? 38.521  -2.078  4.024   1.00 34.85 ? 435 ASN A CG  1 
ATOM   148  O  OD1 . ASN A 1 22  ? 38.344  -2.802  3.044   1.00 32.55 ? 435 ASN A OD1 1 
ATOM   149  N  ND2 . ASN A 1 22  ? 39.729  -1.800  4.502   1.00 34.09 ? 435 ASN A ND2 1 
ATOM   150  N  N   . THR A 1 23  ? 36.727  -4.724  4.777   1.00 27.73 ? 436 THR A N   1 
ATOM   151  C  CA  . THR A 1 23  ? 37.184  -5.986  5.341   1.00 31.10 ? 436 THR A CA  1 
ATOM   152  C  C   . THR A 1 23  ? 38.467  -6.407  4.636   1.00 33.41 ? 436 THR A C   1 
ATOM   153  O  O   . THR A 1 23  ? 38.856  -5.844  3.609   1.00 29.78 ? 436 THR A O   1 
ATOM   154  C  CB  . THR A 1 23  ? 36.129  -7.099  5.216   1.00 29.80 ? 436 THR A CB  1 
ATOM   155  O  OG1 . THR A 1 23  ? 35.983  -7.476  3.842   1.00 34.89 ? 436 THR A OG1 1 
ATOM   156  C  CG2 . THR A 1 23  ? 34.770  -6.644  5.766   1.00 30.51 ? 436 THR A CG2 1 
ATOM   157  N  N   . ASP A 1 24  ? 39.132  -7.412  5.193   1.00 35.53 ? 437 ASP A N   1 
ATOM   158  C  CA  A ASP A 1 24  ? 40.356  -7.939  4.601   0.63 35.14 ? 437 ASP A CA  1 
ATOM   159  C  CA  B ASP A 1 24  ? 40.354  -7.928  4.592   0.37 35.34 ? 437 ASP A CA  1 
ATOM   160  C  C   . ASP A 1 24  ? 40.007  -8.780  3.379   1.00 36.82 ? 437 ASP A C   1 
ATOM   161  O  O   . ASP A 1 24  ? 39.312  -9.795  3.497   1.00 38.26 ? 437 ASP A O   1 
ATOM   162  C  CB  A ASP A 1 24  ? 41.128  -8.770  5.624   0.63 35.73 ? 437 ASP A CB  1 
ATOM   163  C  CB  B ASP A 1 24  ? 41.162  -8.730  5.607   0.37 35.49 ? 437 ASP A CB  1 
ATOM   164  C  CG  A ASP A 1 24  ? 42.397  -9.371  5.047   0.63 37.09 ? 437 ASP A CG  1 
ATOM   165  C  CG  B ASP A 1 24  ? 42.187  -7.881  6.318   0.37 35.55 ? 437 ASP A CG  1 
ATOM   166  O  OD1 A ASP A 1 24  ? 42.979  -8.763  4.125   0.63 34.09 ? 437 ASP A OD1 1 
ATOM   167  O  OD1 B ASP A 1 24  ? 41.840  -6.749  6.718   0.37 35.67 ? 437 ASP A OD1 1 
ATOM   168  O  OD2 A ASP A 1 24  ? 42.808  -10.453 5.517   0.63 35.78 ? 437 ASP A OD2 1 
ATOM   169  O  OD2 B ASP A 1 24  ? 43.341  -8.336  6.463   0.37 32.65 ? 437 ASP A OD2 1 
ATOM   170  N  N   . GLY A 1 25  ? 40.490  -8.362  2.211   1.00 35.87 ? 438 GLY A N   1 
ATOM   171  C  CA  . GLY A 1 25  ? 40.223  -9.054  0.977   1.00 37.84 ? 438 GLY A CA  1 
ATOM   172  C  C   . GLY A 1 25  ? 38.977  -8.604  0.248   1.00 37.33 ? 438 GLY A C   1 
ATOM   173  O  O   . GLY A 1 25  ? 38.831  -8.910  -0.941  1.00 40.51 ? 438 GLY A O   1 
ATOM   174  N  N   . ALA A 1 26  ? 38.073  -7.891  0.919   1.00 34.77 ? 439 ALA A N   1 
ATOM   175  C  CA  . ALA A 1 26  ? 36.849  -7.436  0.264   1.00 37.16 ? 439 ALA A CA  1 
ATOM   176  C  C   . ALA A 1 26  ? 36.266  -6.278  1.076   1.00 34.62 ? 439 ALA A C   1 
ATOM   177  O  O   . ALA A 1 26  ? 37.013  -5.517  1.701   1.00 34.35 ? 439 ALA A O   1 
ATOM   178  C  CB  . ALA A 1 26  ? 35.882  -8.626  0.093   1.00 37.28 ? 439 ALA A CB  1 
ATOM   179  N  N   . PHE A 1 27  ? 34.941  -6.150  1.066   1.00 34.34 ? 440 PHE A N   1 
ATOM   180  C  CA  . PHE A 1 27  ? 34.284  -5.112  1.846   1.00 33.12 ? 440 PHE A CA  1 
ATOM   181  C  C   . PHE A 1 27  ? 32.844  -5.531  2.093   1.00 35.46 ? 440 PHE A C   1 
ATOM   182  O  O   . PHE A 1 27  ? 32.287  -6.365  1.374   1.00 36.77 ? 440 PHE A O   1 
ATOM   183  C  CB  . PHE A 1 27  ? 34.351  -3.748  1.148   1.00 34.64 ? 440 PHE A CB  1 
ATOM   184  C  CG  . PHE A 1 27  ? 33.651  -3.709  -0.182  1.00 38.03 ? 440 PHE A CG  1 
ATOM   185  C  CD1 . PHE A 1 27  ? 34.276  -4.181  -1.323  1.00 41.07 ? 440 PHE A CD1 1 
ATOM   186  C  CD2 . PHE A 1 27  ? 32.371  -3.190  -0.292  1.00 40.14 ? 440 PHE A CD2 1 
ATOM   187  C  CE1 . PHE A 1 27  ? 33.635  -4.145  -2.549  1.00 42.61 ? 440 PHE A CE1 1 
ATOM   188  C  CE2 . PHE A 1 27  ? 31.725  -3.151  -1.514  1.00 44.39 ? 440 PHE A CE2 1 
ATOM   189  C  CZ  . PHE A 1 27  ? 32.360  -3.630  -2.645  1.00 45.32 ? 440 PHE A CZ  1 
ATOM   190  N  N   . HIS A 1 28  ? 32.256  -4.941  3.127   1.00 31.16 ? 441 HIS A N   1 
ATOM   191  C  CA  . HIS A 1 28  ? 30.905  -5.248  3.566   1.00 38.06 ? 441 HIS A CA  1 
ATOM   192  C  C   . HIS A 1 28  ? 30.013  -4.033  3.352   1.00 34.90 ? 441 HIS A C   1 
ATOM   193  O  O   . HIS A 1 28  ? 30.473  -2.889  3.379   1.00 38.19 ? 441 HIS A O   1 
ATOM   194  C  CB  . HIS A 1 28  ? 30.896  -5.663  5.042   1.00 36.30 ? 441 HIS A CB  1 
ATOM   195  C  CG  . HIS A 1 28  ? 29.529  -5.926  5.594   1.00 40.78 ? 441 HIS A CG  1 
ATOM   196  N  ND1 . HIS A 1 28  ? 28.870  -7.124  5.416   1.00 41.64 ? 441 HIS A ND1 1 
ATOM   197  C  CD2 . HIS A 1 28  ? 28.699  -5.145  6.325   1.00 41.00 ? 441 HIS A CD2 1 
ATOM   198  C  CE1 . HIS A 1 28  ? 27.693  -7.069  6.014   1.00 44.79 ? 441 HIS A CE1 1 
ATOM   199  N  NE2 . HIS A 1 28  ? 27.564  -5.878  6.573   1.00 43.70 ? 441 HIS A NE2 1 
ATOM   200  N  N   . CYS A 1 29  ? 28.728  -4.287  3.131   1.00 39.42 ? 442 CYS A N   1 
ATOM   201  C  CA  . CYS A 1 29  ? 27.758  -3.228  2.893   1.00 39.45 ? 442 CYS A CA  1 
ATOM   202  C  C   . CYS A 1 29  ? 26.619  -3.362  3.893   1.00 40.52 ? 442 CYS A C   1 
ATOM   203  O  O   . CYS A 1 29  ? 25.905  -4.371  3.894   1.00 41.21 ? 442 CYS A O   1 
ATOM   204  C  CB  . CYS A 1 29  ? 27.230  -3.276  1.457   1.00 38.05 ? 442 CYS A CB  1 
ATOM   205  S  SG  . CYS A 1 29  ? 28.441  -2.798  0.198   1.00 34.77 ? 442 CYS A SG  1 
ATOM   206  N  N   . GLU A 1 30  ? 26.462  -2.351  4.745   1.00 40.91 ? 443 GLU A N   1 
ATOM   207  C  CA  . GLU A 1 30  ? 25.306  -2.261  5.632   1.00 42.70 ? 443 GLU A CA  1 
ATOM   208  C  C   . GLU A 1 30  ? 24.159  -1.626  4.858   1.00 39.90 ? 443 GLU A C   1 
ATOM   209  O  O   . GLU A 1 30  ? 24.210  -0.436  4.524   1.00 41.22 ? 443 GLU A O   1 
ATOM   210  C  CB  . GLU A 1 30  ? 25.640  -1.445  6.876   1.00 46.63 ? 443 GLU A CB  1 
ATOM   211  C  CG  . GLU A 1 30  ? 26.507  -2.169  7.883   1.00 52.23 ? 443 GLU A CG  1 
ATOM   212  C  CD  . GLU A 1 30  ? 26.956  -1.263  9.013   1.00 56.54 ? 443 GLU A CD  1 
ATOM   213  O  OE1 . GLU A 1 30  ? 26.194  -0.340  9.381   1.00 54.09 ? 443 GLU A OE1 1 
ATOM   214  O  OE2 . GLU A 1 30  ? 28.072  -1.477  9.532   1.00 51.92 ? 443 GLU A OE2 1 
ATOM   215  N  N   . CYS A 1 31  ? 23.126  -2.412  4.574   1.00 44.62 ? 444 CYS A N   1 
ATOM   216  C  CA  . CYS A 1 31  ? 22.027  -1.965  3.732   1.00 41.67 ? 444 CYS A CA  1 
ATOM   217  C  C   . CYS A 1 31  ? 20.977  -1.226  4.544   1.00 42.33 ? 444 CYS A C   1 
ATOM   218  O  O   . CYS A 1 31  ? 20.696  -1.573  5.695   1.00 42.73 ? 444 CYS A O   1 
ATOM   219  C  CB  . CYS A 1 31  ? 21.382  -3.154  3.021   1.00 42.33 ? 444 CYS A CB  1 
ATOM   220  S  SG  . CYS A 1 31  ? 22.563  -4.125  2.088   1.00 43.86 ? 444 CYS A SG  1 
ATOM   221  N  N   . LEU A 1 32  ? 20.396  -0.201  3.934   1.00 42.25 ? 445 LEU A N   1 
ATOM   222  C  CA  . LEU A 1 32  ? 19.255  0.463   4.535   1.00 43.40 ? 445 LEU A CA  1 
ATOM   223  C  C   . LEU A 1 32  ? 18.019  -0.424  4.437   1.00 42.51 ? 445 LEU A C   1 
ATOM   224  O  O   . LEU A 1 32  ? 18.001  -1.440  3.737   1.00 37.90 ? 445 LEU A O   1 
ATOM   225  C  CB  . LEU A 1 32  ? 19.002  1.807   3.856   1.00 41.98 ? 445 LEU A CB  1 
ATOM   226  C  CG  . LEU A 1 32  ? 20.134  2.824   3.890   1.00 45.52 ? 445 LEU A CG  1 
ATOM   227  C  CD1 . LEU A 1 32  ? 20.088  3.698   2.638   1.00 46.75 ? 445 LEU A CD1 1 
ATOM   228  C  CD2 . LEU A 1 32  ? 20.072  3.648   5.182   1.00 43.98 ? 445 LEU A CD2 1 
ATOM   229  N  N   . LYS A 1 33  ? 16.968  -0.021  5.148   1.00 43.27 ? 446 LYS A N   1 
ATOM   230  C  CA  . LYS A 1 33  ? 15.734  -0.791  5.153   1.00 42.24 ? 446 LYS A CA  1 
ATOM   231  C  C   . LYS A 1 33  ? 15.209  -0.970  3.735   1.00 34.48 ? 446 LYS A C   1 
ATOM   232  O  O   . LYS A 1 33  ? 15.111  -0.008  2.970   1.00 39.34 ? 446 LYS A O   1 
ATOM   233  C  CB  . LYS A 1 33  ? 14.684  -0.103  6.024   1.00 44.76 ? 446 LYS A CB  1 
ATOM   234  C  CG  . LYS A 1 33  ? 13.455  -0.951  6.297   1.00 44.89 ? 446 LYS A CG  1 
ATOM   235  C  CD  . LYS A 1 33  ? 12.215  -0.086  6.450   1.00 49.03 ? 446 LYS A CD  1 
ATOM   236  C  CE  . LYS A 1 33  ? 11.013  -0.915  6.874   1.00 53.38 ? 446 LYS A CE  1 
ATOM   237  N  NZ  . LYS A 1 33  ? 10.203  -1.369  5.712   1.00 54.14 ? 446 LYS A NZ  1 
ATOM   238  N  N   . GLY A 1 34  ? 14.895  -2.214  3.382   1.00 37.41 ? 447 GLY A N   1 
ATOM   239  C  CA  . GLY A 1 34  ? 14.321  -2.532  2.092   1.00 38.26 ? 447 GLY A CA  1 
ATOM   240  C  C   . GLY A 1 34  ? 15.307  -3.003  1.049   1.00 38.93 ? 447 GLY A C   1 
ATOM   241  O  O   . GLY A 1 34  ? 14.895  -3.286  -0.083  1.00 33.82 ? 447 GLY A O   1 
ATOM   242  N  N   . TYR A 1 35  ? 16.587  -3.099  1.388   1.00 36.16 ? 448 TYR A N   1 
ATOM   243  C  CA  . TYR A 1 35  ? 17.608  -3.539  0.454   1.00 39.05 ? 448 TYR A CA  1 
ATOM   244  C  C   . TYR A 1 35  ? 18.347  -4.744  1.018   1.00 38.59 ? 448 TYR A C   1 
ATOM   245  O  O   . TYR A 1 35  ? 18.491  -4.893  2.234   1.00 41.79 ? 448 TYR A O   1 
ATOM   246  C  CB  . TYR A 1 35  ? 18.593  -2.411  0.148   1.00 36.75 ? 448 TYR A CB  1 
ATOM   247  C  CG  . TYR A 1 35  ? 17.960  -1.234  -0.552  1.00 35.92 ? 448 TYR A CG  1 
ATOM   248  C  CD1 . TYR A 1 35  ? 17.610  -1.308  -1.892  1.00 31.88 ? 448 TYR A CD1 1 
ATOM   249  C  CD2 . TYR A 1 35  ? 17.722  -0.043  0.124   1.00 38.61 ? 448 TYR A CD2 1 
ATOM   250  C  CE1 . TYR A 1 35  ? 17.036  -0.233  -2.541  1.00 33.77 ? 448 TYR A CE1 1 
ATOM   251  C  CE2 . TYR A 1 35  ? 17.148  1.040   -0.517  1.00 37.53 ? 448 TYR A CE2 1 
ATOM   252  C  CZ  . TYR A 1 35  ? 16.808  0.939   -1.851  1.00 35.52 ? 448 TYR A CZ  1 
ATOM   253  O  OH  . TYR A 1 35  ? 16.239  2.013   -2.496  1.00 35.30 ? 448 TYR A OH  1 
ATOM   254  N  N   . ALA A 1 36  ? 18.816  -5.603  0.115   1.00 40.79 ? 449 ALA A N   1 
ATOM   255  C  CA  . ALA A 1 36  ? 19.528  -6.811  0.499   1.00 41.56 ? 449 ALA A CA  1 
ATOM   256  C  C   . ALA A 1 36  ? 20.592  -7.113  -0.548  1.00 37.32 ? 449 ALA A C   1 
ATOM   257  O  O   . ALA A 1 36  ? 20.667  -6.465  -1.596  1.00 34.86 ? 449 ALA A O   1 
ATOM   258  C  CB  . ALA A 1 36  ? 18.568  -7.996  0.664   1.00 39.51 ? 449 ALA A CB  1 
ATOM   259  N  N   . GLY A 1 37  ? 21.417  -8.115  -0.253  1.00 36.86 ? 450 GLY A N   1 
ATOM   260  C  CA  . GLY A 1 37  ? 22.483  -8.512  -1.139  1.00 35.82 ? 450 GLY A CA  1 
ATOM   261  C  C   . GLY A 1 37  ? 23.842  -8.093  -0.621  1.00 37.48 ? 450 GLY A C   1 
ATOM   262  O  O   . GLY A 1 37  ? 23.960  -7.209  0.234   1.00 37.32 ? 450 GLY A O   1 
ATOM   263  N  N   . PRO A 1 38  ? 24.902  -8.719  -1.139  1.00 34.61 ? 451 PRO A N   1 
ATOM   264  C  CA  . PRO A 1 38  ? 26.258  -8.379  -0.674  1.00 40.70 ? 451 PRO A CA  1 
ATOM   265  C  C   . PRO A 1 38  ? 26.627  -6.922  -0.881  1.00 37.82 ? 451 PRO A C   1 
ATOM   266  O  O   . PRO A 1 38  ? 27.483  -6.407  -0.153  1.00 40.93 ? 451 PRO A O   1 
ATOM   267  C  CB  . PRO A 1 38  ? 27.158  -9.306  -1.505  1.00 39.00 ? 451 PRO A CB  1 
ATOM   268  C  CG  . PRO A 1 38  ? 26.336  -9.663  -2.702  1.00 42.34 ? 451 PRO A CG  1 
ATOM   269  C  CD  . PRO A 1 38  ? 24.922  -9.729  -2.209  1.00 36.44 ? 451 PRO A CD  1 
ATOM   270  N  N   . ARG A 1 39  ? 26.013  -6.242  -1.851  1.00 34.71 ? 452 ARG A N   1 
ATOM   271  C  CA  . ARG A 1 39  ? 26.256  -4.825  -2.074  1.00 37.37 ? 452 ARG A CA  1 
ATOM   272  C  C   . ARG A 1 39  ? 24.967  -4.008  -2.034  1.00 34.84 ? 452 ARG A C   1 
ATOM   273  O  O   . ARG A 1 39  ? 24.904  -2.924  -2.621  1.00 32.00 ? 452 ARG A O   1 
ATOM   274  C  CB  . ARG A 1 39  ? 26.992  -4.623  -3.397  1.00 36.98 ? 452 ARG A CB  1 
ATOM   275  C  CG  . ARG A 1 39  ? 28.330  -5.361  -3.447  1.00 43.06 ? 452 ARG A CG  1 
ATOM   276  C  CD  . ARG A 1 39  ? 29.149  -4.975  -4.682  1.00 48.67 ? 452 ARG A CD  1 
ATOM   277  N  NE  . ARG A 1 39  ? 28.995  -3.576  -5.038  1.00 48.54 ? 452 ARG A NE  1 
ATOM   278  C  CZ  . ARG A 1 39  ? 28.250  -3.128  -6.053  1.00 49.01 ? 452 ARG A CZ  1 
ATOM   279  N  NH1 . ARG A 1 39  ? 28.149  -1.831  -6.299  1.00 43.14 ? 452 ARG A NH1 1 
ATOM   280  N  NH2 . ARG A 1 39  ? 27.584  -3.984  -6.826  1.00 48.54 ? 452 ARG A NH2 1 
ATOM   281  N  N   . CYS A 1 40  ? 23.940  -4.505  -1.339  1.00 32.89 ? 453 CYS A N   1 
ATOM   282  C  CA  . CYS A 1 40  ? 22.660  -3.803  -1.202  1.00 35.52 ? 453 CYS A CA  1 
ATOM   283  C  C   . CYS A 1 40  ? 22.019  -3.531  -2.558  1.00 31.87 ? 453 CYS A C   1 
ATOM   284  O  O   . CYS A 1 40  ? 21.294  -2.548  -2.729  1.00 38.04 ? 453 CYS A O   1 
ATOM   285  C  CB  . CYS A 1 40  ? 22.825  -2.495  -0.422  1.00 37.02 ? 453 CYS A CB  1 
ATOM   286  S  SG  . CYS A 1 40  ? 23.671  -2.707  1.150   1.00 39.05 ? 453 CYS A SG  1 
ATOM   287  N  N   . GLU A 1 41  ? 22.286  -4.400  -3.532  1.00 31.40 ? 454 GLU A N   1 
ATOM   288  C  CA  . GLU A 1 41  ? 21.809  -4.177  -4.889  1.00 34.47 ? 454 GLU A CA  1 
ATOM   289  C  C   . GLU A 1 41  ? 20.368  -4.626  -5.091  1.00 36.36 ? 454 GLU A C   1 
ATOM   290  O  O   . GLU A 1 41  ? 19.739  -4.219  -6.073  1.00 36.96 ? 454 GLU A O   1 
ATOM   291  C  CB  . GLU A 1 41  ? 22.719  -4.898  -5.888  1.00 33.83 ? 454 GLU A CB  1 
ATOM   292  C  CG  . GLU A 1 41  ? 22.599  -6.423  -5.873  1.00 38.26 ? 454 GLU A CG  1 
ATOM   293  C  CD  . GLU A 1 41  ? 23.406  -7.088  -4.763  1.00 41.09 ? 454 GLU A CD  1 
ATOM   294  O  OE1 . GLU A 1 41  ? 24.094  -6.380  -3.996  1.00 37.07 ? 454 GLU A OE1 1 
ATOM   295  O  OE2 . GLU A 1 41  ? 23.349  -8.333  -4.660  1.00 39.60 ? 454 GLU A OE2 1 
ATOM   296  N  N   . MET A 1 42  ? 19.833  -5.435  -4.183  1.00 36.36 ? 455 MET A N   1 
ATOM   297  C  CA  . MET A 1 42  ? 18.529  -6.059  -4.354  1.00 39.21 ? 455 MET A CA  1 
ATOM   298  C  C   . MET A 1 42  ? 17.466  -5.264  -3.607  1.00 40.35 ? 455 MET A C   1 
ATOM   299  O  O   . MET A 1 42  ? 17.604  -5.013  -2.405  1.00 39.00 ? 455 MET A O   1 
ATOM   300  C  CB  . MET A 1 42  ? 18.557  -7.504  -3.855  1.00 41.55 ? 455 MET A CB  1 
ATOM   301  C  CG  . MET A 1 42  ? 17.513  -8.411  -4.484  1.00 50.18 ? 455 MET A CG  1 
ATOM   302  S  SD  . MET A 1 42  ? 17.508  -10.052 -3.736  1.00 68.95 ? 455 MET A SD  1 
ATOM   303  C  CE  . MET A 1 42  ? 16.834  -9.686  -2.118  1.00 45.34 ? 455 MET A CE  1 
ATOM   304  N  N   . ASP A 1 43  ? 16.413  -4.867  -4.320  1.00 37.87 ? 456 ASP A N   1 
ATOM   305  C  CA  . ASP A 1 43  ? 15.262  -4.209  -3.714  1.00 39.51 ? 456 ASP A CA  1 
ATOM   306  C  C   . ASP A 1 43  ? 14.303  -5.283  -3.218  1.00 41.22 ? 456 ASP A C   1 
ATOM   307  O  O   . ASP A 1 43  ? 13.748  -6.045  -4.019  1.00 42.21 ? 456 ASP A O   1 
ATOM   308  C  CB  . ASP A 1 43  ? 14.568  -3.282  -4.717  1.00 42.64 ? 456 ASP A CB  1 
ATOM   309  C  CG  . ASP A 1 43  ? 13.399  -2.500  -4.108  1.00 41.19 ? 456 ASP A CG  1 
ATOM   310  O  OD1 . ASP A 1 43  ? 12.899  -2.847  -3.013  1.00 39.96 ? 456 ASP A OD1 1 
ATOM   311  O  OD2 . ASP A 1 43  ? 12.970  -1.519  -4.749  1.00 42.81 ? 456 ASP A OD2 1 
ATOM   312  N  N   . ILE A 1 44  ? 14.110  -5.336  -1.900  1.00 37.70 ? 457 ILE A N   1 
ATOM   313  C  CA  . ILE A 1 44  ? 13.232  -6.337  -1.312  1.00 36.92 ? 457 ILE A CA  1 
ATOM   314  C  C   . ILE A 1 44  ? 11.805  -6.094  -1.777  1.00 39.16 ? 457 ILE A C   1 
ATOM   315  O  O   . ILE A 1 44  ? 11.309  -4.960  -1.757  1.00 38.98 ? 457 ILE A O   1 
ATOM   316  C  CB  . ILE A 1 44  ? 13.337  -6.301  0.219   1.00 38.51 ? 457 ILE A CB  1 
ATOM   317  C  CG1 . ILE A 1 44  ? 14.784  -6.531  0.656   1.00 42.58 ? 457 ILE A CG1 1 
ATOM   318  C  CG2 . ILE A 1 44  ? 12.414  -7.337  0.843   1.00 42.10 ? 457 ILE A CG2 1 
ATOM   319  C  CD1 . ILE A 1 44  ? 15.000  -6.403  2.150   1.00 40.73 ? 457 ILE A CD1 1 
ATOM   320  N  N   . ASN A 1 45  ? 11.140  -7.161  -2.211  1.00 39.42 ? 458 ASN A N   1 
ATOM   321  C  CA  . ASN A 1 45  ? 9.740   -7.090  -2.626  1.00 38.73 ? 458 ASN A CA  1 
ATOM   322  C  C   . ASN A 1 45  ? 8.871   -7.344  -1.402  1.00 36.51 ? 458 ASN A C   1 
ATOM   323  O  O   . ASN A 1 45  ? 8.546   -8.483  -1.066  1.00 39.20 ? 458 ASN A O   1 
ATOM   324  C  CB  . ASN A 1 45  ? 9.453   -8.090  -3.737  1.00 36.03 ? 458 ASN A CB  1 
ATOM   325  C  CG  . ASN A 1 45  ? 8.013   -8.050  -4.188  1.00 39.02 ? 458 ASN A CG  1 
ATOM   326  O  OD1 . ASN A 1 45  ? 7.306   -7.070  -3.953  1.00 36.74 ? 458 ASN A OD1 1 
ATOM   327  N  ND2 . ASN A 1 45  ? 7.566   -9.115  -4.843  1.00 39.34 ? 458 ASN A ND2 1 
ATOM   328  N  N   . GLU A 1 46  ? 8.487   -6.261  -0.724  1.00 37.61 ? 459 GLU A N   1 
ATOM   329  C  CA  . GLU A 1 46  ? 7.658   -6.372  0.470   1.00 37.32 ? 459 GLU A CA  1 
ATOM   330  C  C   . GLU A 1 46  ? 6.255   -6.883  0.168   1.00 33.41 ? 459 GLU A C   1 
ATOM   331  O  O   . GLU A 1 46  ? 5.520   -7.211  1.103   1.00 40.82 ? 459 GLU A O   1 
ATOM   332  C  CB  . GLU A 1 46  ? 7.579   -5.018  1.179   1.00 33.79 ? 459 GLU A CB  1 
ATOM   333  C  CG  . GLU A 1 46  ? 8.847   -4.612  1.929   1.00 39.79 ? 459 GLU A CG  1 
ATOM   334  C  CD  . GLU A 1 46  ? 9.941   -4.079  1.018   1.00 39.66 ? 459 GLU A CD  1 
ATOM   335  O  OE1 . GLU A 1 46  ? 9.713   -3.965  -0.207  1.00 39.29 ? 459 GLU A OE1 1 
ATOM   336  O  OE2 . GLU A 1 46  ? 11.034  -3.763  1.538   1.00 39.59 ? 459 GLU A OE2 1 
ATOM   337  N  N   . CYS A 1 47  ? 5.872   -6.962  -1.106  1.00 35.49 ? 460 CYS A N   1 
ATOM   338  C  CA  . CYS A 1 47  ? 4.570   -7.484  -1.502  1.00 37.27 ? 460 CYS A CA  1 
ATOM   339  C  C   . CYS A 1 47  ? 4.534   -9.004  -1.572  1.00 41.13 ? 460 CYS A C   1 
ATOM   340  O  O   . CYS A 1 47  ? 3.471   -9.568  -1.847  1.00 45.59 ? 460 CYS A O   1 
ATOM   341  C  CB  . CYS A 1 47  ? 4.170   -6.901  -2.858  1.00 36.65 ? 460 CYS A CB  1 
ATOM   342  S  SG  . CYS A 1 47  ? 3.715   -5.162  -2.793  1.00 37.01 ? 460 CYS A SG  1 
ATOM   343  N  N   . HIS A 1 48  ? 5.662   -9.676  -1.335  1.00 41.19 ? 461 HIS A N   1 
ATOM   344  C  CA  . HIS A 1 48  ? 5.713   -11.129 -1.441  1.00 43.58 ? 461 HIS A CA  1 
ATOM   345  C  C   . HIS A 1 48  ? 4.868   -11.818 -0.378  1.00 45.60 ? 461 HIS A C   1 
ATOM   346  O  O   . HIS A 1 48  ? 4.454   -12.964 -0.580  1.00 50.48 ? 461 HIS A O   1 
ATOM   347  C  CB  . HIS A 1 48  ? 7.169   -11.602 -1.353  1.00 46.42 ? 461 HIS A CB  1 
ATOM   348  C  CG  . HIS A 1 48  ? 7.352   -13.063 -1.625  1.00 55.13 ? 461 HIS A CG  1 
ATOM   349  N  ND1 . HIS A 1 48  ? 7.287   -14.021 -0.634  1.00 57.40 ? 461 HIS A ND1 1 
ATOM   350  C  CD2 . HIS A 1 48  ? 7.607   -13.731 -2.776  1.00 55.68 ? 461 HIS A CD2 1 
ATOM   351  C  CE1 . HIS A 1 48  ? 7.488   -15.215 -1.164  1.00 55.21 ? 461 HIS A CE1 1 
ATOM   352  N  NE2 . HIS A 1 48  ? 7.686   -15.066 -2.462  1.00 57.10 ? 461 HIS A NE2 1 
ATOM   353  N  N   . SER A 1 49  ? 4.600   -11.149 0.741   1.00 43.63 ? 462 SER A N   1 
ATOM   354  C  CA  . SER A 1 49  ? 3.763   -11.702 1.796   1.00 44.69 ? 462 SER A CA  1 
ATOM   355  C  C   . SER A 1 49  ? 2.276   -11.437 1.577   1.00 42.86 ? 462 SER A C   1 
ATOM   356  O  O   . SER A 1 49  ? 1.468   -11.781 2.446   1.00 42.86 ? 462 SER A O   1 
ATOM   357  C  CB  . SER A 1 49  ? 4.197   -11.143 3.155   1.00 40.57 ? 462 SER A CB  1 
ATOM   358  O  OG  . SER A 1 49  ? 4.266   -9.728  3.121   1.00 37.38 ? 462 SER A OG  1 
ATOM   359  N  N   . ASP A 1 50  ? 1.906   -10.852 0.441   1.00 42.86 ? 463 ASP A N   1 
ATOM   360  C  CA  . ASP A 1 50  ? 0.517   -10.537 0.111   1.00 43.76 ? 463 ASP A CA  1 
ATOM   361  C  C   . ASP A 1 50  ? -0.192  -9.799  1.251   1.00 42.26 ? 463 ASP A C   1 
ATOM   362  O  O   . ASP A 1 50  ? -1.164  -10.307 1.815   1.00 41.12 ? 463 ASP A O   1 
ATOM   363  C  CB  . ASP A 1 50  ? -0.245  -11.796 -0.272  1.00 42.09 ? 463 ASP A CB  1 
ATOM   364  C  CG  . ASP A 1 50  ? 0.229   -12.391 -1.590  1.00 48.00 ? 463 ASP A CG  1 
ATOM   365  O  OD1 . ASP A 1 50  ? 0.569   -11.615 -2.509  1.00 53.10 ? 463 ASP A OD1 1 
ATOM   366  O  OD2 . ASP A 1 50  ? 0.272   -13.636 -1.707  1.00 47.01 ? 463 ASP A OD2 1 
ATOM   367  N  N   . PRO A 1 51  ? 0.262   -8.588  1.599   1.00 35.27 ? 464 PRO A N   1 
ATOM   368  C  CA  . PRO A 1 51  ? -0.350  -7.879  2.730   1.00 37.90 ? 464 PRO A CA  1 
ATOM   369  C  C   . PRO A 1 51  ? -1.691  -7.237  2.415   1.00 40.16 ? 464 PRO A C   1 
ATOM   370  O  O   . PRO A 1 51  ? -2.477  -7.017  3.342   1.00 37.85 ? 464 PRO A O   1 
ATOM   371  C  CB  . PRO A 1 51  ? 0.693   -6.814  3.074   1.00 41.75 ? 464 PRO A CB  1 
ATOM   372  C  CG  . PRO A 1 51  ? 1.336   -6.507  1.758   1.00 38.39 ? 464 PRO A CG  1 
ATOM   373  C  CD  . PRO A 1 51  ? 1.326   -7.793  0.959   1.00 38.86 ? 464 PRO A CD  1 
ATOM   374  N  N   . CYS A 1 52  ? -1.963  -6.908  1.153   1.00 36.31 ? 465 CYS A N   1 
ATOM   375  C  CA  . CYS A 1 52  ? -3.196  -6.222  0.790   1.00 36.62 ? 465 CYS A CA  1 
ATOM   376  C  C   . CYS A 1 52  ? -4.352  -7.211  0.733   1.00 36.82 ? 465 CYS A C   1 
ATOM   377  O  O   . CYS A 1 52  ? -4.237  -8.281  0.128   1.00 39.21 ? 465 CYS A O   1 
ATOM   378  C  CB  . CYS A 1 52  ? -3.028  -5.519  -0.556  1.00 34.20 ? 465 CYS A CB  1 
ATOM   379  S  SG  . CYS A 1 52  ? -1.550  -4.490  -0.636  1.00 37.96 ? 465 CYS A SG  1 
ATOM   380  N  N   . GLN A 1 53  ? -5.465  -6.850  1.365   1.00 37.65 ? 466 GLN A N   1 
ATOM   381  C  CA  . GLN A 1 53  ? -6.634  -7.712  1.456   1.00 31.05 ? 466 GLN A CA  1 
ATOM   382  C  C   . GLN A 1 53  ? -7.704  -7.271  0.463   1.00 32.40 ? 466 GLN A C   1 
ATOM   383  O  O   . GLN A 1 53  ? -7.588  -6.242  -0.205  1.00 25.22 ? 466 GLN A O   1 
ATOM   384  C  CB  . GLN A 1 53  ? -7.198  -7.705  2.880   1.00 32.21 ? 466 GLN A CB  1 
ATOM   385  C  CG  . GLN A 1 53  ? -6.170  -7.995  3.963   1.00 36.70 ? 466 GLN A CG  1 
ATOM   386  C  CD  . GLN A 1 53  ? -6.758  -7.927  5.357   1.00 40.17 ? 466 GLN A CD  1 
ATOM   387  O  OE1 . GLN A 1 53  ? -7.961  -8.107  5.545   1.00 39.54 ? 466 GLN A OE1 1 
ATOM   388  N  NE2 . GLN A 1 53  ? -5.913  -7.653  6.347   1.00 37.02 ? 466 GLN A NE2 1 
ATOM   389  N  N   . ASN A 1 54  ? -8.759  -8.086  0.367   1.00 30.42 ? 467 ASN A N   1 
ATOM   390  C  CA  . ASN A 1 54  ? -9.953  -7.743  -0.407  1.00 31.88 ? 467 ASN A CA  1 
ATOM   391  C  C   . ASN A 1 54  ? -9.625  -7.476  -1.873  1.00 27.87 ? 467 ASN A C   1 
ATOM   392  O  O   . ASN A 1 54  ? -10.117 -6.515  -2.472  1.00 26.67 ? 467 ASN A O   1 
ATOM   393  C  CB  . ASN A 1 54  ? -10.680 -6.551  0.218   1.00 32.39 ? 467 ASN A CB  1 
ATOM   394  C  CG  . ASN A 1 54  ? -11.254 -6.876  1.581   1.00 34.30 ? 467 ASN A CG  1 
ATOM   395  O  OD1 . ASN A 1 54  ? -11.868 -7.929  1.772   1.00 31.86 ? 467 ASN A OD1 1 
ATOM   396  N  ND2 . ASN A 1 54  ? -11.053 -5.980  2.540   1.00 29.18 ? 467 ASN A ND2 1 
ATOM   397  N  N   . ASP A 1 55  ? -8.780  -8.332  -2.451  1.00 30.42 ? 468 ASP A N   1 
ATOM   398  C  CA  . ASP A 1 55  ? -8.394  -8.292  -3.864  1.00 34.02 ? 468 ASP A CA  1 
ATOM   399  C  C   . ASP A 1 55  ? -7.709  -6.983  -4.253  1.00 34.38 ? 468 ASP A C   1 
ATOM   400  O  O   . ASP A 1 55  ? -7.700  -6.607  -5.432  1.00 34.09 ? 468 ASP A O   1 
ATOM   401  C  CB  . ASP A 1 55  ? -9.600  -8.556  -4.775  1.00 30.82 ? 468 ASP A CB  1 
ATOM   402  C  CG  . ASP A 1 55  ? -10.137 -9.967  -4.632  1.00 34.97 ? 468 ASP A CG  1 
ATOM   403  O  OD1 . ASP A 1 55  ? -9.319  -10.897 -4.473  1.00 40.38 ? 468 ASP A OD1 1 
ATOM   404  O  OD2 . ASP A 1 55  ? -11.373 -10.149 -4.664  1.00 34.96 ? 468 ASP A OD2 1 
ATOM   405  N  N   . ALA A 1 56  ? -7.137  -6.275  -3.285  1.00 28.98 ? 469 ALA A N   1 
ATOM   406  C  CA  . ALA A 1 56  ? -6.347  -5.098  -3.601  1.00 30.57 ? 469 ALA A CA  1 
ATOM   407  C  C   . ALA A 1 56  ? -5.056  -5.505  -4.305  1.00 33.50 ? 469 ALA A C   1 
ATOM   408  O  O   . ALA A 1 56  ? -4.645  -6.668  -4.282  1.00 32.71 ? 469 ALA A O   1 
ATOM   409  C  CB  . ALA A 1 56  ? -6.023  -4.309  -2.334  1.00 28.50 ? 469 ALA A CB  1 
ATOM   410  N  N   . THR A 1 57  ? -4.410  -4.528  -4.933  1.00 33.15 ? 470 THR A N   1 
ATOM   411  C  CA  . THR A 1 57  ? -3.145  -4.743  -5.622  1.00 32.39 ? 470 THR A CA  1 
ATOM   412  C  C   . THR A 1 57  ? -2.011  -4.165  -4.790  1.00 34.02 ? 470 THR A C   1 
ATOM   413  O  O   . THR A 1 57  ? -2.057  -2.996  -4.395  1.00 36.22 ? 470 THR A O   1 
ATOM   414  C  CB  . THR A 1 57  ? -3.161  -4.108  -7.012  1.00 37.32 ? 470 THR A CB  1 
ATOM   415  O  OG1 . THR A 1 57  ? -4.075  -4.830  -7.849  1.00 35.46 ? 470 THR A OG1 1 
ATOM   416  C  CG2 . THR A 1 57  ? -1.762  -4.131  -7.631  1.00 36.29 ? 470 THR A CG2 1 
ATOM   417  N  N   . CYS A 1 58  ? -0.998  -4.984  -4.523  1.00 35.71 ? 471 CYS A N   1 
ATOM   418  C  CA  . CYS A 1 58  ? 0.158   -4.545  -3.756  1.00 34.92 ? 471 CYS A CA  1 
ATOM   419  C  C   . CYS A 1 58  ? 1.207   -3.970  -4.695  1.00 35.66 ? 471 CYS A C   1 
ATOM   420  O  O   . CYS A 1 58  ? 1.602   -4.617  -5.670  1.00 37.32 ? 471 CYS A O   1 
ATOM   421  C  CB  . CYS A 1 58  ? 0.747   -5.704  -2.952  1.00 36.35 ? 471 CYS A CB  1 
ATOM   422  S  SG  . CYS A 1 58  ? 1.979   -5.206  -1.735  1.00 36.78 ? 471 CYS A SG  1 
ATOM   423  N  N   . LEU A 1 59  ? 1.655   -2.756  -4.401  1.00 38.70 ? 472 LEU A N   1 
ATOM   424  C  CA  . LEU A 1 59  ? 2.745   -2.129  -5.133  1.00 33.84 ? 472 LEU A CA  1 
ATOM   425  C  C   . LEU A 1 59  ? 3.979   -2.070  -4.249  1.00 36.29 ? 472 LEU A C   1 
ATOM   426  O  O   . LEU A 1 59  ? 3.922   -1.550  -3.130  1.00 34.62 ? 472 LEU A O   1 
ATOM   427  C  CB  . LEU A 1 59  ? 2.363   -0.728  -5.614  1.00 36.03 ? 472 LEU A CB  1 
ATOM   428  C  CG  . LEU A 1 59  ? 1.496   -0.654  -6.867  1.00 41.39 ? 472 LEU A CG  1 
ATOM   429  C  CD1 . LEU A 1 59  ? 0.854   0.711   -6.932  1.00 45.45 ? 472 LEU A CD1 1 
ATOM   430  C  CD2 . LEU A 1 59  ? 2.320   -0.954  -8.125  1.00 47.26 ? 472 LEU A CD2 1 
ATOM   431  N  N   . ASP A 1 60  ? 5.084   -2.601  -4.760  1.00 35.73 ? 473 ASP A N   1 
ATOM   432  C  CA  . ASP A 1 60  ? 6.323   -2.659  -4.002  1.00 33.22 ? 473 ASP A CA  1 
ATOM   433  C  C   . ASP A 1 60  ? 6.967   -1.279  -3.934  1.00 36.52 ? 473 ASP A C   1 
ATOM   434  O  O   . ASP A 1 60  ? 7.131   -0.605  -4.956  1.00 34.58 ? 473 ASP A O   1 
ATOM   435  C  CB  . ASP A 1 60  ? 7.274   -3.665  -4.646  1.00 37.54 ? 473 ASP A CB  1 
ATOM   436  C  CG  . ASP A 1 60  ? 8.585   -3.788  -3.901  1.00 38.23 ? 473 ASP A CG  1 
ATOM   437  O  OD1 . ASP A 1 60  ? 8.586   -3.623  -2.663  1.00 34.37 ? 473 ASP A OD1 1 
ATOM   438  O  OD2 . ASP A 1 60  ? 9.612   -4.055  -4.556  1.00 45.11 ? 473 ASP A OD2 1 
ATOM   439  N  N   . LYS A 1 61  ? 7.323   -0.856  -2.725  1.00 33.39 ? 474 LYS A N   1 
ATOM   440  C  CA  . LYS A 1 61  ? 7.981   0.418   -2.493  1.00 35.28 ? 474 LYS A CA  1 
ATOM   441  C  C   . LYS A 1 61  ? 9.289   0.189   -1.748  1.00 31.64 ? 474 LYS A C   1 
ATOM   442  O  O   . LYS A 1 61  ? 9.571   -0.910  -1.263  1.00 30.76 ? 474 LYS A O   1 
ATOM   443  C  CB  . LYS A 1 61  ? 7.074   1.380   -1.712  1.00 32.61 ? 474 LYS A CB  1 
ATOM   444  C  CG  . LYS A 1 61  ? 5.785   1.762   -2.439  1.00 34.59 ? 474 LYS A CG  1 
ATOM   445  C  CD  . LYS A 1 61  ? 5.164   3.017   -1.839  1.00 31.76 ? 474 LYS A CD  1 
ATOM   446  C  CE  . LYS A 1 61  ? 6.123   4.194   -1.940  1.00 37.20 ? 474 LYS A CE  1 
ATOM   447  N  NZ  . LYS A 1 61  ? 5.534   5.455   -1.410  1.00 38.87 ? 474 LYS A NZ  1 
ATOM   448  N  N   . ILE A 1 62  ? 10.096  1.246   -1.666  1.00 35.01 ? 475 ILE A N   1 
ATOM   449  C  CA  . ILE A 1 62  ? 11.386  1.182   -0.981  1.00 32.52 ? 475 ILE A CA  1 
ATOM   450  C  C   . ILE A 1 62  ? 11.127  0.974   0.506   1.00 28.43 ? 475 ILE A C   1 
ATOM   451  O  O   . ILE A 1 62  ? 10.652  1.882   1.193   1.00 31.61 ? 475 ILE A O   1 
ATOM   452  C  CB  . ILE A 1 62  ? 12.216  2.446   -1.225  1.00 33.55 ? 475 ILE A CB  1 
ATOM   453  C  CG1 . ILE A 1 62  ? 12.601  2.565   -2.699  1.00 36.70 ? 475 ILE A CG1 1 
ATOM   454  C  CG2 . ILE A 1 62  ? 13.465  2.443   -0.350  1.00 38.33 ? 475 ILE A CG2 1 
ATOM   455  C  CD1 . ILE A 1 62  ? 13.425  3.798   -3.004  1.00 36.41 ? 475 ILE A CD1 1 
ATOM   456  N  N   . GLY A 1 63  ? 11.443  -0.214  1.011   1.00 30.65 ? 476 GLY A N   1 
ATOM   457  C  CA  . GLY A 1 63  ? 11.245  -0.482  2.426   1.00 33.49 ? 476 GLY A CA  1 
ATOM   458  C  C   . GLY A 1 63  ? 9.791   -0.474  2.845   1.00 39.39 ? 476 GLY A C   1 
ATOM   459  O  O   . GLY A 1 63  ? 9.459   0.034   3.923   1.00 38.13 ? 476 GLY A O   1 
ATOM   460  N  N   . GLY A 1 64  ? 8.914   -1.023  2.015   1.00 36.26 ? 477 GLY A N   1 
ATOM   461  C  CA  . GLY A 1 64  ? 7.502   -1.053  2.342   1.00 35.39 ? 477 GLY A CA  1 
ATOM   462  C  C   . GLY A 1 64  ? 6.668   -1.324  1.101   1.00 36.85 ? 477 GLY A C   1 
ATOM   463  O  O   . GLY A 1 64  ? 7.173   -1.807  0.090   1.00 34.92 ? 477 GLY A O   1 
ATOM   464  N  N   . PHE A 1 65  ? 5.383   -1.000  1.212   1.00 35.70 ? 478 PHE A N   1 
ATOM   465  C  CA  . PHE A 1 65  ? 4.434   -1.256  0.141   1.00 36.78 ? 478 PHE A CA  1 
ATOM   466  C  C   . PHE A 1 65  ? 3.284   -0.267  0.255   1.00 33.04 ? 478 PHE A C   1 
ATOM   467  O  O   . PHE A 1 65  ? 3.115   0.413   1.269   1.00 31.22 ? 478 PHE A O   1 
ATOM   468  C  CB  . PHE A 1 65  ? 3.904   -2.696  0.191   1.00 33.22 ? 478 PHE A CB  1 
ATOM   469  C  CG  . PHE A 1 65  ? 3.161   -3.017  1.458   1.00 37.11 ? 478 PHE A CG  1 
ATOM   470  C  CD1 . PHE A 1 65  ? 3.834   -3.495  2.569   1.00 37.05 ? 478 PHE A CD1 1 
ATOM   471  C  CD2 . PHE A 1 65  ? 1.790   -2.829  1.543   1.00 34.97 ? 478 PHE A CD2 1 
ATOM   472  C  CE1 . PHE A 1 65  ? 3.152   -3.784  3.739   1.00 43.40 ? 478 PHE A CE1 1 
ATOM   473  C  CE2 . PHE A 1 65  ? 1.106   -3.114  2.712   1.00 38.06 ? 478 PHE A CE2 1 
ATOM   474  C  CZ  . PHE A 1 65  ? 1.785   -3.593  3.809   1.00 40.10 ? 478 PHE A CZ  1 
ATOM   475  N  N   . THR A 1 66  ? 2.490   -0.199  -0.809  1.00 35.42 ? 479 THR A N   1 
ATOM   476  C  CA  . THR A 1 66  ? 1.220   0.506   -0.775  1.00 34.57 ? 479 THR A CA  1 
ATOM   477  C  C   . THR A 1 66  ? 0.176   -0.375  -1.444  1.00 36.95 ? 479 THR A C   1 
ATOM   478  O  O   . THR A 1 66  ? 0.484   -1.109  -2.389  1.00 34.93 ? 479 THR A O   1 
ATOM   479  C  CB  . THR A 1 66  ? 1.310   1.880   -1.462  1.00 41.33 ? 479 THR A CB  1 
ATOM   480  O  OG1 . THR A 1 66  ? 0.061   2.568   -1.327  1.00 49.25 ? 479 THR A OG1 1 
ATOM   481  C  CG2 . THR A 1 66  ? 1.649   1.734   -2.937  1.00 39.33 ? 479 THR A CG2 1 
ATOM   482  N  N   . CYS A 1 67  ? -1.047  -0.324  -0.930  1.00 36.09 ? 480 CYS A N   1 
ATOM   483  C  CA  . CYS A 1 67  ? -2.146  -1.139  -1.424  1.00 36.25 ? 480 CYS A CA  1 
ATOM   484  C  C   . CYS A 1 67  ? -3.102  -0.269  -2.228  1.00 35.25 ? 480 CYS A C   1 
ATOM   485  O  O   . CYS A 1 67  ? -3.527  0.792   -1.760  1.00 36.72 ? 480 CYS A O   1 
ATOM   486  C  CB  . CYS A 1 67  ? -2.891  -1.815  -0.270  1.00 37.49 ? 480 CYS A CB  1 
ATOM   487  S  SG  . CYS A 1 67  ? -1.910  -3.004  0.684   1.00 35.23 ? 480 CYS A SG  1 
ATOM   488  N  N   . LEU A 1 68  ? -3.420  -0.710  -3.443  1.00 34.34 ? 481 LEU A N   1 
ATOM   489  C  CA  . LEU A 1 68  ? -4.453  -0.084  -4.263  1.00 35.80 ? 481 LEU A CA  1 
ATOM   490  C  C   . LEU A 1 68  ? -5.756  -0.815  -4.001  1.00 32.29 ? 481 LEU A C   1 
ATOM   491  O  O   . LEU A 1 68  ? -5.934  -1.943  -4.464  1.00 31.07 ? 481 LEU A O   1 
ATOM   492  C  CB  . LEU A 1 68  ? -4.104  -0.147  -5.747  1.00 37.15 ? 481 LEU A CB  1 
ATOM   493  C  CG  . LEU A 1 68  ? -2.672  0.072   -6.187  1.00 43.77 ? 481 LEU A CG  1 
ATOM   494  C  CD1 . LEU A 1 68  ? -2.570  -0.051  -7.716  1.00 44.60 ? 481 LEU A CD1 1 
ATOM   495  C  CD2 . LEU A 1 68  ? -2.214  1.417   -5.657  1.00 42.15 ? 481 LEU A CD2 1 
ATOM   496  N  N   . CYS A 1 69  ? -6.664  -0.179  -3.273  1.00 34.71 ? 482 CYS A N   1 
ATOM   497  C  CA  . CYS A 1 69  ? -7.888  -0.858  -2.885  1.00 29.71 ? 482 CYS A CA  1 
ATOM   498  C  C   . CYS A 1 69  ? -8.844  -0.987  -4.064  1.00 30.16 ? 482 CYS A C   1 
ATOM   499  O  O   . CYS A 1 69  ? -8.907  -0.124  -4.942  1.00 32.40 ? 482 CYS A O   1 
ATOM   500  C  CB  . CYS A 1 69  ? -8.575  -0.105  -1.749  1.00 32.89 ? 482 CYS A CB  1 
ATOM   501  S  SG  . CYS A 1 69  ? -7.510  0.219   -0.333  1.00 35.04 ? 482 CYS A SG  1 
ATOM   502  N  N   . MET A 1 70  ? -9.588  -2.090  -4.077  1.00 30.18 ? 483 MET A N   1 
ATOM   503  C  CA  . MET A 1 70  ? -10.771 -2.160  -4.913  1.00 30.54 ? 483 MET A CA  1 
ATOM   504  C  C   . MET A 1 70  ? -11.696 -0.997  -4.554  1.00 27.85 ? 483 MET A C   1 
ATOM   505  O  O   . MET A 1 70  ? -11.713 -0.545  -3.404  1.00 26.29 ? 483 MET A O   1 
ATOM   506  C  CB  . MET A 1 70  ? -11.497 -3.491  -4.712  1.00 29.77 ? 483 MET A CB  1 
ATOM   507  C  CG  . MET A 1 70  ? -10.813 -4.694  -5.351  1.00 30.30 ? 483 MET A CG  1 
ATOM   508  S  SD  . MET A 1 70  ? -10.955 -4.686  -7.146  1.00 40.74 ? 483 MET A SD  1 
ATOM   509  C  CE  . MET A 1 70  ? -12.736 -4.659  -7.312  1.00 33.98 ? 483 MET A CE  1 
ATOM   510  N  N   . PRO A 1 71  ? -12.458 -0.485  -5.516  1.00 27.84 ? 484 PRO A N   1 
ATOM   511  C  CA  . PRO A 1 71  ? -13.387 0.611   -5.215  1.00 29.06 ? 484 PRO A CA  1 
ATOM   512  C  C   . PRO A 1 71  ? -14.306 0.256   -4.056  1.00 29.19 ? 484 PRO A C   1 
ATOM   513  O  O   . PRO A 1 71  ? -14.889 -0.829  -4.010  1.00 26.19 ? 484 PRO A O   1 
ATOM   514  C  CB  . PRO A 1 71  ? -14.165 0.777   -6.526  1.00 31.56 ? 484 PRO A CB  1 
ATOM   515  C  CG  . PRO A 1 71  ? -13.235 0.267   -7.575  1.00 32.23 ? 484 PRO A CG  1 
ATOM   516  C  CD  . PRO A 1 71  ? -12.508 -0.877  -6.935  1.00 30.31 ? 484 PRO A CD  1 
ATOM   517  N  N   . GLY A 1 72  ? -14.419 1.176   -3.103  1.00 26.19 ? 485 GLY A N   1 
ATOM   518  C  CA  . GLY A 1 72  ? -15.241 0.969   -1.930  1.00 28.29 ? 485 GLY A CA  1 
ATOM   519  C  C   . GLY A 1 72  ? -14.509 0.454   -0.710  1.00 27.02 ? 485 GLY A C   1 
ATOM   520  O  O   . GLY A 1 72  ? -15.142 0.276   0.337   1.00 25.01 ? 485 GLY A O   1 
ATOM   521  N  N   . PHE A 1 73  ? -13.204 0.207   -0.802  1.00 27.87 ? 486 PHE A N   1 
ATOM   522  C  CA  . PHE A 1 73  ? -12.424 -0.261  0.335   1.00 23.75 ? 486 PHE A CA  1 
ATOM   523  C  C   . PHE A 1 73  ? -11.361 0.770   0.689   1.00 27.97 ? 486 PHE A C   1 
ATOM   524  O  O   . PHE A 1 73  ? -11.015 1.639   -0.118  1.00 28.26 ? 486 PHE A O   1 
ATOM   525  C  CB  . PHE A 1 73  ? -11.785 -1.627  0.049   1.00 24.14 ? 486 PHE A CB  1 
ATOM   526  C  CG  . PHE A 1 73  ? -12.778 -2.757  -0.006  1.00 28.13 ? 486 PHE A CG  1 
ATOM   527  C  CD1 . PHE A 1 73  ? -13.442 -3.060  -1.188  1.00 27.81 ? 486 PHE A CD1 1 
ATOM   528  C  CD2 . PHE A 1 73  ? -13.061 -3.505  1.125   1.00 28.53 ? 486 PHE A CD2 1 
ATOM   529  C  CE1 . PHE A 1 73  ? -14.370 -4.092  -1.240  1.00 27.23 ? 486 PHE A CE1 1 
ATOM   530  C  CE2 . PHE A 1 73  ? -13.985 -4.538  1.082   1.00 31.45 ? 486 PHE A CE2 1 
ATOM   531  C  CZ  . PHE A 1 73  ? -14.639 -4.833  -0.102  1.00 29.10 ? 486 PHE A CZ  1 
ATOM   532  N  N   . LYS A 1 74  ? -10.851 0.670   1.916   1.00 31.26 ? 487 LYS A N   1 
ATOM   533  C  CA  . LYS A 1 74  ? -9.912  1.652   2.442   1.00 27.16 ? 487 LYS A CA  1 
ATOM   534  C  C   . LYS A 1 74  ? -9.055  1.009   3.523   1.00 33.10 ? 487 LYS A C   1 
ATOM   535  O  O   . LYS A 1 74  ? -9.314  -0.109  3.974   1.00 31.52 ? 487 LYS A O   1 
ATOM   536  C  CB  . LYS A 1 74  ? -10.642 2.876   3.007   1.00 28.22 ? 487 LYS A CB  1 
ATOM   537  C  CG  . LYS A 1 74  ? -11.481 2.565   4.236   1.00 34.66 ? 487 LYS A CG  1 
ATOM   538  C  CD  . LYS A 1 74  ? -12.210 3.796   4.757   1.00 34.64 ? 487 LYS A CD  1 
ATOM   539  C  CE  . LYS A 1 74  ? -13.022 3.451   5.994   1.00 35.16 ? 487 LYS A CE  1 
ATOM   540  N  NZ  . LYS A 1 74  ? -13.730 4.635   6.564   1.00 40.99 ? 487 LYS A NZ  1 
ATOM   541  N  N   . GLY A 1 75  ? -8.038  1.743   3.948   1.00 35.04 ? 488 GLY A N   1 
ATOM   542  C  CA  . GLY A 1 75  ? -7.131  1.293   4.985   1.00 37.77 ? 488 GLY A CA  1 
ATOM   543  C  C   . GLY A 1 75  ? -5.778  0.898   4.418   1.00 37.07 ? 488 GLY A C   1 
ATOM   544  O  O   . GLY A 1 75  ? -5.579  0.781   3.208   1.00 36.68 ? 488 GLY A O   1 
ATOM   545  N  N   . VAL A 1 76  ? -4.834  0.689   5.341   1.00 42.78 ? 489 VAL A N   1 
ATOM   546  C  CA  . VAL A 1 76  ? -3.465  0.355   4.951   1.00 39.42 ? 489 VAL A CA  1 
ATOM   547  C  C   . VAL A 1 76  ? -3.442  -0.931  4.133   1.00 40.74 ? 489 VAL A C   1 
ATOM   548  O  O   . VAL A 1 76  ? -2.785  -1.013  3.089   1.00 39.36 ? 489 VAL A O   1 
ATOM   549  C  CB  . VAL A 1 76  ? -2.562  0.245   6.193   1.00 43.91 ? 489 VAL A CB  1 
ATOM   550  C  CG1 . VAL A 1 76  ? -1.165  -0.203  5.794   1.00 44.84 ? 489 VAL A CG1 1 
ATOM   551  C  CG2 . VAL A 1 76  ? -2.504  1.572   6.927   1.00 43.91 ? 489 VAL A CG2 1 
ATOM   552  N  N   . HIS A 1 77  ? -4.160  -1.953  4.597   1.00 35.91 ? 490 HIS A N   1 
ATOM   553  C  CA  . HIS A 1 77  ? -4.264  -3.224  3.895   1.00 34.86 ? 490 HIS A CA  1 
ATOM   554  C  C   . HIS A 1 77  ? -5.581  -3.358  3.139   1.00 34.75 ? 490 HIS A C   1 
ATOM   555  O  O   . HIS A 1 77  ? -5.946  -4.466  2.734   1.00 31.64 ? 490 HIS A O   1 
ATOM   556  C  CB  . HIS A 1 77  ? -4.099  -4.384  4.878   1.00 37.33 ? 490 HIS A CB  1 
ATOM   557  C  CG  . HIS A 1 77  ? -2.805  -4.359  5.633   1.00 42.72 ? 490 HIS A CG  1 
ATOM   558  N  ND1 . HIS A 1 77  ? -1.748  -5.189  5.326   1.00 45.26 ? 490 HIS A ND1 1 
ATOM   559  C  CD2 . HIS A 1 77  ? -2.398  -3.605  6.682   1.00 46.08 ? 490 HIS A CD2 1 
ATOM   560  C  CE1 . HIS A 1 77  ? -0.745  -4.945  6.151   1.00 46.00 ? 490 HIS A CE1 1 
ATOM   561  N  NE2 . HIS A 1 77  ? -1.113  -3.988  6.983   1.00 47.62 ? 490 HIS A NE2 1 
ATOM   562  N  N   . CYS A 1 78  ? -6.296  -2.248  2.945   1.00 32.58 ? 491 CYS A N   1 
ATOM   563  C  CA  . CYS A 1 78  ? -7.608  -2.256  2.297   1.00 35.18 ? 491 CYS A CA  1 
ATOM   564  C  C   . CYS A 1 78  ? -8.564  -3.217  3.003   1.00 30.61 ? 491 CYS A C   1 
ATOM   565  O  O   . CYS A 1 78  ? -9.401  -3.874  2.376   1.00 30.80 ? 491 CYS A O   1 
ATOM   566  C  CB  . CYS A 1 78  ? -7.483  -2.593  0.809   1.00 31.76 ? 491 CYS A CB  1 
ATOM   567  S  SG  . CYS A 1 78  ? -6.403  -1.476  -0.122  1.00 31.99 ? 491 CYS A SG  1 
ATOM   568  N  N   . GLU A 1 79  ? -8.439  -3.293  4.328   1.00 29.12 ? 492 GLU A N   1 
ATOM   569  C  CA  . GLU A 1 79  ? -9.201  -4.233  5.139   1.00 34.60 ? 492 GLU A CA  1 
ATOM   570  C  C   . GLU A 1 79  ? -10.526 -3.666  5.630   1.00 34.00 ? 492 GLU A C   1 
ATOM   571  O  O   . GLU A 1 79  ? -11.306 -4.403  6.244   1.00 33.48 ? 492 GLU A O   1 
ATOM   572  C  CB  . GLU A 1 79  ? -8.365  -4.695  6.342   1.00 34.55 ? 492 GLU A CB  1 
ATOM   573  C  CG  . GLU A 1 79  ? -8.242  -3.677  7.477   1.00 35.19 ? 492 GLU A CG  1 
ATOM   574  C  CD  . GLU A 1 79  ? -7.264  -2.551  7.182   1.00 38.20 ? 492 GLU A CD  1 
ATOM   575  O  OE1 . GLU A 1 79  ? -6.659  -2.543  6.089   1.00 38.15 ? 492 GLU A OE1 1 
ATOM   576  O  OE2 . GLU A 1 79  ? -7.099  -1.667  8.050   1.00 37.83 ? 492 GLU A OE2 1 
ATOM   577  N  N   . LEU A 1 80  ? -10.800 -2.389  5.380   1.00 30.71 ? 493 LEU A N   1 
ATOM   578  C  CA  . LEU A 1 80  ? -12.038 -1.752  5.798   1.00 30.88 ? 493 LEU A CA  1 
ATOM   579  C  C   . LEU A 1 80  ? -12.902 -1.443  4.581   1.00 29.98 ? 493 LEU A C   1 
ATOM   580  O  O   . LEU A 1 80  ? -12.398 -1.281  3.467   1.00 32.37 ? 493 LEU A O   1 
ATOM   581  C  CB  . LEU A 1 80  ? -11.753 -0.466  6.576   1.00 31.30 ? 493 LEU A CB  1 
ATOM   582  C  CG  . LEU A 1 80  ? -10.713 -0.606  7.687   1.00 34.98 ? 493 LEU A CG  1 
ATOM   583  C  CD1 . LEU A 1 80  ? -10.402 0.746   8.311   1.00 34.34 ? 493 LEU A CD1 1 
ATOM   584  C  CD2 . LEU A 1 80  ? -11.189 -1.596  8.736   1.00 29.39 ? 493 LEU A CD2 1 
ATOM   585  N  N   . GLU A 1 81  ? -14.210 -1.365  4.794   1.00 30.07 ? 494 GLU A N   1 
ATOM   586  C  CA  . GLU A 1 81  ? -15.143 -1.039  3.726   1.00 28.88 ? 494 GLU A CA  1 
ATOM   587  C  C   . GLU A 1 81  ? -15.745 0.332   3.986   1.00 30.77 ? 494 GLU A C   1 
ATOM   588  O  O   . GLU A 1 81  ? -16.257 0.592   5.081   1.00 30.45 ? 494 GLU A O   1 
ATOM   589  C  CB  . GLU A 1 81  ? -16.253 -2.084  3.601   1.00 33.26 ? 494 GLU A CB  1 
ATOM   590  C  CG  . GLU A 1 81  ? -17.172 -1.818  2.412   1.00 29.42 ? 494 GLU A CG  1 
ATOM   591  C  CD  . GLU A 1 81  ? -18.447 -2.629  2.443   1.00 35.53 ? 494 GLU A CD  1 
ATOM   592  O  OE1 . GLU A 1 81  ? -18.422 -3.767  2.960   1.00 34.42 ? 494 GLU A OE1 1 
ATOM   593  O  OE2 . GLU A 1 81  ? -19.479 -2.113  1.954   1.00 32.84 ? 494 GLU A OE2 1 
ATOM   594  N  N   . ILE A 1 82  ? -15.667 1.208   2.982   1.00 28.12 ? 495 ILE A N   1 
ATOM   595  C  CA  . ILE A 1 82  ? -16.309 2.512   3.063   1.00 26.94 ? 495 ILE A CA  1 
ATOM   596  C  C   . ILE A 1 82  ? -17.811 2.335   3.244   1.00 29.67 ? 495 ILE A C   1 
ATOM   597  O  O   . ILE A 1 82  ? -18.427 1.446   2.643   1.00 26.19 ? 495 ILE A O   1 
ATOM   598  C  CB  . ILE A 1 82  ? -15.993 3.323   1.796   1.00 27.31 ? 495 ILE A CB  1 
ATOM   599  C  CG1 . ILE A 1 82  ? -14.479 3.518   1.651   1.00 29.35 ? 495 ILE A CG1 1 
ATOM   600  C  CG2 . ILE A 1 82  ? -16.727 4.653   1.807   1.00 26.32 ? 495 ILE A CG2 1 
ATOM   601  C  CD1 . ILE A 1 82  ? -14.072 4.246   0.389   1.00 29.72 ? 495 ILE A CD1 1 
ATOM   602  N  N   . ASN A 1 83  ? -18.409 3.181   4.084   1.00 27.89 ? 496 ASN A N   1 
ATOM   603  C  CA  . ASN A 1 83  ? -19.857 3.196   4.296   1.00 26.76 ? 496 ASN A CA  1 
ATOM   604  C  C   . ASN A 1 83  ? -20.440 4.343   3.479   1.00 25.96 ? 496 ASN A C   1 
ATOM   605  O  O   . ASN A 1 83  ? -20.468 5.490   3.932   1.00 25.10 ? 496 ASN A O   1 
ATOM   606  C  CB  . ASN A 1 83  ? -20.191 3.340   5.777   1.00 31.62 ? 496 ASN A CB  1 
ATOM   607  C  CG  . ASN A 1 83  ? -21.671 3.131   6.070   1.00 32.41 ? 496 ASN A CG  1 
ATOM   608  O  OD1 . ASN A 1 83  ? -22.517 3.220   5.178   1.00 29.32 ? 496 ASN A OD1 1 
ATOM   609  N  ND2 . ASN A 1 83  ? -21.988 2.852   7.329   1.00 39.70 ? 496 ASN A ND2 1 
ATOM   610  N  N   . GLU A 1 84  ? -20.920 4.028   2.273   1.00 24.37 ? 497 GLU A N   1 
ATOM   611  C  CA  . GLU A 1 84  ? -21.502 5.042   1.402   1.00 23.47 ? 497 GLU A CA  1 
ATOM   612  C  C   . GLU A 1 84  ? -22.813 5.603   1.941   1.00 24.35 ? 497 GLU A C   1 
ATOM   613  O  O   . GLU A 1 84  ? -23.300 6.611   1.417   1.00 25.47 ? 497 GLU A O   1 
ATOM   614  C  CB  . GLU A 1 84  ? -21.715 4.469   -0.002  1.00 25.00 ? 497 GLU A CB  1 
ATOM   615  C  CG  . GLU A 1 84  ? -20.417 4.246   -0.803  1.00 28.66 ? 497 GLU A CG  1 
ATOM   616  C  CD  . GLU A 1 84  ? -19.671 2.985   -0.400  1.00 26.73 ? 497 GLU A CD  1 
ATOM   617  O  OE1 . GLU A 1 84  ? -20.230 2.188   0.383   1.00 25.09 ? 497 GLU A OE1 1 
ATOM   618  O  OE2 . GLU A 1 84  ? -18.525 2.782   -0.866  1.00 27.71 ? 497 GLU A OE2 1 
ATOM   619  N  N   . CYS A 1 85  ? -23.394 4.981   2.963   1.00 24.27 ? 498 CYS A N   1 
ATOM   620  C  CA  . CYS A 1 85  ? -24.574 5.525   3.618   1.00 25.00 ? 498 CYS A CA  1 
ATOM   621  C  C   . CYS A 1 85  ? -24.242 6.626   4.615   1.00 25.43 ? 498 CYS A C   1 
ATOM   622  O  O   . CYS A 1 85  ? -25.164 7.242   5.159   1.00 25.41 ? 498 CYS A O   1 
ATOM   623  C  CB  . CYS A 1 85  ? -25.338 4.408   4.332   1.00 27.11 ? 498 CYS A CB  1 
ATOM   624  S  SG  . CYS A 1 85  ? -26.225 3.291   3.234   1.00 27.77 ? 498 CYS A SG  1 
ATOM   625  N  N   . GLN A 1 86  ? -22.956 6.887   4.866   1.00 27.19 ? 499 GLN A N   1 
ATOM   626  C  CA  . GLN A 1 86  ? -22.591 7.897   5.853   1.00 25.99 ? 499 GLN A CA  1 
ATOM   627  C  C   . GLN A 1 86  ? -23.180 9.260   5.513   1.00 28.86 ? 499 GLN A C   1 
ATOM   628  O  O   . GLN A 1 86  ? -23.559 10.012  6.419   1.00 30.15 ? 499 GLN A O   1 
ATOM   629  C  CB  . GLN A 1 86  ? -21.068 7.992   5.970   1.00 26.92 ? 499 GLN A CB  1 
ATOM   630  C  CG  . GLN A 1 86  ? -20.594 9.002   7.005   1.00 29.13 ? 499 GLN A CG  1 
ATOM   631  C  CD  . GLN A 1 86  ? -19.080 9.115   7.060   1.00 27.65 ? 499 GLN A CD  1 
ATOM   632  O  OE1 . GLN A 1 86  ? -18.411 8.326   7.728   1.00 32.25 ? 499 GLN A OE1 1 
ATOM   633  N  NE2 . GLN A 1 86  ? -18.533 10.091  6.345   1.00 25.66 ? 499 GLN A NE2 1 
ATOM   634  N  N   . SER A 1 87  ? -23.292 9.585   4.226   1.00 26.71 ? 500 SER A N   1 
ATOM   635  C  CA  . SER A 1 87  ? -23.764 10.895  3.790   1.00 29.94 ? 500 SER A CA  1 
ATOM   636  C  C   . SER A 1 87  ? -25.287 11.033  3.786   1.00 28.88 ? 500 SER A C   1 
ATOM   637  O  O   . SER A 1 87  ? -25.789 12.038  3.271   1.00 31.37 ? 500 SER A O   1 
ATOM   638  C  CB  . SER A 1 87  ? -23.226 11.199  2.393   1.00 29.64 ? 500 SER A CB  1 
ATOM   639  O  OG  . SER A 1 87  ? -23.532 10.127  1.518   1.00 27.98 ? 500 SER A OG  1 
ATOM   640  N  N   . ASN A 1 88  ? -26.019 10.074  4.346   1.00 28.40 ? 501 ASN A N   1 
ATOM   641  C  CA  . ASN A 1 88  ? -27.478 10.090  4.363   1.00 29.06 ? 501 ASN A CA  1 
ATOM   642  C  C   . ASN A 1 88  ? -28.080 10.414  2.990   1.00 30.73 ? 501 ASN A C   1 
ATOM   643  O  O   . ASN A 1 88  ? -28.841 11.374  2.854   1.00 32.01 ? 501 ASN A O   1 
ATOM   644  C  CB  . ASN A 1 88  ? -27.995 11.069  5.408   1.00 28.38 ? 501 ASN A CB  1 
ATOM   645  C  CG  . ASN A 1 88  ? -27.686 10.631  6.823   1.00 33.09 ? 501 ASN A CG  1 
ATOM   646  O  OD1 . ASN A 1 88  ? -27.593 9.437   7.110   1.00 33.69 ? 501 ASN A OD1 1 
ATOM   647  N  ND2 . ASN A 1 88  ? -27.522 11.600  7.718   1.00 33.81 ? 501 ASN A ND2 1 
ATOM   648  N  N   . PRO A 1 89  ? -27.763 9.623   1.959   1.00 29.42 ? 502 PRO A N   1 
ATOM   649  C  CA  . PRO A 1 89  ? -28.262 9.968   0.620   1.00 30.89 ? 502 PRO A CA  1 
ATOM   650  C  C   . PRO A 1 89  ? -29.770 9.833   0.477   1.00 28.08 ? 502 PRO A C   1 
ATOM   651  O  O   . PRO A 1 89  ? -30.369 10.589  -0.297  1.00 28.26 ? 502 PRO A O   1 
ATOM   652  C  CB  . PRO A 1 89  ? -27.522 8.982   -0.291  1.00 31.15 ? 502 PRO A CB  1 
ATOM   653  C  CG  . PRO A 1 89  ? -27.275 7.802   0.576   1.00 27.08 ? 502 PRO A CG  1 
ATOM   654  C  CD  . PRO A 1 89  ? -27.005 8.360   1.952   1.00 28.20 ? 502 PRO A CD  1 
ATOM   655  N  N   . CYS A 1 90  ? -30.403 8.902   1.186   1.00 28.03 ? 503 CYS A N   1 
ATOM   656  C  CA  . CYS A 1 90  ? -31.828 8.669   0.989   1.00 30.90 ? 503 CYS A CA  1 
ATOM   657  C  C   . CYS A 1 90  ? -32.649 9.818   1.557   1.00 33.92 ? 503 CYS A C   1 
ATOM   658  O  O   . CYS A 1 90  ? -32.354 10.343  2.635   1.00 34.07 ? 503 CYS A O   1 
ATOM   659  C  CB  . CYS A 1 90  ? -32.259 7.352   1.639   1.00 32.63 ? 503 CYS A CB  1 
ATOM   660  S  SG  . CYS A 1 90  ? -31.214 5.918   1.276   1.00 31.59 ? 503 CYS A SG  1 
ATOM   661  N  N   . VAL A 1 91  ? -33.688 10.209  0.824   1.00 36.47 ? 504 VAL A N   1 
ATOM   662  C  CA  . VAL A 1 91  ? -34.638 11.208  1.303   1.00 39.31 ? 504 VAL A CA  1 
ATOM   663  C  C   . VAL A 1 91  ? -36.011 10.560  1.417   1.00 40.69 ? 504 VAL A C   1 
ATOM   664  O  O   . VAL A 1 91  ? -36.177 9.378   1.092   1.00 37.73 ? 504 VAL A O   1 
ATOM   665  C  CB  . VAL A 1 91  ? -34.680 12.439  0.378   1.00 39.02 ? 504 VAL A CB  1 
ATOM   666  C  CG1 . VAL A 1 91  ? -33.291 13.018  0.211   1.00 39.16 ? 504 VAL A CG1 1 
ATOM   667  C  CG2 . VAL A 1 91  ? -35.289 12.076  -0.969  1.00 37.70 ? 504 VAL A CG2 1 
ATOM   668  N  N   . ASN A 1 92  ? -37.001 11.326  1.883   1.00 43.55 ? 505 ASN A N   1 
ATOM   669  C  CA  . ASN A 1 92  ? -38.368 10.830  2.058   1.00 40.07 ? 505 ASN A CA  1 
ATOM   670  C  C   . ASN A 1 92  ? -38.399 9.586   2.941   1.00 41.67 ? 505 ASN A C   1 
ATOM   671  O  O   . ASN A 1 92  ? -39.161 8.646   2.698   1.00 41.37 ? 505 ASN A O   1 
ATOM   672  C  CB  . ASN A 1 92  ? -39.037 10.563  0.708   1.00 45.78 ? 505 ASN A CB  1 
ATOM   673  C  CG  . ASN A 1 92  ? -39.242 11.829  -0.097  1.00 48.75 ? 505 ASN A CG  1 
ATOM   674  O  OD1 . ASN A 1 92  ? -39.609 12.870  0.450   1.00 50.16 ? 505 ASN A OD1 1 
ATOM   675  N  ND2 . ASN A 1 92  ? -38.995 11.754  -1.398  1.00 50.97 ? 505 ASN A ND2 1 
ATOM   676  N  N   . ASN A 1 93  ? -37.549 9.584   3.973   1.00 40.90 ? 506 ASN A N   1 
ATOM   677  C  CA  . ASN A 1 93  ? -37.486 8.513   4.973   1.00 43.16 ? 506 ASN A CA  1 
ATOM   678  C  C   . ASN A 1 93  ? -37.172 7.160   4.330   1.00 40.05 ? 506 ASN A C   1 
ATOM   679  O  O   . ASN A 1 93  ? -37.662 6.115   4.762   1.00 44.11 ? 506 ASN A O   1 
ATOM   680  C  CB  . ASN A 1 93  ? -38.775 8.448   5.801   1.00 47.92 ? 506 ASN A CB  1 
ATOM   681  C  CG  . ASN A 1 93  ? -38.625 7.592   7.063   1.00 57.34 ? 506 ASN A CG  1 
ATOM   682  O  OD1 . ASN A 1 93  ? -37.522 7.195   7.431   1.00 57.74 ? 506 ASN A OD1 1 
ATOM   683  N  ND2 . ASN A 1 93  ? -39.741 7.311   7.723   1.00 60.41 ? 506 ASN A ND2 1 
ATOM   684  N  N   . GLY A 1 94  ? -36.342 7.170   3.291   1.00 41.55 ? 507 GLY A N   1 
ATOM   685  C  CA  . GLY A 1 94  ? -35.811 5.925   2.773   1.00 38.05 ? 507 GLY A CA  1 
ATOM   686  C  C   . GLY A 1 94  ? -34.683 5.399   3.644   1.00 36.50 ? 507 GLY A C   1 
ATOM   687  O  O   . GLY A 1 94  ? -33.902 6.157   4.219   1.00 40.83 ? 507 GLY A O   1 
ATOM   688  N  N   . GLN A 1 95  ? -34.606 4.074   3.745   1.00 32.82 ? 508 GLN A N   1 
ATOM   689  C  CA  . GLN A 1 95  ? -33.610 3.406   4.574   1.00 33.64 ? 508 GLN A CA  1 
ATOM   690  C  C   . GLN A 1 95  ? -32.407 3.021   3.721   1.00 31.44 ? 508 GLN A C   1 
ATOM   691  O  O   . GLN A 1 95  ? -32.561 2.385   2.674   1.00 29.04 ? 508 GLN A O   1 
ATOM   692  C  CB  . GLN A 1 95  ? -34.208 2.171   5.251   1.00 38.36 ? 508 GLN A CB  1 
ATOM   693  C  CG  . GLN A 1 95  ? -35.420 2.478   6.128   1.00 38.32 ? 508 GLN A CG  1 
ATOM   694  C  CD  . GLN A 1 95  ? -35.096 3.461   7.241   1.00 43.20 ? 508 GLN A CD  1 
ATOM   695  O  OE1 . GLN A 1 95  ? -35.702 4.530   7.337   1.00 46.54 ? 508 GLN A OE1 1 
ATOM   696  N  NE2 . GLN A 1 95  ? -34.138 3.102   8.091   1.00 41.91 ? 508 GLN A NE2 1 
ATOM   697  N  N   . CYS A 1 96  ? -31.214 3.402   4.176   1.00 32.37 ? 509 CYS A N   1 
ATOM   698  C  CA  . CYS A 1 96  ? -29.996 3.227   3.396   1.00 27.43 ? 509 CYS A CA  1 
ATOM   699  C  C   . CYS A 1 96  ? -29.325 1.898   3.722   1.00 27.63 ? 509 CYS A C   1 
ATOM   700  O  O   . CYS A 1 96  ? -29.072 1.588   4.892   1.00 28.64 ? 509 CYS A O   1 
ATOM   701  C  CB  . CYS A 1 96  ? -29.022 4.378   3.657   1.00 29.06 ? 509 CYS A CB  1 
ATOM   702  S  SG  . CYS A 1 96  ? -27.682 4.469   2.460   1.00 27.44 ? 509 CYS A SG  1 
ATOM   703  N  N   . VAL A 1 97  ? -29.023 1.124   2.685   1.00 28.90 ? 510 VAL A N   1 
ATOM   704  C  CA  . VAL A 1 97  ? -28.281 -0.123  2.813   1.00 25.99 ? 510 VAL A CA  1 
ATOM   705  C  C   . VAL A 1 97  ? -26.896 0.099   2.227   1.00 27.86 ? 510 VAL A C   1 
ATOM   706  O  O   . VAL A 1 97  ? -26.767 0.551   1.083   1.00 27.78 ? 510 VAL A O   1 
ATOM   707  C  CB  . VAL A 1 97  ? -28.998 -1.284  2.105   1.00 27.40 ? 510 VAL A CB  1 
ATOM   708  C  CG1 . VAL A 1 97  ? -28.168 -2.557  2.205   1.00 30.74 ? 510 VAL A CG1 1 
ATOM   709  C  CG2 . VAL A 1 97  ? -30.385 -1.492  2.699   1.00 29.65 ? 510 VAL A CG2 1 
ATOM   710  N  N   . ASP A 1 98  ? -25.865 -0.213  3.007   1.00 28.45 ? 511 ASP A N   1 
ATOM   711  C  CA  . ASP A 1 98  ? -24.481 -0.006  2.589   1.00 25.76 ? 511 ASP A CA  1 
ATOM   712  C  C   . ASP A 1 98  ? -24.014 -1.215  1.786   1.00 28.72 ? 511 ASP A C   1 
ATOM   713  O  O   . ASP A 1 98  ? -23.919 -2.324  2.320   1.00 31.89 ? 511 ASP A O   1 
ATOM   714  C  CB  . ASP A 1 98  ? -23.572 0.217   3.792   1.00 27.36 ? 511 ASP A CB  1 
ATOM   715  C  CG  . ASP A 1 98  ? -22.121 0.406   3.392   1.00 29.32 ? 511 ASP A CG  1 
ATOM   716  O  OD1 . ASP A 1 98  ? -21.876 0.967   2.301   1.00 26.52 ? 511 ASP A OD1 1 
ATOM   717  O  OD2 . ASP A 1 98  ? -21.226 -0.005  4.161   1.00 36.91 ? 511 ASP A OD2 1 
ATOM   718  N  N   . LYS A 1 99  ? -23.721 -0.999  0.510   1.00 28.28 ? 512 LYS A N   1 
ATOM   719  C  CA  . LYS A 1 99  ? -23.186 -2.023  -0.375  1.00 29.71 ? 512 LYS A CA  1 
ATOM   720  C  C   . LYS A 1 99  ? -21.714 -1.733  -0.642  1.00 29.40 ? 512 LYS A C   1 
ATOM   721  O  O   . LYS A 1 99  ? -21.135 -0.782  -0.114  1.00 27.63 ? 512 LYS A O   1 
ATOM   722  C  CB  . LYS A 1 99  ? -23.981 -2.073  -1.682  1.00 29.54 ? 512 LYS A CB  1 
ATOM   723  C  CG  . LYS A 1 99  ? -25.468 -2.333  -1.522  1.00 35.25 ? 512 LYS A CG  1 
ATOM   724  C  CD  . LYS A 1 99  ? -25.774 -3.817  -1.480  1.00 35.39 ? 512 LYS A CD  1 
ATOM   725  C  CE  . LYS A 1 99  ? -27.263 -4.069  -1.614  1.00 43.93 ? 512 LYS A CE  1 
ATOM   726  N  NZ  . LYS A 1 99  ? -27.570 -5.520  -1.742  1.00 50.24 ? 512 LYS A NZ  1 
ATOM   727  N  N   . VAL A 1 100 ? -21.099 -2.559  -1.481  1.00 29.65 ? 513 VAL A N   1 
ATOM   728  C  CA  . VAL A 1 100 ? -19.713 -2.324  -1.870  1.00 26.61 ? 513 VAL A CA  1 
ATOM   729  C  C   . VAL A 1 100 ? -19.691 -1.280  -2.978  1.00 26.94 ? 513 VAL A C   1 
ATOM   730  O  O   . VAL A 1 100 ? -20.301 -1.469  -4.036  1.00 27.38 ? 513 VAL A O   1 
ATOM   731  C  CB  . VAL A 1 100 ? -19.030 -3.626  -2.307  1.00 29.14 ? 513 VAL A CB  1 
ATOM   732  C  CG1 . VAL A 1 100 ? -17.742 -3.323  -3.055  1.00 26.01 ? 513 VAL A CG1 1 
ATOM   733  C  CG2 . VAL A 1 100 ? -18.744 -4.492  -1.088  1.00 29.36 ? 513 VAL A CG2 1 
ATOM   734  N  N   . ASN A 1 101 ? -19.013 -0.159  -2.721  1.00 26.70 ? 514 ASN A N   1 
ATOM   735  C  CA  . ASN A 1 101 ? -18.845 0.936   -3.675  1.00 26.40 ? 514 ASN A CA  1 
ATOM   736  C  C   . ASN A 1 101 ? -20.167 1.584   -4.076  1.00 28.97 ? 514 ASN A C   1 
ATOM   737  O  O   . ASN A 1 101 ? -20.229 2.287   -5.090  1.00 29.96 ? 514 ASN A O   1 
ATOM   738  C  CB  . ASN A 1 101 ? -18.098 0.477   -4.934  1.00 28.89 ? 514 ASN A CB  1 
ATOM   739  C  CG  . ASN A 1 101 ? -17.483 1.637   -5.700  1.00 31.80 ? 514 ASN A CG  1 
ATOM   740  O  OD1 . ASN A 1 101 ? -16.979 2.589   -5.103  1.00 33.53 ? 514 ASN A OD1 1 
ATOM   741  N  ND2 . ASN A 1 101 ? -17.537 1.570   -7.023  1.00 34.09 ? 514 ASN A ND2 1 
ATOM   742  N  N   . ARG A 1 102 ? -21.234 1.368   -3.310  1.00 28.03 ? 515 ARG A N   1 
ATOM   743  C  CA  . ARG A 1 102 ? -22.505 2.032   -3.577  1.00 27.65 ? 515 ARG A CA  1 
ATOM   744  C  C   . ARG A 1 102 ? -23.415 1.853   -2.369  1.00 26.47 ? 515 ARG A C   1 
ATOM   745  O  O   . ARG A 1 102 ? -23.119 1.088   -1.446  1.00 25.35 ? 515 ARG A O   1 
ATOM   746  C  CB  . ARG A 1 102 ? -23.175 1.495   -4.846  1.00 25.25 ? 515 ARG A CB  1 
ATOM   747  C  CG  . ARG A 1 102 ? -23.815 0.130   -4.694  1.00 27.59 ? 515 ARG A CG  1 
ATOM   748  C  CD  . ARG A 1 102 ? -24.485 -0.295  -5.994  1.00 28.53 ? 515 ARG A CD  1 
ATOM   749  N  NE  . ARG A 1 102 ? -25.308 -1.489  -5.834  1.00 33.71 ? 515 ARG A NE  1 
ATOM   750  C  CZ  . ARG A 1 102 ? -24.838 -2.730  -5.884  1.00 34.12 ? 515 ARG A CZ  1 
ATOM   751  N  NH1 . ARG A 1 102 ? -23.542 -2.938  -6.070  1.00 32.58 ? 515 ARG A NH1 1 
ATOM   752  N  NH2 . ARG A 1 102 ? -25.659 -3.761  -5.736  1.00 32.44 ? 515 ARG A NH2 1 
ATOM   753  N  N   . PHE A 1 103 ? -24.520 2.588   -2.381  1.00 27.08 ? 516 PHE A N   1 
ATOM   754  C  CA  . PHE A 1 103 ? -25.598 2.433   -1.417  1.00 27.78 ? 516 PHE A CA  1 
ATOM   755  C  C   . PHE A 1 103 ? -26.866 2.001   -2.145  1.00 27.13 ? 516 PHE A C   1 
ATOM   756  O  O   . PHE A 1 103 ? -26.965 2.085   -3.371  1.00 28.55 ? 516 PHE A O   1 
ATOM   757  C  CB  . PHE A 1 103 ? -25.850 3.738   -0.646  1.00 24.33 ? 516 PHE A CB  1 
ATOM   758  C  CG  . PHE A 1 103 ? -26.324 4.875   -1.514  1.00 29.47 ? 516 PHE A CG  1 
ATOM   759  C  CD1 . PHE A 1 103 ? -27.680 5.081   -1.739  1.00 27.80 ? 516 PHE A CD1 1 
ATOM   760  C  CD2 . PHE A 1 103 ? -25.412 5.737   -2.109  1.00 26.28 ? 516 PHE A CD2 1 
ATOM   761  C  CE1 . PHE A 1 103 ? -28.118 6.122   -2.542  1.00 29.44 ? 516 PHE A CE1 1 
ATOM   762  C  CE2 . PHE A 1 103 ? -25.841 6.783   -2.912  1.00 29.99 ? 516 PHE A CE2 1 
ATOM   763  C  CZ  . PHE A 1 103 ? -27.196 6.975   -3.131  1.00 29.56 ? 516 PHE A CZ  1 
ATOM   764  N  N   . GLN A 1 104 ? -27.842 1.538   -1.365  1.00 26.50 ? 517 GLN A N   1 
ATOM   765  C  CA  . GLN A 1 104 ? -29.182 1.230   -1.851  1.00 31.85 ? 517 GLN A CA  1 
ATOM   766  C  C   . GLN A 1 104 ? -30.190 1.828   -0.882  1.00 26.57 ? 517 GLN A C   1 
ATOM   767  O  O   . GLN A 1 104 ? -30.073 1.635   0.332   1.00 29.05 ? 517 GLN A O   1 
ATOM   768  C  CB  . GLN A 1 104 ? -29.403 -0.282  -1.983  1.00 32.11 ? 517 GLN A CB  1 
ATOM   769  C  CG  . GLN A 1 104 ? -30.801 -0.665  -2.453  1.00 36.02 ? 517 GLN A CG  1 
ATOM   770  C  CD  . GLN A 1 104 ? -31.075 -2.155  -2.347  1.00 43.88 ? 517 GLN A CD  1 
ATOM   771  O  OE1 . GLN A 1 104 ? -30.335 -2.891  -1.692  1.00 46.80 ? 517 GLN A OE1 1 
ATOM   772  N  NE2 . GLN A 1 104 ? -32.142 -2.608  -2.998  1.00 44.31 ? 517 GLN A NE2 1 
ATOM   773  N  N   . CYS A 1 105 ? -31.162 2.564   -1.410  1.00 27.52 ? 518 CYS A N   1 
ATOM   774  C  CA  . CYS A 1 105 ? -32.222 3.157   -0.603  1.00 26.97 ? 518 CYS A CA  1 
ATOM   775  C  C   . CYS A 1 105 ? -33.464 2.282   -0.690  1.00 32.24 ? 518 CYS A C   1 
ATOM   776  O  O   . CYS A 1 105 ? -34.039 2.125   -1.770  1.00 34.10 ? 518 CYS A O   1 
ATOM   777  C  CB  . CYS A 1 105 ? -32.543 4.577   -1.066  1.00 28.45 ? 518 CYS A CB  1 
ATOM   778  S  SG  . CYS A 1 105 ? -31.229 5.756   -0.746  1.00 30.07 ? 518 CYS A SG  1 
ATOM   779  N  N   . LEU A 1 106 ? -33.864 1.709   0.440   1.00 30.77 ? 519 LEU A N   1 
ATOM   780  C  CA  . LEU A 1 106 ? -35.144 1.013   0.532   1.00 34.74 ? 519 LEU A CA  1 
ATOM   781  C  C   . LEU A 1 106 ? -36.228 2.065   0.721   1.00 38.74 ? 519 LEU A C   1 
ATOM   782  O  O   . LEU A 1 106 ? -36.302 2.708   1.773   1.00 35.68 ? 519 LEU A O   1 
ATOM   783  C  CB  . LEU A 1 106 ? -35.135 0.013   1.683   1.00 31.07 ? 519 LEU A CB  1 
ATOM   784  C  CG  . LEU A 1 106 ? -34.043 -1.054  1.613   1.00 33.72 ? 519 LEU A CG  1 
ATOM   785  C  CD1 . LEU A 1 106 ? -34.158 -2.017  2.789   1.00 33.94 ? 519 LEU A CD1 1 
ATOM   786  C  CD2 . LEU A 1 106 ? -34.109 -1.800  0.291   1.00 39.55 ? 519 LEU A CD2 1 
ATOM   787  N  N   . CYS A 1 107 ? -37.069 2.256   -0.321  1.00 35.84 ? 520 CYS A N   1 
ATOM   788  C  CA  . CYS A 1 107 ? -38.025 3.348   -0.273  1.00 39.38 ? 520 CYS A CA  1 
ATOM   789  C  C   . CYS A 1 107 ? -39.348 2.887   0.326   1.00 43.47 ? 520 CYS A C   1 
ATOM   790  O  O   . CYS A 1 107 ? -39.762 1.738   0.132   1.00 42.29 ? 520 CYS A O   1 
ATOM   791  C  CB  . CYS A 1 107 ? -38.275 3.907   -1.672  1.00 42.60 ? 520 CYS A CB  1 
ATOM   792  S  SG  . CYS A 1 107 ? -36.808 4.490   -2.537  1.00 43.73 ? 520 CYS A SG  1 
ATOM   793  N  N   . PRO A 1 108 ? -40.024 3.768   1.064   1.00 42.61 ? 521 PRO A N   1 
ATOM   794  C  CA  . PRO A 1 108 ? -41.367 3.443   1.528   1.00 49.52 ? 521 PRO A CA  1 
ATOM   795  C  C   . PRO A 1 108 ? -42.339 3.436   0.363   1.00 50.45 ? 521 PRO A C   1 
ATOM   796  O  O   . PRO A 1 108 ? -42.161 4.182   -0.616  1.00 51.47 ? 521 PRO A O   1 
ATOM   797  C  CB  . PRO A 1 108 ? -41.684 4.577   2.520   1.00 47.70 ? 521 PRO A CB  1 
ATOM   798  C  CG  . PRO A 1 108 ? -40.836 5.716   2.063   1.00 46.27 ? 521 PRO A CG  1 
ATOM   799  C  CD  . PRO A 1 108 ? -39.577 5.096   1.522   1.00 40.70 ? 521 PRO A CD  1 
ATOM   800  N  N   . PRO A 1 109 ? -43.371 2.595   0.411   1.00 53.91 ? 522 PRO A N   1 
ATOM   801  C  CA  . PRO A 1 109 ? -44.325 2.516   -0.705  1.00 53.00 ? 522 PRO A CA  1 
ATOM   802  C  C   . PRO A 1 109 ? -44.874 3.885   -1.086  1.00 53.46 ? 522 PRO A C   1 
ATOM   803  O  O   . PRO A 1 109 ? -45.232 4.694   -0.228  1.00 56.06 ? 522 PRO A O   1 
ATOM   804  C  CB  . PRO A 1 109 ? -45.419 1.595   -0.161  1.00 52.11 ? 522 PRO A CB  1 
ATOM   805  C  CG  . PRO A 1 109 ? -44.700 0.717   0.814   1.00 53.05 ? 522 PRO A CG  1 
ATOM   806  C  CD  . PRO A 1 109 ? -43.655 1.595   1.455   1.00 53.41 ? 522 PRO A CD  1 
ATOM   807  N  N   . GLY A 1 110 ? -44.916 4.145   -2.391  1.00 53.60 ? 523 GLY A N   1 
ATOM   808  C  CA  . GLY A 1 110 ? -45.293 5.441   -2.912  1.00 53.05 ? 523 GLY A CA  1 
ATOM   809  C  C   . GLY A 1 110 ? -44.140 6.302   -3.380  1.00 56.08 ? 523 GLY A C   1 
ATOM   810  O  O   . GLY A 1 110 ? -44.381 7.401   -3.898  1.00 58.49 ? 523 GLY A O   1 
ATOM   811  N  N   . PHE A 1 111 ? -42.898 5.842   -3.220  1.00 54.34 ? 524 PHE A N   1 
ATOM   812  C  CA  . PHE A 1 111 ? -41.715 6.601   -3.601  1.00 50.32 ? 524 PHE A CA  1 
ATOM   813  C  C   . PHE A 1 111 ? -40.776 5.724   -4.415  1.00 48.51 ? 524 PHE A C   1 
ATOM   814  O  O   . PHE A 1 111 ? -40.619 4.533   -4.128  1.00 48.71 ? 524 PHE A O   1 
ATOM   815  C  CB  . PHE A 1 111 ? -40.977 7.140   -2.370  1.00 52.30 ? 524 PHE A CB  1 
ATOM   816  C  CG  . PHE A 1 111 ? -41.687 8.270   -1.681  1.00 53.66 ? 524 PHE A CG  1 
ATOM   817  C  CD1 . PHE A 1 111 ? -42.584 8.022   -0.653  1.00 53.66 ? 524 PHE A CD1 1 
ATOM   818  C  CD2 . PHE A 1 111 ? -41.447 9.583   -2.056  1.00 53.21 ? 524 PHE A CD2 1 
ATOM   819  C  CE1 . PHE A 1 111 ? -43.235 9.065   -0.014  1.00 52.55 ? 524 PHE A CE1 1 
ATOM   820  C  CE2 . PHE A 1 111 ? -42.094 10.631  -1.422  1.00 55.55 ? 524 PHE A CE2 1 
ATOM   821  C  CZ  . PHE A 1 111 ? -42.988 10.372  -0.400  1.00 57.39 ? 524 PHE A CZ  1 
ATOM   822  N  N   . THR A 1 112 ? -40.148 6.320   -5.429  1.00 49.50 ? 525 THR A N   1 
ATOM   823  C  CA  . THR A 1 112 ? -39.178 5.630   -6.269  1.00 49.88 ? 525 THR A CA  1 
ATOM   824  C  C   . THR A 1 112 ? -37.976 6.543   -6.483  1.00 47.47 ? 525 THR A C   1 
ATOM   825  O  O   . THR A 1 112 ? -37.940 7.686   -6.017  1.00 47.35 ? 525 THR A O   1 
ATOM   826  C  CB  . THR A 1 112 ? -39.788 5.215   -7.615  1.00 44.67 ? 525 THR A CB  1 
ATOM   827  O  OG1 . THR A 1 112 ? -40.359 6.363   -8.255  1.00 49.04 ? 525 THR A OG1 1 
ATOM   828  C  CG2 . THR A 1 112 ? -40.858 4.152   -7.416  1.00 50.19 ? 525 THR A CG2 1 
ATOM   829  N  N   . GLY A 1 113 ? -36.987 6.031   -7.208  1.00 42.50 ? 526 GLY A N   1 
ATOM   830  C  CA  . GLY A 1 113 ? -35.782 6.776   -7.477  1.00 44.00 ? 526 GLY A CA  1 
ATOM   831  C  C   . GLY A 1 113 ? -34.608 6.224   -6.700  1.00 42.02 ? 526 GLY A C   1 
ATOM   832  O  O   . GLY A 1 113 ? -34.770 5.446   -5.755  1.00 44.93 ? 526 GLY A O   1 
ATOM   833  N  N   . PRO A 1 114 ? -33.391 6.611   -7.096  1.00 37.97 ? 527 PRO A N   1 
ATOM   834  C  CA  . PRO A 1 114 ? -32.202 6.102   -6.393  1.00 41.55 ? 527 PRO A CA  1 
ATOM   835  C  C   . PRO A 1 114 ? -32.164 6.477   -4.921  1.00 37.66 ? 527 PRO A C   1 
ATOM   836  O  O   . PRO A 1 114 ? -31.699 5.681   -4.096  1.00 35.84 ? 527 PRO A O   1 
ATOM   837  C  CB  . PRO A 1 114 ? -31.039 6.734   -7.172  1.00 40.84 ? 527 PRO A CB  1 
ATOM   838  C  CG  . PRO A 1 114 ? -31.613 7.061   -8.516  1.00 41.81 ? 527 PRO A CG  1 
ATOM   839  C  CD  . PRO A 1 114 ? -33.036 7.445   -8.256  1.00 39.40 ? 527 PRO A CD  1 
ATOM   840  N  N   . VAL A 1 115 ? -32.642 7.669   -4.564  1.00 37.94 ? 528 VAL A N   1 
ATOM   841  C  CA  . VAL A 1 115 ? -32.671 8.092   -3.168  1.00 37.50 ? 528 VAL A CA  1 
ATOM   842  C  C   . VAL A 1 115 ? -34.102 8.406   -2.752  1.00 38.80 ? 528 VAL A C   1 
ATOM   843  O  O   . VAL A 1 115 ? -34.329 9.190   -1.823  1.00 37.11 ? 528 VAL A O   1 
ATOM   844  C  CB  . VAL A 1 115 ? -31.747 9.301   -2.929  1.00 33.88 ? 528 VAL A CB  1 
ATOM   845  C  CG1 . VAL A 1 115 ? -30.298 8.903   -3.138  1.00 33.29 ? 528 VAL A CG1 1 
ATOM   846  C  CG2 . VAL A 1 115 ? -32.120 10.452  -3.844  1.00 38.10 ? 528 VAL A CG2 1 
ATOM   847  N  N   . CYS A 1 116 ? -35.073 7.790   -3.430  1.00 41.38 ? 529 CYS A N   1 
ATOM   848  C  CA  . CYS A 1 116 ? -36.495 7.957   -3.112  1.00 45.53 ? 529 CYS A CA  1 
ATOM   849  C  C   . CYS A 1 116 ? -36.927 9.418   -3.227  1.00 46.17 ? 529 CYS A C   1 
ATOM   850  O  O   . CYS A 1 116 ? -37.662 9.932   -2.382  1.00 49.90 ? 529 CYS A O   1 
ATOM   851  C  CB  . CYS A 1 116 ? -36.825 7.411   -1.719  1.00 45.92 ? 529 CYS A CB  1 
ATOM   852  S  SG  . CYS A 1 116 ? -36.006 5.863   -1.272  1.00 42.79 ? 529 CYS A SG  1 
ATOM   853  N  N   . GLN A 1 117 ? -36.472 10.095  -4.281  1.00 43.73 ? 530 GLN A N   1 
ATOM   854  C  CA  . GLN A 1 117 ? -36.773 11.511  -4.453  1.00 47.33 ? 530 GLN A CA  1 
ATOM   855  C  C   . GLN A 1 117 ? -38.030 11.768  -5.277  1.00 48.54 ? 530 GLN A C   1 
ATOM   856  O  O   . GLN A 1 117 ? -38.490 12.915  -5.331  1.00 50.68 ? 530 GLN A O   1 
ATOM   857  C  CB  . GLN A 1 117 ? -35.589 12.238  -5.103  1.00 47.37 ? 530 GLN A CB  1 
ATOM   858  C  CG  . GLN A 1 117 ? -35.275 11.794  -6.525  1.00 46.30 ? 530 GLN A CG  1 
ATOM   859  C  CD  . GLN A 1 117 ? -34.271 10.661  -6.580  1.00 40.39 ? 530 GLN A CD  1 
ATOM   860  O  OE1 . GLN A 1 117 ? -34.565 9.533   -6.185  1.00 44.47 ? 530 GLN A OE1 1 
ATOM   861  N  NE2 . GLN A 1 117 ? -33.073 10.959  -7.071  1.00 45.10 ? 530 GLN A NE2 1 
ATOM   862  N  N   . ILE A 1 118 ? -38.599 10.746  -5.908  1.00 48.46 ? 531 ILE A N   1 
ATOM   863  C  CA  . ILE A 1 118 ? -39.772 10.900  -6.763  1.00 52.24 ? 531 ILE A CA  1 
ATOM   864  C  C   . ILE A 1 118 ? -40.995 10.399  -6.008  1.00 53.29 ? 531 ILE A C   1 
ATOM   865  O  O   . ILE A 1 118 ? -41.090 9.209   -5.681  1.00 54.96 ? 531 ILE A O   1 
ATOM   866  C  CB  . ILE A 1 118 ? -39.599 10.147  -8.090  1.00 49.59 ? 531 ILE A CB  1 
ATOM   867  C  CG1 . ILE A 1 118 ? -38.353 10.643  -8.826  1.00 49.98 ? 531 ILE A CG1 1 
ATOM   868  C  CG2 . ILE A 1 118 ? -40.833 10.317  -8.960  1.00 49.46 ? 531 ILE A CG2 1 
ATOM   869  C  CD1 . ILE A 1 118 ? -37.690 9.586   -9.683  1.00 48.57 ? 531 ILE A CD1 1 
ATOM   870  N  N   . ASP A 1 119 ? -41.935 11.302  -5.738  1.00 60.25 ? 532 ASP A N   1 
ATOM   871  C  CA  . ASP A 1 119 ? -43.178 10.949  -5.055  1.00 58.88 ? 532 ASP A CA  1 
ATOM   872  C  C   . ASP A 1 119 ? -44.018 10.029  -5.936  1.00 60.60 ? 532 ASP A C   1 
ATOM   873  O  O   . ASP A 1 119 ? -44.921 10.481  -6.640  1.00 64.42 ? 532 ASP A O   1 
ATOM   874  C  CB  . ASP A 1 119 ? -43.966 12.214  -4.686  1.00 62.18 ? 532 ASP A CB  1 
ATOM   875  C  CG  . ASP A 1 119 ? -45.149 11.930  -3.764  1.00 65.17 ? 532 ASP A CG  1 
ATOM   876  O  OD1 . ASP A 1 119 ? -45.999 11.079  -4.101  1.00 72.49 ? 532 ASP A OD1 1 
ATOM   877  O  OD2 . ASP A 1 119 ? -45.229 12.568  -2.692  1.00 64.32 ? 532 ASP A OD2 1 
HETATM 878  C  C2  . BGC B 2 .   ? 4.612   -7.712  4.432   1.00 44.83 ? 1   BGC B C2  1 
HETATM 879  C  C3  . BGC B 2 .   ? 4.522   -7.112  5.808   1.00 47.45 ? 1   BGC B C3  1 
HETATM 880  C  C4  . BGC B 2 .   ? 3.180   -7.268  6.383   1.00 46.12 ? 1   BGC B C4  1 
HETATM 881  C  C5  . BGC B 2 .   ? 2.723   -8.683  6.394   1.00 46.21 ? 1   BGC B C5  1 
HETATM 882  C  C6  . BGC B 2 .   ? 1.278   -8.748  6.835   1.00 48.22 ? 1   BGC B C6  1 
HETATM 883  C  C1  . BGC B 2 .   ? 4.265   -9.218  4.448   1.00 41.18 ? 1   BGC B C1  1 
HETATM 884  O  O2  . BGC B 2 .   ? 5.935   -7.537  3.953   1.00 43.54 ? 1   BGC B O2  1 
HETATM 885  O  O3  . BGC B 2 .   ? 4.858   -5.698  5.719   1.00 47.36 ? 1   BGC B O3  1 
HETATM 886  O  O4  . BGC B 2 .   ? 3.198   -6.769  7.772   1.00 53.94 ? 1   BGC B O4  1 
HETATM 887  O  O5  . BGC B 2 .   ? 2.839   -9.339  5.058   1.00 47.29 ? 1   BGC B O5  1 
HETATM 888  O  O6  . BGC B 2 .   ? 1.019   -7.659  7.832   1.00 52.53 ? 1   BGC B O6  1 
HETATM 889  C  C1  . XYP B 2 .   ? 5.784   -4.782  6.028   1.00 54.10 ? 2   XYP B C1  1 
HETATM 890  C  C2  . XYP B 2 .   ? 6.615   -3.590  5.588   1.00 55.70 ? 2   XYP B C2  1 
HETATM 891  C  C3  . XYP B 2 .   ? 6.451   -2.413  6.479   1.00 57.95 ? 2   XYP B C3  1 
HETATM 892  C  C4  . XYP B 2 .   ? 5.025   -2.179  6.847   1.00 62.52 ? 2   XYP B C4  1 
HETATM 893  C  C5  . XYP B 2 .   ? 4.415   -3.377  7.568   1.00 56.34 ? 2   XYP B C5  1 
HETATM 894  O  O2  . XYP B 2 .   ? 7.998   -3.978  5.570   1.00 52.07 ? 2   XYP B O2  1 
HETATM 895  O  O3  . XYP B 2 .   ? 6.955   -1.231  5.799   1.00 56.18 ? 2   XYP B O3  1 
HETATM 896  O  O4  . XYP B 2 .   ? 4.947   -1.026  7.695   1.00 70.91 ? 2   XYP B O4  1 
HETATM 897  O  O5  . XYP B 2 .   ? 5.194   -4.621  7.392   1.00 61.23 ? 2   XYP B O5  1 
HETATM 898  C  C1  . FUC C 3 .   ? -4.570  -4.003  -8.896  0.97 36.88 ? 603 FUC A C1  1 
HETATM 899  C  C2  . FUC C 3 .   ? -5.235  -4.897  -9.934  0.97 42.59 ? 603 FUC A C2  1 
HETATM 900  C  C3  . FUC C 3 .   ? -6.529  -5.514  -9.369  0.97 40.01 ? 603 FUC A C3  1 
HETATM 901  C  C4  . FUC C 3 .   ? -7.455  -4.418  -8.825  0.97 39.29 ? 603 FUC A C4  1 
HETATM 902  C  C5  . FUC C 3 .   ? -6.692  -3.556  -7.818  0.97 38.59 ? 603 FUC A C5  1 
HETATM 903  C  C6  . FUC C 3 .   ? -7.474  -2.336  -7.366  0.97 40.95 ? 603 FUC A C6  1 
HETATM 904  O  O2  . FUC C 3 .   ? -4.346  -5.910  -10.393 0.97 43.64 ? 603 FUC A O2  1 
HETATM 905  O  O3  . FUC C 3 .   ? -7.232  -6.205  -10.393 0.97 45.60 ? 603 FUC A O3  1 
HETATM 906  O  O4  . FUC C 3 .   ? -7.916  -3.600  -9.889  0.97 36.42 ? 603 FUC A O4  1 
HETATM 907  O  O5  . FUC C 3 .   ? -5.456  -3.050  -8.376  0.97 40.87 ? 603 FUC A O5  1 
HETATM 908  C  C2  . BGC D 4 .   ? -23.263 9.273   -0.719  1.00 30.59 ? 604 BGC A C2  1 
HETATM 909  C  C3  . BGC D 4 .   ? -23.055 9.685   -2.153  1.00 34.06 ? 604 BGC A C3  1 
HETATM 910  C  C4  . BGC D 4 .   ? -24.131 10.568  -2.620  1.00 33.70 ? 604 BGC A C4  1 
HETATM 911  C  C5  . BGC D 4 .   ? -24.313 11.760  -1.751  1.00 40.22 ? 604 BGC A C5  1 
HETATM 912  C  C6  . BGC D 4 .   ? -25.554 12.507  -2.170  1.00 35.95 ? 604 BGC A C6  1 
HETATM 913  C  C1  . BGC D 4 .   ? -23.291 10.516  0.192   1.00 29.29 ? 604 BGC A C1  1 
HETATM 914  O  O2  . BGC D 4 .   ? -22.198 8.428   -0.304  1.00 27.25 ? 604 BGC A O2  1 
HETATM 915  O  O3  . BGC D 4 .   ? -23.003 8.492   -2.979  1.00 34.81 ? 604 BGC A O3  1 
HETATM 916  O  O4  . BGC D 4 .   ? -23.810 11.049  -3.974  1.00 37.99 ? 604 BGC A O4  1 
HETATM 917  O  O5  . BGC D 4 .   ? -24.454 11.411  -0.310  1.00 36.39 ? 604 BGC A O5  1 
HETATM 918  O  O6  . BGC D 4 .   ? -25.728 13.690  -1.267  1.00 41.89 ? 604 BGC A O6  1 
HETATM 919  CA CA  . CA  E 5 .   ? -19.873 0.222   1.393   1.00 25.92 2 605 CA  A CA  1 
HETATM 920  CA CA  . CA  F 5 .   ? 39.336  -4.478  1.720   1.00 35.23 2 606 CA  A CA  1 
HETATM 921  CA CA  . CA  G 5 .   ? 10.683  -2.870  -2.127  1.00 35.58 2 607 CA  A CA  1 
HETATM 922  O  O   . HOH H 6 .   ? 41.309  -4.586  6.366   1.00 36.39 ? 701 HOH A O   1 
HETATM 923  O  O   . HOH H 6 .   ? -13.090 -9.440  -5.987  1.00 29.96 ? 702 HOH A O   1 
HETATM 924  O  O   . HOH H 6 .   ? 39.857  -5.618  -0.279  1.00 37.53 ? 703 HOH A O   1 
HETATM 925  O  O   . HOH H 6 .   ? -5.705  0.159   7.958   1.00 47.27 ? 704 HOH A O   1 
HETATM 926  O  O   . HOH H 6 .   ? -11.502 -6.672  5.631   1.00 43.08 ? 705 HOH A O   1 
HETATM 927  O  O   . HOH H 6 .   ? 39.252  8.079   -4.716  1.00 46.08 ? 706 HOH A O   1 
HETATM 928  O  O   . HOH H 6 .   ? 26.648  -4.145  -9.035  1.00 43.21 ? 707 HOH A O   1 
HETATM 929  O  O   . HOH H 6 .   ? -37.382 7.624   9.793   1.00 50.65 ? 708 HOH A O   1 
HETATM 930  O  O   . HOH H 6 .   ? -5.572  -9.013  -1.734  1.00 42.15 ? 709 HOH A O   1 
HETATM 931  O  O   . HOH H 6 .   ? -12.626 6.468   7.755   1.00 39.38 ? 710 HOH A O   1 
HETATM 932  O  O   . HOH H 6 .   ? -31.153 3.287   -4.278  1.00 35.82 ? 711 HOH A O   1 
HETATM 933  O  O   . HOH H 6 .   ? 28.136  -6.955  2.164   1.00 39.04 ? 712 HOH A O   1 
HETATM 934  O  O   . HOH H 6 .   ? 11.491  -5.202  -5.689  1.00 40.98 ? 713 HOH A O   1 
HETATM 935  O  O   . HOH H 6 .   ? -25.630 13.829  1.557   1.00 39.30 ? 714 HOH A O   1 
HETATM 936  O  O   . HOH H 6 .   ? -1.742  -14.786 -0.801  1.00 44.72 ? 715 HOH A O   1 
HETATM 937  O  O   . HOH H 6 .   ? 45.559  -8.577  5.348   1.00 41.88 ? 716 HOH A O   1 
HETATM 938  O  O   . HOH H 6 .   ? 16.064  -5.842  -6.644  1.00 45.10 ? 717 HOH A O   1 
HETATM 939  O  O   . HOH H 6 .   ? 38.181  8.786   -2.237  1.00 58.82 ? 718 HOH A O   1 
HETATM 940  O  O   . HOH H 6 .   ? 7.101   7.271   -0.444  1.00 41.01 ? 719 HOH A O   1 
HETATM 941  O  O   . HOH H 6 .   ? 12.313  -2.181  -0.427  1.00 36.89 ? 720 HOH A O   1 
HETATM 942  O  O   . HOH H 6 .   ? 35.547  7.586   -0.476  1.00 57.27 ? 721 HOH A O   1 
HETATM 943  O  O   . HOH H 6 .   ? 44.400  -12.031 4.196   1.00 35.36 ? 722 HOH A O   1 
HETATM 944  O  O   . HOH H 6 .   ? -19.754 8.397   -1.222  1.00 40.32 ? 723 HOH A O   1 
HETATM 945  O  O   . HOH H 6 .   ? 22.774  2.493   -6.141  1.00 34.81 ? 724 HOH A O   1 
HETATM 946  O  O   . HOH H 6 .   ? 10.517  -1.213  -3.865  1.00 39.85 ? 725 HOH A O   1 
HETATM 947  O  O   . HOH H 6 .   ? -17.899 0.309   -0.085  1.00 25.64 ? 726 HOH A O   1 
HETATM 948  O  O   . HOH H 6 .   ? -21.153 -1.049  -6.531  1.00 30.92 ? 727 HOH A O   1 
HETATM 949  O  O   . HOH H 6 .   ? 25.089  -6.603  2.670   1.00 43.28 ? 728 HOH A O   1 
HETATM 950  O  O   . HOH H 6 .   ? -21.629 -3.670  2.622   1.00 34.43 ? 729 HOH A O   1 
HETATM 951  O  O   . HOH H 6 .   ? -34.530 0.478   8.503   1.00 41.97 ? 730 HOH A O   1 
HETATM 952  O  O   . HOH H 6 .   ? -19.640 -6.014  2.128   1.00 43.03 ? 731 HOH A O   1 
HETATM 953  O  O   . HOH H 6 .   ? -22.193 5.930   -3.035  1.00 36.08 ? 732 HOH A O   1 
HETATM 954  O  O   . HOH H 6 .   ? -17.008 4.497   5.963   1.00 36.91 ? 733 HOH A O   1 
HETATM 955  O  O   . HOH H 6 .   ? -22.030 8.732   -5.477  1.00 47.67 ? 734 HOH A O   1 
HETATM 956  O  O   . HOH H 6 .   ? 34.754  6.820   -9.767  1.00 43.08 ? 735 HOH A O   1 
HETATM 957  O  O   . HOH H 6 .   ? -31.483 9.904   5.176   1.00 36.53 ? 736 HOH A O   1 
HETATM 958  O  O   . HOH H 6 .   ? 37.533  2.721   5.320   1.00 49.28 ? 737 HOH A O   1 
HETATM 959  O  O   . HOH H 6 .   ? -27.798 6.965   5.825   1.00 30.11 ? 738 HOH A O   1 
HETATM 960  O  O   . HOH H 6 .   ? -17.422 4.392   -2.790  1.00 31.10 ? 739 HOH A O   1 
HETATM 961  O  O   . HOH H 6 .   ? 25.346  -5.400  8.120   1.00 48.99 ? 740 HOH A O   1 
HETATM 962  O  O   . HOH H 6 .   ? -9.685  -3.876  -1.833  1.00 30.68 ? 741 HOH A O   1 
HETATM 963  O  O   . HOH H 6 .   ? -41.585 2.271   -2.896  1.00 49.15 ? 742 HOH A O   1 
HETATM 964  O  O   . HOH H 6 .   ? 31.074  10.490  -4.517  1.00 52.15 ? 743 HOH A O   1 
HETATM 965  O  O   . HOH H 6 .   ? -29.099 12.674  -1.599  1.00 39.64 ? 744 HOH A O   1 
HETATM 966  O  O   . HOH H 6 .   ? -3.144  -7.885  5.890   1.00 46.97 ? 745 HOH A O   1 
HETATM 967  O  O   . HOH H 6 .   ? -4.937  -9.422  -4.016  1.00 38.60 ? 746 HOH A O   1 
HETATM 968  O  O   . HOH H 6 .   ? 21.368  0.202   1.039   1.00 41.06 ? 747 HOH A O   1 
HETATM 969  O  O   . HOH H 6 .   ? -18.763 -0.350  5.921   1.00 33.98 ? 748 HOH A O   1 
HETATM 970  O  O   . HOH H 6 .   ? -30.403 10.093  -7.103  1.00 44.88 ? 749 HOH A O   1 
HETATM 971  O  O   . HOH H 6 .   ? 4.877   -0.296  4.159   1.00 41.91 ? 750 HOH A O   1 
HETATM 972  O  O   . HOH H 6 .   ? 25.126  4.062   -2.944  1.00 37.99 ? 751 HOH A O   1 
HETATM 973  O  O   . HOH H 6 .   ? -15.331 -2.892  -5.891  1.00 31.18 ? 752 HOH A O   1 
HETATM 974  O  O   . HOH H 6 .   ? 29.539  4.079   2.496   1.00 43.54 ? 753 HOH A O   1 
HETATM 975  O  O   . HOH H 6 .   ? 24.923  2.552   -9.017  1.00 31.75 ? 754 HOH A O   1 
HETATM 976  O  O   . HOH H 6 .   ? 38.350  -11.077 5.849   1.00 32.12 ? 755 HOH A O   1 
HETATM 977  O  O   . HOH H 6 .   ? -14.370 -9.175  1.222   1.00 37.58 ? 756 HOH A O   1 
HETATM 978  O  O   . HOH H 6 .   ? -26.212 -1.276  5.647   1.00 32.75 ? 757 HOH A O   1 
HETATM 979  O  O   . HOH H 6 .   ? 36.561  -5.861  -3.476  1.00 43.01 ? 758 HOH A O   1 
HETATM 980  O  O   . HOH H 6 .   ? 0.013   -11.288 4.879   1.00 49.63 ? 759 HOH A O   1 
HETATM 981  O  O   . HOH H 6 .   ? -27.663 11.156  10.564  1.00 42.01 ? 760 HOH A O   1 
HETATM 982  O  O   . HOH H 6 .   ? -1.163  -7.380  -6.127  1.00 39.97 ? 761 HOH A O   1 
HETATM 983  O  O   . HOH H 6 .   ? 33.520  2.176   7.354   1.00 38.26 ? 762 HOH A O   1 
HETATM 984  O  O   . HOH H 6 .   ? 16.958  4.649   -1.510  1.00 43.60 ? 763 HOH A O   1 
HETATM 985  O  O   . HOH H 6 .   ? -15.884 1.477   7.824   1.00 48.29 ? 764 HOH A O   1 
HETATM 986  O  O   . HOH H 6 .   ? -35.226 11.050  4.939   1.00 44.05 ? 765 HOH A O   1 
HETATM 987  O  O   . HOH H 6 .   ? 23.372  -5.346  5.030   1.00 45.74 ? 766 HOH A O   1 
HETATM 988  O  O   . HOH H 6 .   ? -24.224 8.982   9.120   1.00 34.66 ? 767 HOH A O   1 
HETATM 989  O  O   . HOH H 6 .   ? 17.353  2.206   7.079   1.00 48.00 ? 768 HOH A O   1 
HETATM 990  O  O   . HOH H 6 .   ? 33.629  6.924   -1.586  1.00 52.78 ? 769 HOH A O   1 
HETATM 991  O  O   . HOH H 6 .   ? -10.132 2.572   -4.526  1.00 37.77 ? 770 HOH A O   1 
HETATM 992  O  O   . HOH H 6 .   ? -28.144 -1.887  -4.955  1.00 42.69 ? 771 HOH A O   1 
HETATM 993  O  O   . HOH H 6 .   ? -34.050 9.053   4.980   1.00 43.65 ? 772 HOH A O   1 
HETATM 994  O  O   . HOH H 6 .   ? 35.598  0.920   6.704   1.00 34.92 ? 773 HOH A O   1 
HETATM 995  O  O   . HOH H 6 .   ? 30.488  -9.110  3.820   1.00 48.68 ? 774 HOH A O   1 
HETATM 996  O  O   . HOH H 6 .   ? -1.269  -8.153  -1.512  1.00 40.18 ? 775 HOH A O   1 
HETATM 997  O  O   . HOH H 6 .   ? -15.056 -2.515  7.469   1.00 34.33 ? 776 HOH A O   1 
HETATM 998  O  O   . HOH H 6 .   ? -6.968  -4.800  -13.070 1.00 46.75 ? 777 HOH A O   1 
HETATM 999  O  O   . HOH H 6 .   ? 21.141  -9.152  2.603   1.00 44.86 ? 778 HOH A O   1 
HETATM 1000 O  O   . HOH H 6 .   ? 42.465  -6.622  -0.957  1.00 42.08 ? 779 HOH A O   1 
HETATM 1001 O  O   . HOH H 6 .   ? 14.927  3.032   3.416   1.00 35.62 ? 780 HOH A O   1 
HETATM 1002 O  O   . HOH H 6 .   ? 18.989  4.917   -0.418  1.00 41.89 ? 781 HOH A O   1 
HETATM 1003 O  O   . HOH H 6 .   ? -29.715 7.664   4.018   1.00 26.07 ? 782 HOH A O   1 
HETATM 1004 O  O   . HOH H 6 .   ? -20.408 11.755  4.398   1.00 32.69 ? 783 HOH A O   1 
HETATM 1005 O  O   . HOH H 6 .   ? 12.352  -10.106 -2.496  1.00 41.02 ? 784 HOH A O   1 
HETATM 1006 O  O   . HOH H 6 .   ? -26.755 10.660  -5.168  1.00 40.04 ? 785 HOH A O   1 
HETATM 1007 O  O   . HOH H 6 .   ? 18.144  -3.551  6.167   1.00 43.67 ? 786 HOH A O   1 
HETATM 1008 O  O   . HOH H 6 .   ? 25.050  -7.665  7.632   1.00 48.85 ? 787 HOH A O   1 
HETATM 1009 O  O   . HOH H 6 .   ? 30.515  7.739   -0.844  1.00 51.67 ? 788 HOH A O   1 
HETATM 1010 O  O   . HOH H 6 .   ? -20.396 9.238   2.332   1.00 35.00 ? 789 HOH A O   1 
HETATM 1011 O  O   . HOH H 6 .   ? -15.565 5.744   9.067   1.00 40.58 ? 790 HOH A O   1 
HETATM 1012 O  O   . HOH H 6 .   ? -21.202 1.039   -7.986  1.00 39.39 ? 791 HOH A O   1 
HETATM 1013 O  O   . HOH H 6 .   ? -24.180 8.223   -6.090  1.00 47.85 ? 792 HOH A O   1 
HETATM 1014 O  O   . HOH H 6 .   ? -38.633 2.296   4.186   1.00 44.68 ? 793 HOH A O   1 
HETATM 1015 O  O   . HOH H 6 .   ? -24.256 4.730   -4.997  1.00 38.32 ? 794 HOH A O   1 
HETATM 1016 O  O   . HOH H 6 .   ? -17.455 -1.726  -7.824  1.00 41.97 ? 795 HOH A O   1 
HETATM 1017 O  O   . HOH H 6 .   ? -29.010 -3.899  -4.974  1.00 45.08 ? 796 HOH A O   1 
HETATM 1018 O  O   . HOH H 6 .   ? -31.098 -2.311  -6.304  1.00 44.00 ? 797 HOH A O   1 
HETATM 1019 O  O   . HOH H 6 .   ? -24.010 -2.707  -9.527  1.00 45.41 ? 798 HOH A O   1 
HETATM 1020 O  O   . HOH H 6 .   ? -3.902  -2.152  9.501   1.00 46.05 ? 799 HOH A O   1 
HETATM 1021 O  O   . HOH H 6 .   ? -6.710  -10.110 -6.794  1.00 42.27 ? 800 HOH A O   1 
HETATM 1022 O  O   . HOH H 6 .   ? -21.335 -5.436  4.502   1.00 47.37 ? 801 HOH A O   1 
HETATM 1023 O  O   . HOH H 6 .   ? -31.151 6.695   6.637   1.00 44.10 ? 802 HOH A O   1 
HETATM 1024 O  O   . HOH H 6 .   ? 17.084  -5.173  -8.568  1.00 47.66 ? 803 HOH A O   1 
HETATM 1025 O  O   . HOH H 6 .   ? 9.540   -8.397  3.121   1.00 46.72 ? 804 HOH A O   1 
HETATM 1026 O  O   . HOH H 6 .   ? 23.447  2.111   10.344  1.00 52.93 ? 805 HOH A O   1 
HETATM 1027 O  O   . HOH H 6 .   ? 31.088  -6.522  -2.257  1.00 47.76 ? 806 HOH A O   1 
HETATM 1028 O  O   . HOH H 6 .   ? 23.517  2.789   6.490   1.00 42.82 ? 807 HOH A O   1 
HETATM 1029 O  O   . HOH H 6 .   ? 18.837  -1.046  9.103   1.00 52.76 ? 808 HOH A O   1 
HETATM 1030 O  O   . HOH H 6 .   ? 22.502  1.020   8.044   1.00 48.84 ? 809 HOH A O   1 
HETATM 1031 O  O   . HOH H 6 .   ? -39.051 0.095   3.653   1.00 54.81 ? 810 HOH A O   1 
HETATM 1032 O  O   . HOH H 6 .   ? 47.176  -9.207  2.632   1.00 41.57 ? 811 HOH A O   1 
HETATM 1033 O  O   . HOH H 6 .   ? 20.778  3.747   -7.033  1.00 45.57 ? 812 HOH A O   1 
HETATM 1034 O  O   . HOH H 6 .   ? 30.495  -8.640  -1.797  1.00 47.61 ? 813 HOH A O   1 
HETATM 1035 O  O   . HOH H 6 .   ? -9.668  -9.342  -8.948  1.00 42.58 ? 814 HOH A O   1 
HETATM 1036 O  O   . HOH H 6 .   ? -18.035 7.442   0.435   1.00 34.63 ? 815 HOH A O   1 
HETATM 1037 O  O   . HOH H 6 .   ? -20.049 -7.725  3.703   1.00 49.85 ? 816 HOH A O   1 
HETATM 1038 O  O   . HOH H 6 .   ? 21.374  -0.811  9.972   1.00 46.76 ? 817 HOH A O   1 
HETATM 1039 O  O   . HOH H 6 .   ? -40.652 1.539   4.835   1.00 47.45 ? 818 HOH A O   1 
HETATM 1040 O  O   . HOH H 6 .   ? 24.078  3.796   11.945  1.00 52.50 ? 819 HOH A O   1 
HETATM 1041 O  O   . HOH H 6 .   ? 0.383   -15.632 5.617   1.00 45.76 ? 820 HOH A O   1 
HETATM 1042 O  O   . HOH H 6 .   ? 21.245  1.536   9.909   1.00 52.44 ? 821 HOH A O   1 
# 
